data_8EM6
#
_entry.id   8EM6
#
_cell.length_a   1.00
_cell.length_b   1.00
_cell.length_c   1.00
_cell.angle_alpha   90.00
_cell.angle_beta   90.00
_cell.angle_gamma   90.00
#
_symmetry.space_group_name_H-M   'P 1'
#
_entity_poly.entity_id   1
_entity_poly.type   'polypeptide(L)'
_entity_poly.pdbx_seq_one_letter_code
;MANTDYAGNLTRPHWGGAASDVDIHLEVYQNEVDTRFQYQAMFLGLSSQRSVADRSNTYRIDRLNTSSVKGRTSGVALEP
TPVRNDKMLIVVDTVLYIRNPIDYQDDWTAPDFLTEMGQNNGSEFAEVFDQAHLIQLIKGRSWVAPAHLKPAFSDGIEIE
ATIDSDVTTQAGMEANAIAINQAHKAGIDELIKRKVPLNDMITLVSTEIYSLLLEHPKLFNKDWGDANANGYKERRAVLM
NGIPVVECTEFPDAGTHPLGSAYTVTADDAKCRMVTFSKSRTLVTVEAKPFTSRIWDDEQNFANVLDCYAMYQVGERRPD
TAAVVKFNEAP
;
_entity_poly.pdbx_strand_id   A,B,C,D,E,F,G
#
# COMPACT_ATOMS: atom_id res chain seq x y z
N GLU A 27 22.60 -3.83 48.52
CA GLU A 27 21.35 -3.10 48.57
C GLU A 27 20.73 -2.97 47.18
N VAL A 28 20.89 -1.79 46.57
CA VAL A 28 20.38 -1.56 45.23
C VAL A 28 21.18 -2.30 44.15
N TYR A 29 22.33 -2.88 44.51
CA TYR A 29 23.11 -3.63 43.55
C TYR A 29 22.35 -4.85 43.04
N GLN A 30 21.61 -5.53 43.92
CA GLN A 30 20.86 -6.70 43.52
C GLN A 30 19.80 -6.35 42.48
N ASN A 31 19.10 -5.23 42.68
CA ASN A 31 18.08 -4.82 41.72
C ASN A 31 18.70 -4.52 40.35
N GLU A 32 19.84 -3.85 40.34
CA GLU A 32 20.52 -3.56 39.07
C GLU A 32 20.99 -4.82 38.39
N VAL A 33 21.48 -5.80 39.17
CA VAL A 33 21.99 -7.03 38.58
C VAL A 33 20.90 -7.80 37.85
N ASP A 34 19.68 -7.83 38.41
CA ASP A 34 18.60 -8.56 37.78
C ASP A 34 18.22 -7.96 36.43
N THR A 35 18.18 -6.63 36.35
CA THR A 35 17.69 -5.96 35.13
C THR A 35 18.54 -6.33 33.92
N ARG A 36 19.86 -6.37 34.07
CA ARG A 36 20.71 -6.75 32.96
C ARG A 36 20.48 -8.20 32.54
N PHE A 37 20.13 -9.07 33.49
CA PHE A 37 19.93 -10.48 33.17
C PHE A 37 18.76 -10.66 32.23
N GLN A 38 17.62 -10.04 32.56
CA GLN A 38 16.44 -10.15 31.69
C GLN A 38 16.70 -9.53 30.33
N TYR A 39 17.37 -8.37 30.30
CA TYR A 39 17.57 -7.65 29.05
C TYR A 39 18.52 -8.36 28.10
N GLN A 40 19.38 -9.26 28.60
CA GLN A 40 20.38 -9.91 27.78
C GLN A 40 20.12 -11.40 27.56
N ALA A 41 19.70 -12.14 28.58
CA ALA A 41 19.47 -13.57 28.45
C ALA A 41 18.29 -13.81 27.53
N MET A 42 18.58 -14.25 26.30
CA MET A 42 17.52 -14.47 25.32
C MET A 42 16.70 -15.72 25.61
N PHE A 43 17.23 -16.65 26.40
CA PHE A 43 16.53 -17.90 26.67
C PHE A 43 15.53 -17.80 27.81
N LEU A 44 15.42 -16.63 28.45
CA LEU A 44 14.40 -16.46 29.47
C LEU A 44 12.99 -16.52 28.88
N GLY A 45 12.84 -16.30 27.59
CA GLY A 45 11.56 -16.40 26.92
C GLY A 45 11.48 -17.59 25.99
N LEU A 46 12.65 -18.13 25.61
CA LEU A 46 12.72 -19.28 24.73
C LEU A 46 12.66 -20.61 25.48
N SER A 47 12.23 -20.58 26.75
CA SER A 47 12.13 -21.79 27.54
C SER A 47 11.10 -21.56 28.64
N SER A 48 10.38 -22.62 28.99
CA SER A 48 9.38 -22.53 30.04
C SER A 48 10.05 -22.15 31.36
N GLN A 49 9.48 -21.17 32.04
CA GLN A 49 10.02 -20.66 33.30
C GLN A 49 9.14 -21.15 34.44
N ARG A 50 9.70 -22.05 35.26
CA ARG A 50 8.98 -22.63 36.38
C ARG A 50 9.85 -22.54 37.63
N SER A 51 9.21 -22.49 38.79
CA SER A 51 9.90 -22.32 40.05
C SER A 51 9.49 -23.41 41.03
N VAL A 52 10.41 -23.76 41.91
CA VAL A 52 10.17 -24.76 42.95
C VAL A 52 9.65 -24.04 44.19
N ALA A 53 8.47 -24.45 44.66
CA ALA A 53 7.88 -23.85 45.84
C ALA A 53 8.22 -24.60 47.12
N ASP A 54 8.31 -25.93 47.04
CA ASP A 54 8.60 -26.73 48.22
C ASP A 54 10.07 -26.59 48.60
N ARG A 55 10.38 -27.00 49.84
CA ARG A 55 11.76 -26.98 50.31
C ARG A 55 12.63 -27.95 49.53
N SER A 56 12.07 -29.10 49.13
CA SER A 56 12.82 -30.04 48.32
C SER A 56 13.19 -29.42 46.99
N ASN A 57 14.46 -29.59 46.60
CA ASN A 57 14.99 -28.93 45.40
C ASN A 57 14.88 -29.83 44.18
N THR A 58 13.68 -30.33 43.89
CA THR A 58 13.46 -31.19 42.75
C THR A 58 12.17 -30.78 42.06
N TYR A 59 12.08 -31.06 40.76
CA TYR A 59 10.91 -30.73 39.97
C TYR A 59 10.50 -31.92 39.12
N ARG A 60 9.20 -32.17 39.05
CA ARG A 60 8.62 -33.23 38.23
C ARG A 60 7.88 -32.58 37.07
N ILE A 61 8.26 -32.91 35.85
CA ILE A 61 7.66 -32.33 34.65
C ILE A 61 7.48 -33.42 33.61
N ASP A 62 6.37 -33.35 32.88
CA ASP A 62 6.08 -34.31 31.82
C ASP A 62 6.66 -33.84 30.49
N ARG A 63 7.21 -34.77 29.73
CA ARG A 63 7.83 -34.43 28.45
C ARG A 63 6.80 -33.86 27.49
N LEU A 64 5.80 -34.66 27.12
CA LEU A 64 4.77 -34.22 26.19
C LEU A 64 3.74 -33.39 26.95
N ASN A 65 3.72 -32.08 26.71
CA ASN A 65 2.88 -31.16 27.46
C ASN A 65 1.51 -30.94 26.82
N THR A 66 1.29 -31.41 25.60
CA THR A 66 0.02 -31.16 24.92
C THR A 66 -0.14 -32.18 23.80
N SER A 67 -1.28 -32.85 23.76
CA SER A 67 -1.58 -33.79 22.70
C SER A 67 -2.06 -33.04 21.46
N SER A 68 -2.38 -33.79 20.41
CA SER A 68 -2.92 -33.23 19.18
C SER A 68 -4.44 -33.40 19.18
N VAL A 69 -5.10 -32.56 18.39
CA VAL A 69 -6.56 -32.61 18.27
C VAL A 69 -6.93 -33.75 17.32
N LYS A 70 -7.86 -34.60 17.77
CA LYS A 70 -8.27 -35.77 17.00
C LYS A 70 -9.55 -35.52 16.21
N GLY A 71 -10.63 -35.16 16.90
CA GLY A 71 -11.90 -34.93 16.23
C GLY A 71 -12.74 -36.18 16.14
N ARG A 72 -13.92 -36.16 16.75
CA ARG A 72 -14.82 -37.32 16.74
C ARG A 72 -15.58 -37.36 15.41
N THR A 73 -16.59 -38.22 15.36
CA THR A 73 -17.43 -38.36 14.17
C THR A 73 -18.87 -38.45 14.63
N SER A 74 -19.79 -38.25 13.68
CA SER A 74 -21.22 -38.28 14.01
C SER A 74 -21.63 -39.63 14.58
N GLY A 75 -21.19 -40.72 13.95
CA GLY A 75 -21.55 -42.04 14.41
C GLY A 75 -20.37 -42.94 14.71
N VAL A 76 -19.23 -42.68 14.09
CA VAL A 76 -18.07 -43.53 14.23
C VAL A 76 -17.29 -43.13 15.47
N ALA A 77 -17.10 -44.07 16.40
CA ALA A 77 -16.32 -43.83 17.59
C ALA A 77 -14.83 -44.02 17.30
N LEU A 78 -14.01 -43.61 18.26
CA LEU A 78 -12.56 -43.71 18.14
C LEU A 78 -11.99 -44.46 19.33
N GLU A 79 -10.88 -45.17 19.09
CA GLU A 79 -10.18 -45.90 20.14
C GLU A 79 -8.89 -45.17 20.49
N PRO A 80 -8.83 -44.48 21.62
CA PRO A 80 -7.62 -43.73 21.95
C PRO A 80 -6.45 -44.64 22.26
N THR A 81 -5.25 -44.16 21.94
CA THR A 81 -4.00 -44.85 22.26
C THR A 81 -3.00 -43.89 22.90
N PRO A 82 -3.31 -43.38 24.09
CA PRO A 82 -2.43 -42.38 24.72
C PRO A 82 -1.12 -42.98 25.18
N VAL A 83 -0.02 -42.61 24.51
CA VAL A 83 1.29 -43.11 24.91
C VAL A 83 1.67 -42.51 26.26
N ARG A 84 2.32 -43.33 27.09
CA ARG A 84 2.73 -42.88 28.42
C ARG A 84 3.92 -41.95 28.32
N ASN A 85 3.66 -40.64 28.31
CA ASN A 85 4.73 -39.66 28.25
C ASN A 85 5.63 -39.80 29.47
N ASP A 86 6.95 -39.81 29.22
CA ASP A 86 7.92 -40.02 30.28
C ASP A 86 7.94 -38.78 31.17
N LYS A 87 7.65 -38.97 32.45
CA LYS A 87 7.73 -37.87 33.41
C LYS A 87 9.18 -37.67 33.82
N MET A 88 9.68 -36.45 33.65
CA MET A 88 11.07 -36.13 33.90
C MET A 88 11.24 -35.55 35.30
N LEU A 89 12.25 -36.05 36.02
CA LEU A 89 12.63 -35.52 37.31
C LEU A 89 13.98 -34.81 37.14
N ILE A 90 13.99 -33.50 37.35
CA ILE A 90 15.19 -32.69 37.22
C ILE A 90 15.47 -32.01 38.55
N VAL A 91 16.71 -32.11 39.02
CA VAL A 91 17.12 -31.65 40.33
C VAL A 91 18.25 -30.65 40.18
N VAL A 92 18.19 -29.57 40.95
CA VAL A 92 19.27 -28.59 40.98
C VAL A 92 20.38 -29.12 41.88
N ASP A 93 21.60 -29.15 41.35
CA ASP A 93 22.74 -29.71 42.08
C ASP A 93 23.94 -28.77 42.06
N THR A 94 23.74 -27.49 41.78
CA THR A 94 24.83 -26.53 41.72
C THR A 94 24.32 -25.16 42.12
N VAL A 95 25.13 -24.41 42.84
CA VAL A 95 24.85 -23.04 43.22
C VAL A 95 25.79 -22.15 42.42
N LEU A 96 25.22 -21.32 41.55
CA LEU A 96 26.02 -20.43 40.70
C LEU A 96 26.19 -19.10 41.40
N TYR A 97 27.44 -18.68 41.58
CA TYR A 97 27.74 -17.48 42.35
C TYR A 97 28.81 -16.67 41.63
N ILE A 98 28.86 -15.38 41.96
CA ILE A 98 29.88 -14.46 41.46
C ILE A 98 30.63 -13.91 42.66
N ARG A 99 31.95 -14.07 42.68
CA ARG A 99 32.78 -13.73 43.82
C ARG A 99 33.57 -12.46 43.50
N ASN A 100 33.35 -11.40 44.28
CA ASN A 100 34.09 -10.15 44.13
C ASN A 100 34.83 -9.79 45.42
N PRO A 101 36.15 -9.87 45.43
CA PRO A 101 36.94 -9.44 46.61
C PRO A 101 37.16 -7.93 46.63
N ILE A 102 36.15 -7.21 47.09
CA ILE A 102 36.24 -5.75 47.19
C ILE A 102 37.12 -5.40 48.38
N ASP A 103 38.11 -4.55 48.15
CA ASP A 103 39.09 -4.24 49.17
C ASP A 103 38.51 -3.26 50.20
N TYR A 104 39.27 -3.07 51.28
CA TYR A 104 38.79 -2.24 52.39
C TYR A 104 38.72 -0.77 52.00
N GLN A 105 39.77 -0.27 51.34
CA GLN A 105 39.83 1.16 51.03
C GLN A 105 38.77 1.58 50.02
N ASP A 106 38.45 0.73 49.06
CA ASP A 106 37.45 1.07 48.05
C ASP A 106 36.08 1.26 48.69
N ASP A 107 35.36 2.27 48.22
CA ASP A 107 34.04 2.57 48.77
C ASP A 107 33.05 1.53 48.28
N TRP A 108 32.41 0.83 49.22
CA TRP A 108 31.43 -0.19 48.86
C TRP A 108 30.17 0.42 48.29
N THR A 109 29.66 1.49 48.92
CA THR A 109 28.46 2.18 48.44
C THR A 109 28.85 3.30 47.49
N ALA A 110 29.43 2.90 46.35
CA ALA A 110 29.82 3.84 45.32
C ALA A 110 28.92 3.66 44.10
N PRO A 111 27.96 4.57 43.87
CA PRO A 111 27.04 4.38 42.74
C PRO A 111 27.74 4.29 41.39
N ASP A 112 28.85 5.00 41.20
CA ASP A 112 29.61 4.86 39.97
C ASP A 112 30.32 3.52 39.88
N PHE A 113 30.52 2.84 41.02
CA PHE A 113 31.21 1.55 41.04
C PHE A 113 30.30 0.39 41.42
N LEU A 114 29.27 0.63 42.24
CA LEU A 114 28.35 -0.44 42.61
C LEU A 114 27.62 -1.01 41.41
N THR A 115 27.51 -0.25 40.32
CA THR A 115 26.85 -0.72 39.10
C THR A 115 27.77 -1.70 38.36
N GLU A 116 27.97 -2.86 38.98
CA GLU A 116 28.69 -3.97 38.35
C GLU A 116 27.75 -4.81 37.48
N MET A 117 26.46 -4.49 37.49
CA MET A 117 25.50 -5.18 36.63
C MET A 117 25.91 -5.12 35.16
N GLY A 118 26.48 -3.99 34.72
CA GLY A 118 26.78 -3.85 33.31
C GLY A 118 27.90 -4.76 32.83
N GLN A 119 29.02 -4.80 33.55
CA GLN A 119 30.23 -5.38 32.98
C GLN A 119 30.33 -6.90 33.19
N ASN A 120 30.26 -7.37 34.44
CA ASN A 120 30.62 -8.76 34.67
C ASN A 120 29.71 -9.52 35.62
N ASN A 121 28.52 -9.01 35.94
CA ASN A 121 27.58 -9.80 36.72
C ASN A 121 26.32 -10.13 35.94
N GLY A 122 25.56 -9.13 35.50
CA GLY A 122 24.35 -9.40 34.75
C GLY A 122 24.65 -10.05 33.41
N SER A 123 25.62 -9.48 32.68
CA SER A 123 26.00 -10.07 31.40
C SER A 123 26.58 -11.46 31.58
N GLU A 124 27.44 -11.64 32.60
CA GLU A 124 28.06 -12.94 32.83
C GLU A 124 27.01 -14.00 33.11
N PHE A 125 26.04 -13.68 33.98
CA PHE A 125 24.94 -14.60 34.24
C PHE A 125 24.14 -14.88 32.97
N ALA A 126 23.93 -13.84 32.15
CA ALA A 126 23.18 -14.02 30.91
C ALA A 126 23.86 -15.03 29.99
N GLU A 127 25.16 -14.85 29.74
CA GLU A 127 25.79 -15.80 28.83
C GLU A 127 26.02 -17.17 29.45
N VAL A 128 26.18 -17.29 30.77
CA VAL A 128 26.26 -18.64 31.33
C VAL A 128 24.91 -19.34 31.22
N PHE A 129 23.82 -18.60 31.41
CA PHE A 129 22.48 -19.14 31.21
C PHE A 129 22.29 -19.63 29.78
N ASP A 130 22.64 -18.78 28.81
CA ASP A 130 22.51 -19.16 27.41
C ASP A 130 23.41 -20.35 27.07
N GLN A 131 24.63 -20.35 27.59
CA GLN A 131 25.55 -21.46 27.32
C GLN A 131 25.01 -22.76 27.88
N ALA A 132 24.41 -22.72 29.07
CA ALA A 132 23.80 -23.91 29.63
C ALA A 132 22.68 -24.42 28.75
N HIS A 133 21.82 -23.51 28.27
CA HIS A 133 20.71 -23.94 27.42
C HIS A 133 21.21 -24.55 26.11
N LEU A 134 22.19 -23.93 25.47
CA LEU A 134 22.74 -24.55 24.25
C LEU A 134 23.45 -25.85 24.54
N ILE A 135 24.09 -25.99 25.72
CA ILE A 135 24.73 -27.26 26.05
C ILE A 135 23.67 -28.35 26.17
N GLN A 136 22.56 -28.05 26.82
CA GLN A 136 21.47 -29.04 26.91
C GLN A 136 20.93 -29.37 25.53
N LEU A 137 20.75 -28.37 24.68
CA LEU A 137 20.24 -28.61 23.33
C LEU A 137 21.19 -29.49 22.53
N ILE A 138 22.50 -29.25 22.65
CA ILE A 138 23.47 -30.06 21.90
C ILE A 138 23.54 -31.47 22.45
N LYS A 139 23.53 -31.62 23.78
CA LYS A 139 23.54 -32.96 24.36
C LYS A 139 22.27 -33.73 24.03
N GLY A 140 21.18 -33.03 23.72
CA GLY A 140 19.97 -33.69 23.29
C GLY A 140 19.96 -34.10 21.84
N ARG A 141 21.14 -34.12 21.20
CA ARG A 141 21.24 -34.52 19.80
C ARG A 141 21.42 -36.02 19.60
N SER A 142 21.66 -36.77 20.68
CA SER A 142 21.82 -38.22 20.59
C SER A 142 20.87 -38.96 21.50
N TRP A 143 19.89 -38.28 22.07
CA TRP A 143 18.91 -38.91 22.96
C TRP A 143 18.09 -39.95 22.22
N VAL A 144 18.28 -41.22 22.56
CA VAL A 144 17.53 -42.30 21.94
C VAL A 144 16.24 -42.49 22.73
N ALA A 145 15.11 -42.42 22.03
CA ALA A 145 13.82 -42.55 22.69
C ALA A 145 13.65 -43.97 23.23
N PRO A 146 12.97 -44.12 24.37
CA PRO A 146 12.72 -45.46 24.91
C PRO A 146 11.86 -46.28 23.94
N ALA A 147 12.10 -47.60 23.95
CA ALA A 147 11.38 -48.48 23.04
C ALA A 147 9.88 -48.46 23.30
N HIS A 148 9.48 -48.39 24.57
CA HIS A 148 8.07 -48.37 24.91
C HIS A 148 7.38 -47.07 24.51
N LEU A 149 8.14 -46.04 24.15
CA LEU A 149 7.59 -44.75 23.77
C LEU A 149 7.98 -44.39 22.33
N LYS A 150 8.44 -45.38 21.57
CA LYS A 150 8.88 -45.13 20.19
C LYS A 150 7.82 -44.53 19.27
N PRO A 151 6.55 -44.97 19.28
CA PRO A 151 5.59 -44.43 18.30
C PRO A 151 5.50 -42.90 18.26
N ALA A 152 5.27 -42.25 19.40
CA ALA A 152 5.11 -40.81 19.40
C ALA A 152 6.46 -40.10 19.39
N PHE A 153 7.32 -40.42 20.36
CA PHE A 153 8.61 -39.77 20.48
C PHE A 153 9.57 -40.26 19.39
N SER A 154 10.73 -39.62 19.32
CA SER A 154 11.76 -39.96 18.35
C SER A 154 13.12 -39.61 18.93
N ASP A 155 14.17 -39.87 18.16
CA ASP A 155 15.54 -39.64 18.60
C ASP A 155 15.97 -38.22 18.21
N GLY A 156 17.25 -37.94 18.35
CA GLY A 156 17.80 -36.64 18.00
C GLY A 156 18.02 -36.50 16.51
N ILE A 157 18.52 -35.32 16.14
CA ILE A 157 18.74 -34.96 14.73
C ILE A 157 20.23 -34.82 14.49
N GLU A 158 20.72 -35.45 13.43
CA GLU A 158 22.13 -35.37 13.04
C GLU A 158 22.21 -34.86 11.60
N ILE A 159 22.70 -33.65 11.43
CA ILE A 159 22.94 -33.06 10.12
C ILE A 159 24.41 -32.68 10.04
N GLU A 160 25.10 -33.15 9.01
CA GLU A 160 26.51 -32.86 8.80
C GLU A 160 26.66 -32.02 7.55
N ALA A 161 27.36 -30.89 7.69
CA ALA A 161 27.62 -29.97 6.59
C ALA A 161 29.09 -30.11 6.20
N THR A 162 29.35 -30.97 5.23
CA THR A 162 30.74 -31.19 4.79
C THR A 162 31.33 -29.92 4.20
N ILE A 163 30.56 -29.18 3.41
CA ILE A 163 31.03 -27.96 2.77
C ILE A 163 30.94 -26.80 3.77
N ASP A 164 31.86 -26.80 4.73
CA ASP A 164 31.96 -25.77 5.74
C ASP A 164 33.40 -25.26 5.82
N SER A 165 34.07 -25.15 4.68
CA SER A 165 35.45 -24.70 4.62
C SER A 165 35.50 -23.20 4.84
N ASP A 166 35.74 -22.79 6.09
CA ASP A 166 35.81 -21.36 6.41
C ASP A 166 37.03 -20.70 5.76
N VAL A 167 38.08 -21.47 5.50
CA VAL A 167 39.29 -20.93 4.86
C VAL A 167 39.15 -21.03 3.34
N THR A 168 38.23 -20.21 2.81
CA THR A 168 37.97 -20.19 1.38
C THR A 168 37.59 -18.77 0.98
N THR A 169 37.77 -18.47 -0.30
CA THR A 169 37.46 -17.17 -0.86
C THR A 169 37.25 -17.34 -2.36
N GLN A 170 37.18 -16.21 -3.08
CA GLN A 170 37.00 -16.17 -4.53
C GLN A 170 35.71 -16.90 -4.94
N ALA A 171 34.60 -16.39 -4.43
CA ALA A 171 33.25 -16.89 -4.70
C ALA A 171 33.03 -18.31 -4.19
N GLY A 172 34.02 -18.90 -3.50
CA GLY A 172 33.85 -20.22 -2.95
C GLY A 172 32.98 -20.27 -1.72
N MET A 173 32.77 -19.13 -1.07
CA MET A 173 31.90 -19.08 0.10
C MET A 173 30.44 -19.32 -0.25
N GLU A 174 30.08 -19.21 -1.54
CA GLU A 174 28.72 -19.55 -1.96
C GLU A 174 28.44 -21.02 -1.71
N ALA A 175 29.41 -21.90 -1.99
CA ALA A 175 29.21 -23.32 -1.78
C ALA A 175 28.94 -23.64 -0.32
N ASN A 176 29.68 -22.99 0.60
CA ASN A 176 29.41 -23.17 2.02
C ASN A 176 28.02 -22.65 2.38
N ALA A 177 27.63 -21.51 1.80
CA ALA A 177 26.31 -20.97 2.06
C ALA A 177 25.21 -21.90 1.59
N ILE A 178 25.41 -22.52 0.41
CA ILE A 178 24.44 -23.49 -0.08
C ILE A 178 24.34 -24.68 0.86
N ALA A 179 25.49 -25.14 1.38
CA ALA A 179 25.47 -26.26 2.31
C ALA A 179 24.71 -25.90 3.59
N ILE A 180 24.95 -24.71 4.13
CA ILE A 180 24.22 -24.29 5.33
C ILE A 180 22.72 -24.20 5.03
N ASN A 181 22.37 -23.64 3.88
CA ASN A 181 20.96 -23.49 3.53
C ASN A 181 20.27 -24.84 3.40
N GLN A 182 20.92 -25.80 2.74
CA GLN A 182 20.31 -27.11 2.57
C GLN A 182 20.24 -27.87 3.89
N ALA A 183 21.24 -27.70 4.77
CA ALA A 183 21.17 -28.31 6.08
C ALA A 183 19.99 -27.75 6.87
N HIS A 184 19.80 -26.42 6.84
CA HIS A 184 18.68 -25.81 7.53
C HIS A 184 17.35 -26.29 6.95
N LYS A 185 17.26 -26.39 5.62
CA LYS A 185 16.04 -26.87 4.99
C LYS A 185 15.74 -28.31 5.40
N ALA A 186 16.77 -29.16 5.44
CA ALA A 186 16.58 -30.54 5.85
C ALA A 186 16.09 -30.61 7.30
N GLY A 187 16.68 -29.80 8.18
CA GLY A 187 16.22 -29.76 9.56
C GLY A 187 14.78 -29.30 9.68
N ILE A 188 14.41 -28.27 8.92
CA ILE A 188 13.04 -27.77 8.96
C ILE A 188 12.07 -28.82 8.47
N ASP A 189 12.42 -29.52 7.39
CA ASP A 189 11.56 -30.58 6.88
C ASP A 189 11.43 -31.71 7.90
N GLU A 190 12.52 -32.07 8.56
CA GLU A 190 12.47 -33.15 9.55
C GLU A 190 11.57 -32.77 10.71
N LEU A 191 11.66 -31.54 11.20
CA LEU A 191 10.77 -31.10 12.27
C LEU A 191 9.33 -31.05 11.81
N ILE A 192 9.08 -30.56 10.58
CA ILE A 192 7.73 -30.50 10.06
C ILE A 192 7.12 -31.89 9.99
N LYS A 193 7.93 -32.89 9.61
CA LYS A 193 7.46 -34.26 9.59
C LYS A 193 7.08 -34.76 10.98
N ARG A 194 7.55 -34.11 12.04
CA ARG A 194 7.27 -34.50 13.41
C ARG A 194 6.17 -33.65 14.05
N LYS A 195 5.39 -32.94 13.22
CA LYS A 195 4.20 -32.21 13.67
C LYS A 195 4.56 -31.13 14.70
N VAL A 196 5.40 -30.20 14.28
CA VAL A 196 5.66 -28.99 15.05
C VAL A 196 5.38 -27.79 14.13
N PRO A 197 4.59 -26.82 14.57
CA PRO A 197 4.24 -25.71 13.68
C PRO A 197 5.45 -24.85 13.34
N LEU A 198 5.42 -24.31 12.11
CA LEU A 198 6.48 -23.39 11.69
C LEU A 198 6.41 -22.06 12.42
N ASN A 199 5.29 -21.77 13.08
CA ASN A 199 5.16 -20.52 13.81
C ASN A 199 6.12 -20.47 15.00
N ASP A 200 6.13 -21.51 15.82
CA ASP A 200 6.97 -21.56 17.03
C ASP A 200 8.21 -22.40 16.73
N MET A 201 9.13 -21.81 15.97
CA MET A 201 10.43 -22.41 15.72
C MET A 201 11.48 -21.32 15.64
N ILE A 202 12.67 -21.60 16.19
CA ILE A 202 13.78 -20.65 16.21
C ILE A 202 15.04 -21.39 15.80
N THR A 203 15.90 -20.71 15.04
CA THR A 203 17.20 -21.24 14.66
C THR A 203 18.29 -20.34 15.22
N LEU A 204 19.23 -20.93 15.95
CA LEU A 204 20.36 -20.21 16.52
C LEU A 204 21.65 -20.68 15.87
N VAL A 205 22.52 -19.73 15.54
CA VAL A 205 23.77 -20.02 14.88
C VAL A 205 24.90 -19.30 15.62
N SER A 206 26.11 -19.83 15.44
CA SER A 206 27.29 -19.19 16.02
C SER A 206 27.68 -17.96 15.21
N THR A 207 28.59 -17.17 15.78
CA THR A 207 28.98 -15.91 15.14
C THR A 207 29.63 -16.16 13.77
N GLU A 208 30.53 -17.14 13.69
CA GLU A 208 31.18 -17.42 12.42
C GLU A 208 30.19 -17.95 11.38
N ILE A 209 29.28 -18.84 11.79
CA ILE A 209 28.29 -19.35 10.86
C ILE A 209 27.35 -18.24 10.42
N TYR A 210 26.95 -17.36 11.34
CA TYR A 210 26.09 -16.24 10.98
C TYR A 210 26.80 -15.31 10.00
N SER A 211 28.09 -15.03 10.23
CA SER A 211 28.84 -14.21 9.30
C SER A 211 28.95 -14.87 7.92
N LEU A 212 29.18 -16.18 7.89
CA LEU A 212 29.22 -16.89 6.63
C LEU A 212 27.86 -16.95 5.95
N LEU A 213 26.78 -16.76 6.71
CA LEU A 213 25.43 -16.79 6.17
C LEU A 213 24.92 -15.41 5.75
N LEU A 214 25.72 -14.37 5.90
CA LEU A 214 25.32 -13.03 5.51
C LEU A 214 26.25 -12.38 4.50
N GLU A 215 27.57 -12.54 4.66
CA GLU A 215 28.51 -11.89 3.76
C GLU A 215 28.40 -12.44 2.34
N HIS A 216 28.47 -13.75 2.19
CA HIS A 216 28.41 -14.38 0.88
C HIS A 216 26.99 -14.48 0.34
N PRO A 217 26.02 -15.08 1.07
CA PRO A 217 24.71 -15.32 0.44
C PRO A 217 23.73 -14.17 0.64
N LYS A 218 23.96 -13.08 -0.08
CA LYS A 218 23.00 -11.98 -0.07
C LYS A 218 21.67 -12.40 -0.67
N LEU A 219 21.71 -13.17 -1.76
CA LEU A 219 20.49 -13.58 -2.44
C LEU A 219 19.75 -14.67 -1.68
N PHE A 220 20.48 -15.48 -0.90
CA PHE A 220 19.85 -16.64 -0.26
C PHE A 220 18.78 -16.22 0.74
N ASN A 221 19.12 -15.34 1.68
CA ASN A 221 18.15 -14.93 2.69
C ASN A 221 17.24 -13.82 2.15
N LYS A 222 17.82 -12.64 1.88
CA LYS A 222 17.09 -11.49 1.37
C LYS A 222 18.05 -10.33 1.14
N ASP A 223 17.56 -9.24 0.55
CA ASP A 223 18.39 -8.05 0.37
C ASP A 223 18.81 -7.47 1.71
N TRP A 224 17.89 -7.44 2.68
CA TRP A 224 18.19 -6.97 4.02
C TRP A 224 17.80 -7.97 5.11
N GLY A 225 17.20 -9.10 4.74
CA GLY A 225 16.80 -10.11 5.69
C GLY A 225 15.46 -9.81 6.33
N ASP A 226 15.45 -8.91 7.31
CA ASP A 226 14.24 -8.48 8.01
C ASP A 226 14.61 -7.31 8.89
N ALA A 227 13.63 -6.85 9.68
CA ALA A 227 13.84 -5.74 10.59
C ALA A 227 13.30 -5.99 11.99
N ASN A 228 12.63 -7.12 12.23
CA ASN A 228 12.06 -7.44 13.53
C ASN A 228 13.00 -8.43 14.21
N ALA A 229 13.96 -7.88 14.96
CA ALA A 229 14.95 -8.72 15.64
C ALA A 229 14.32 -9.40 16.86
N ASN A 230 14.54 -10.70 16.98
CA ASN A 230 14.03 -11.44 18.14
C ASN A 230 14.64 -10.92 19.43
N GLY A 231 15.96 -10.82 19.49
CA GLY A 231 16.61 -10.28 20.66
C GLY A 231 16.61 -8.76 20.68
N TYR A 232 16.80 -8.21 21.88
CA TYR A 232 16.86 -6.76 22.02
C TYR A 232 18.11 -6.18 21.36
N LYS A 233 19.18 -6.96 21.28
CA LYS A 233 20.42 -6.51 20.68
C LYS A 233 21.02 -7.52 19.70
N GLU A 234 20.46 -8.72 19.60
CA GLU A 234 21.03 -9.75 18.75
C GLU A 234 20.89 -9.38 17.28
N ARG A 235 21.80 -9.90 16.47
CA ARG A 235 21.73 -9.72 15.01
C ARG A 235 20.71 -10.69 14.42
N ARG A 236 19.47 -10.51 14.86
CA ARG A 236 18.36 -11.37 14.47
C ARG A 236 17.69 -10.80 13.21
N ALA A 237 16.46 -11.24 12.94
CA ALA A 237 15.67 -10.77 11.80
C ALA A 237 16.36 -11.11 10.48
N VAL A 238 16.55 -12.41 10.27
CA VAL A 238 17.03 -12.94 9.00
C VAL A 238 15.93 -13.66 8.24
N LEU A 239 15.25 -14.59 8.90
CA LEU A 239 14.10 -15.32 8.35
C LEU A 239 14.46 -15.96 7.01
N MET A 240 15.49 -16.80 7.04
CA MET A 240 15.98 -17.41 5.81
C MET A 240 15.02 -18.48 5.31
N ASN A 241 14.85 -19.55 6.07
CA ASN A 241 13.88 -20.60 5.72
C ASN A 241 12.60 -20.45 6.55
N GLY A 242 11.92 -19.33 6.34
CA GLY A 242 10.62 -19.10 6.93
C GLY A 242 10.61 -18.82 8.42
N ILE A 243 11.70 -19.06 9.13
CA ILE A 243 11.74 -18.81 10.57
C ILE A 243 12.96 -17.96 10.89
N PRO A 244 12.91 -17.14 11.95
CA PRO A 244 14.04 -16.26 12.25
C PRO A 244 15.31 -17.04 12.57
N VAL A 245 16.44 -16.48 12.15
CA VAL A 245 17.76 -17.03 12.46
C VAL A 245 18.51 -15.97 13.25
N VAL A 246 18.94 -16.34 14.45
CA VAL A 246 19.55 -15.40 15.40
C VAL A 246 21.00 -15.81 15.64
N GLU A 247 21.89 -14.84 15.60
CA GLU A 247 23.30 -15.08 15.90
C GLU A 247 23.49 -15.19 17.41
N CYS A 248 24.16 -16.26 17.84
CA CYS A 248 24.39 -16.53 19.26
C CYS A 248 25.87 -16.32 19.57
N THR A 249 26.17 -15.24 20.28
CA THR A 249 27.54 -15.01 20.72
C THR A 249 27.92 -15.93 21.88
N GLU A 250 26.99 -16.16 22.81
CA GLU A 250 27.24 -17.02 23.97
C GLU A 250 27.20 -18.47 23.51
N PHE A 251 28.30 -18.90 22.92
CA PHE A 251 28.37 -20.25 22.39
C PHE A 251 29.49 -21.03 23.05
N PRO A 252 29.24 -22.29 23.43
CA PRO A 252 30.26 -23.08 24.13
C PRO A 252 31.35 -23.57 23.19
N ASP A 253 32.57 -23.59 23.71
CA ASP A 253 33.74 -24.07 22.98
C ASP A 253 34.54 -25.09 23.76
N ALA A 254 34.63 -24.95 25.07
CA ALA A 254 35.42 -25.84 25.92
C ALA A 254 34.53 -26.52 26.94
N GLY A 255 34.97 -27.68 27.40
CA GLY A 255 34.19 -28.49 28.31
C GLY A 255 34.43 -28.26 29.78
N THR A 256 34.19 -27.04 30.26
CA THR A 256 34.34 -26.70 31.66
C THR A 256 33.18 -25.84 32.13
N HIS A 257 31.96 -26.17 31.73
CA HIS A 257 30.81 -25.38 32.11
C HIS A 257 30.56 -25.51 33.61
N PRO A 258 30.23 -24.41 34.30
CA PRO A 258 30.04 -24.42 35.76
C PRO A 258 28.71 -25.02 36.21
N LEU A 259 28.43 -26.25 35.78
CA LEU A 259 27.26 -26.98 36.24
C LEU A 259 27.53 -28.44 36.55
N GLY A 260 28.73 -28.93 36.33
CA GLY A 260 29.07 -30.32 36.60
C GLY A 260 29.47 -31.06 35.35
N SER A 261 29.68 -32.37 35.51
CA SER A 261 30.10 -33.21 34.40
C SER A 261 29.01 -33.40 33.36
N ALA A 262 27.75 -33.12 33.71
CA ALA A 262 26.66 -33.27 32.75
C ALA A 262 26.75 -32.27 31.61
N TYR A 263 27.35 -31.10 31.83
CA TYR A 263 27.43 -30.05 30.83
C TYR A 263 28.83 -29.93 30.21
N THR A 264 29.71 -30.89 30.48
CA THR A 264 31.03 -30.87 29.86
C THR A 264 30.93 -31.13 28.37
N VAL A 265 31.72 -30.39 27.59
CA VAL A 265 31.68 -30.43 26.14
C VAL A 265 32.79 -31.35 25.65
N THR A 266 32.48 -32.14 24.62
CA THR A 266 33.47 -33.00 23.98
C THR A 266 33.98 -32.32 22.70
N ALA A 267 34.94 -32.98 22.05
CA ALA A 267 35.46 -32.45 20.79
C ALA A 267 34.39 -32.42 19.72
N ASP A 268 33.58 -33.48 19.63
CA ASP A 268 32.51 -33.52 18.63
C ASP A 268 31.36 -32.61 19.02
N ASP A 269 31.08 -32.48 20.31
CA ASP A 269 29.99 -31.62 20.75
C ASP A 269 30.28 -30.14 20.52
N ALA A 270 31.55 -29.78 20.31
CA ALA A 270 31.93 -28.40 20.02
C ALA A 270 31.92 -28.08 18.54
N LYS A 271 31.67 -29.07 17.68
CA LYS A 271 31.59 -28.85 16.24
C LYS A 271 30.18 -28.59 15.76
N CYS A 272 29.18 -28.70 16.63
CA CYS A 272 27.78 -28.47 16.27
C CYS A 272 27.45 -27.01 16.57
N ARG A 273 27.42 -26.19 15.52
CA ARG A 273 27.29 -24.74 15.67
C ARG A 273 25.98 -24.21 15.10
N MET A 274 24.91 -25.02 15.17
CA MET A 274 23.61 -24.57 14.66
C MET A 274 22.53 -25.45 15.26
N VAL A 275 21.56 -24.83 15.93
CA VAL A 275 20.49 -25.56 16.61
C VAL A 275 19.15 -24.97 16.21
N THR A 276 18.18 -25.84 15.93
CA THR A 276 16.82 -25.44 15.60
C THR A 276 15.87 -26.17 16.53
N PHE A 277 14.93 -25.44 17.14
CA PHE A 277 14.04 -26.03 18.12
C PHE A 277 12.78 -25.18 18.24
N SER A 278 11.75 -25.78 18.83
CA SER A 278 10.49 -25.09 19.07
C SER A 278 10.56 -24.28 20.37
N LYS A 279 9.85 -23.15 20.39
CA LYS A 279 9.93 -22.23 21.52
C LYS A 279 9.44 -22.86 22.82
N SER A 280 8.15 -23.13 22.91
CA SER A 280 7.56 -23.72 24.12
C SER A 280 7.40 -25.23 23.98
N ARG A 281 8.43 -25.93 23.54
CA ARG A 281 8.36 -27.39 23.44
C ARG A 281 9.61 -28.12 23.88
N THR A 282 10.79 -27.48 23.88
CA THR A 282 12.04 -28.21 23.98
C THR A 282 12.86 -27.91 25.23
N LEU A 283 12.66 -26.75 25.87
CA LEU A 283 13.48 -26.39 27.02
C LEU A 283 12.60 -25.92 28.17
N VAL A 284 12.97 -26.32 29.38
CA VAL A 284 12.32 -25.88 30.61
C VAL A 284 13.39 -25.44 31.59
N THR A 285 13.14 -24.32 32.26
CA THR A 285 14.07 -23.76 33.23
C THR A 285 13.42 -23.75 34.60
N VAL A 286 14.14 -24.26 35.60
CA VAL A 286 13.65 -24.33 36.97
C VAL A 286 14.53 -23.42 37.81
N GLU A 287 13.95 -22.34 38.33
CA GLU A 287 14.67 -21.39 39.18
C GLU A 287 14.46 -21.79 40.63
N ALA A 288 15.37 -22.61 41.15
CA ALA A 288 15.26 -23.06 42.53
C ALA A 288 15.38 -21.89 43.50
N LYS A 289 16.30 -20.97 43.25
CA LYS A 289 16.50 -19.81 44.09
C LYS A 289 16.80 -18.61 43.20
N PRO A 290 16.12 -17.48 43.41
CA PRO A 290 16.40 -16.30 42.58
C PRO A 290 17.73 -15.65 42.94
N PHE A 291 18.04 -14.52 42.31
CA PHE A 291 19.28 -13.82 42.57
C PHE A 291 19.27 -13.24 43.98
N THR A 292 20.25 -13.63 44.80
CA THR A 292 20.40 -13.13 46.16
C THR A 292 21.80 -12.61 46.33
N SER A 293 21.94 -11.40 46.87
CA SER A 293 23.23 -10.76 47.05
C SER A 293 23.47 -10.51 48.53
N ARG A 294 24.69 -10.80 48.98
CA ARG A 294 25.08 -10.56 50.37
C ARG A 294 26.51 -10.04 50.41
N ILE A 295 26.82 -9.31 51.47
CA ILE A 295 28.14 -8.74 51.69
C ILE A 295 28.65 -9.23 53.03
N TRP A 296 29.88 -9.73 53.06
CA TRP A 296 30.49 -10.23 54.28
C TRP A 296 31.96 -9.82 54.32
N ASP A 297 32.49 -9.77 55.53
CA ASP A 297 33.87 -9.37 55.76
C ASP A 297 34.76 -10.60 55.75
N ASP A 298 35.80 -10.57 54.93
CA ASP A 298 36.77 -11.66 54.83
C ASP A 298 38.00 -11.26 55.63
N GLU A 299 38.04 -11.68 56.90
CA GLU A 299 39.15 -11.35 57.77
C GLU A 299 40.45 -11.98 57.27
N GLN A 300 40.37 -13.21 56.75
CA GLN A 300 41.57 -13.94 56.34
C GLN A 300 42.25 -13.31 55.14
N ASN A 301 41.57 -12.45 54.39
CA ASN A 301 42.15 -11.84 53.20
C ASN A 301 42.09 -10.31 53.22
N PHE A 302 41.64 -9.72 54.33
CA PHE A 302 41.58 -8.26 54.48
C PHE A 302 40.75 -7.61 53.37
N ALA A 303 39.63 -8.25 53.03
CA ALA A 303 38.78 -7.75 51.96
C ALA A 303 37.32 -7.90 52.37
N ASN A 304 36.47 -7.04 51.78
CA ASN A 304 35.02 -7.11 51.95
C ASN A 304 34.46 -7.79 50.70
N VAL A 305 34.12 -9.07 50.82
CA VAL A 305 33.69 -9.85 49.67
C VAL A 305 32.19 -9.69 49.49
N LEU A 306 31.78 -9.24 48.31
CA LEU A 306 30.39 -9.13 47.93
C LEU A 306 30.10 -10.17 46.85
N ASP A 307 29.15 -11.05 47.11
CA ASP A 307 28.82 -12.14 46.20
C ASP A 307 27.33 -12.27 46.02
N CYS A 308 26.92 -12.57 44.80
CA CYS A 308 25.53 -12.86 44.47
C CYS A 308 25.43 -14.26 43.88
N TYR A 309 24.42 -15.01 44.30
CA TYR A 309 24.30 -16.41 43.90
C TYR A 309 22.86 -16.75 43.57
N ALA A 310 22.70 -17.75 42.71
CA ALA A 310 21.39 -18.22 42.31
C ALA A 310 21.49 -19.69 41.90
N MET A 311 20.40 -20.42 42.06
CA MET A 311 20.33 -21.85 41.76
C MET A 311 19.30 -22.09 40.68
N TYR A 312 19.69 -22.80 39.62
CA TYR A 312 18.75 -23.16 38.57
C TYR A 312 19.29 -24.38 37.82
N GLN A 313 18.38 -25.05 37.12
CA GLN A 313 18.71 -26.22 36.32
C GLN A 313 17.96 -26.14 35.00
N VAL A 314 18.51 -26.77 33.97
CA VAL A 314 17.96 -26.72 32.63
C VAL A 314 17.58 -28.13 32.21
N GLY A 315 16.33 -28.31 31.77
CA GLY A 315 15.82 -29.61 31.37
C GLY A 315 15.51 -29.63 29.88
N GLU A 316 16.06 -30.65 29.20
CA GLU A 316 15.89 -30.81 27.76
C GLU A 316 14.71 -31.73 27.46
N ARG A 317 13.53 -31.28 27.88
CA ARG A 317 12.31 -32.03 27.58
C ARG A 317 12.05 -32.03 26.09
N ARG A 318 11.51 -33.13 25.58
CA ARG A 318 11.25 -33.31 24.17
C ARG A 318 12.49 -33.02 23.30
N PRO A 319 13.59 -33.74 23.52
CA PRO A 319 14.79 -33.49 22.71
C PRO A 319 14.67 -33.96 21.27
N ASP A 320 13.56 -34.58 20.90
CA ASP A 320 13.28 -34.88 19.50
C ASP A 320 12.70 -33.68 18.76
N THR A 321 12.37 -32.62 19.47
CA THR A 321 11.86 -31.39 18.88
C THR A 321 12.96 -30.42 18.52
N ALA A 322 14.22 -30.74 18.82
CA ALA A 322 15.35 -29.88 18.54
C ALA A 322 16.22 -30.52 17.47
N ALA A 323 16.64 -29.72 16.50
CA ALA A 323 17.54 -30.15 15.43
C ALA A 323 18.91 -29.50 15.65
N VAL A 324 19.95 -30.33 15.63
CA VAL A 324 21.32 -29.88 15.83
C VAL A 324 22.13 -30.26 14.59
N VAL A 325 22.84 -29.29 14.04
CA VAL A 325 23.63 -29.47 12.82
C VAL A 325 25.11 -29.43 13.20
N LYS A 326 25.85 -30.46 12.77
CA LYS A 326 27.27 -30.55 13.04
C LYS A 326 28.05 -30.03 11.85
N PHE A 327 29.02 -29.16 12.11
CA PHE A 327 29.85 -28.55 11.07
C PHE A 327 31.25 -29.14 11.16
N ASN A 328 31.70 -29.76 10.07
CA ASN A 328 33.04 -30.31 9.97
C ASN A 328 33.74 -29.74 8.73
N GLU A 329 34.90 -29.13 8.94
CA GLU A 329 35.66 -28.54 7.85
C GLU A 329 36.33 -29.61 7.01
N ALA A 330 36.65 -29.23 5.76
CA ALA A 330 37.35 -30.12 4.86
C ALA A 330 38.66 -29.48 4.39
N GLU B 27 31.10 38.17 29.96
CA GLU B 27 30.54 36.88 30.34
C GLU B 27 29.72 36.27 29.21
N VAL B 28 29.20 37.14 28.33
CA VAL B 28 28.43 36.66 27.19
C VAL B 28 29.29 35.83 26.25
N TYR B 29 30.57 36.17 26.12
CA TYR B 29 31.47 35.37 25.30
C TYR B 29 31.61 33.96 25.85
N GLN B 30 31.63 33.83 27.18
CA GLN B 30 31.73 32.50 27.78
C GLN B 30 30.54 31.63 27.42
N ASN B 31 29.32 32.19 27.49
CA ASN B 31 28.14 31.43 27.13
C ASN B 31 28.13 31.03 25.66
N GLU B 32 28.50 31.96 24.78
CA GLU B 32 28.51 31.67 23.36
C GLU B 32 29.54 30.59 23.02
N VAL B 33 30.71 30.65 23.64
CA VAL B 33 31.74 29.65 23.38
C VAL B 33 31.31 28.27 23.85
N ASP B 34 30.62 28.20 24.99
CA ASP B 34 30.24 26.90 25.55
C ASP B 34 29.16 26.24 24.69
N THR B 35 28.13 26.99 24.30
CA THR B 35 27.02 26.39 23.56
C THR B 35 27.47 25.86 22.22
N ARG B 36 28.33 26.59 21.51
CA ARG B 36 28.82 26.12 20.23
C ARG B 36 29.63 24.84 20.39
N PHE B 37 30.39 24.73 21.48
CA PHE B 37 31.12 23.48 21.74
C PHE B 37 30.17 22.31 21.92
N GLN B 38 29.09 22.51 22.69
CA GLN B 38 28.10 21.45 22.86
C GLN B 38 27.43 21.12 21.53
N TYR B 39 27.16 22.14 20.72
CA TYR B 39 26.44 21.93 19.46
C TYR B 39 27.28 21.15 18.46
N GLN B 40 28.61 21.29 18.51
CA GLN B 40 29.46 20.75 17.45
C GLN B 40 30.31 19.56 17.87
N ALA B 41 30.69 19.45 19.14
CA ALA B 41 31.58 18.36 19.57
C ALA B 41 30.89 17.01 19.44
N MET B 42 31.40 16.17 18.54
CA MET B 42 30.78 14.87 18.27
C MET B 42 30.90 13.94 19.48
N PHE B 43 32.08 13.89 20.09
CA PHE B 43 32.39 12.87 21.08
C PHE B 43 31.88 13.20 22.48
N LEU B 44 30.94 14.15 22.60
CA LEU B 44 30.32 14.38 23.90
C LEU B 44 29.45 13.20 24.32
N GLY B 45 28.69 12.64 23.38
CA GLY B 45 27.85 11.50 23.67
C GLY B 45 28.51 10.19 23.25
N LEU B 46 29.63 10.29 22.56
CA LEU B 46 30.37 9.11 22.11
C LEU B 46 31.45 8.69 23.09
N SER B 47 31.55 9.36 24.24
CA SER B 47 32.54 9.02 25.26
C SER B 47 32.04 9.51 26.61
N SER B 48 32.21 8.69 27.64
CA SER B 48 31.73 9.04 28.97
C SER B 48 32.48 10.26 29.49
N GLN B 49 31.72 11.19 30.09
CA GLN B 49 32.27 12.45 30.59
C GLN B 49 32.52 12.31 32.09
N ARG B 50 33.79 12.31 32.49
CA ARG B 50 34.20 12.27 33.88
C ARG B 50 34.81 13.62 34.28
N SER B 51 35.14 13.73 35.56
CA SER B 51 35.76 14.94 36.08
C SER B 51 36.55 14.60 37.33
N VAL B 52 37.77 15.12 37.42
CA VAL B 52 38.61 14.90 38.60
C VAL B 52 38.18 15.85 39.70
N ALA B 53 37.92 15.30 40.88
CA ALA B 53 37.55 16.09 42.04
C ALA B 53 38.74 16.41 42.96
N ASP B 54 39.76 15.56 42.95
CA ASP B 54 40.93 15.79 43.78
C ASP B 54 41.78 16.92 43.20
N ARG B 55 42.63 17.49 44.08
CA ARG B 55 43.52 18.56 43.64
C ARG B 55 44.49 18.06 42.58
N SER B 56 45.03 16.85 42.76
CA SER B 56 45.87 16.25 41.74
C SER B 56 45.04 15.95 40.49
N ASN B 57 45.57 16.32 39.33
CA ASN B 57 44.83 16.21 38.08
C ASN B 57 45.04 14.83 37.44
N THR B 58 44.63 13.80 38.19
CA THR B 58 44.69 12.43 37.73
C THR B 58 43.38 11.74 38.05
N TYR B 59 42.91 10.89 37.13
CA TYR B 59 41.67 10.14 37.30
C TYR B 59 41.99 8.66 37.31
N ARG B 60 41.44 7.94 38.27
CA ARG B 60 41.68 6.51 38.43
C ARG B 60 40.57 5.74 37.71
N ILE B 61 40.97 4.94 36.72
CA ILE B 61 40.04 4.13 35.94
C ILE B 61 40.42 2.67 36.13
N ASP B 62 39.44 1.85 36.49
CA ASP B 62 39.67 0.44 36.79
C ASP B 62 39.29 -0.40 35.58
N ARG B 63 40.24 -1.19 35.09
CA ARG B 63 39.98 -2.17 34.01
C ARG B 63 39.64 -3.49 34.68
N LEU B 64 38.36 -3.67 34.99
CA LEU B 64 37.94 -4.84 35.76
C LEU B 64 38.13 -6.11 34.94
N ASN B 65 38.60 -7.16 35.60
CA ASN B 65 38.84 -8.44 34.95
C ASN B 65 37.54 -9.23 34.84
N THR B 66 37.65 -10.45 34.33
CA THR B 66 36.48 -11.31 34.10
C THR B 66 36.18 -12.08 35.38
N SER B 67 35.25 -11.55 36.18
CA SER B 67 34.75 -12.26 37.35
C SER B 67 33.77 -13.32 36.88
N SER B 68 34.32 -14.47 36.48
CA SER B 68 33.53 -15.53 35.88
C SER B 68 32.66 -16.21 36.93
N VAL B 69 31.69 -16.97 36.45
CA VAL B 69 30.80 -17.73 37.31
C VAL B 69 31.51 -18.99 37.79
N LYS B 70 31.16 -19.42 39.01
CA LYS B 70 31.69 -20.65 39.58
C LYS B 70 30.54 -21.39 40.23
N GLY B 71 30.71 -22.70 40.38
CA GLY B 71 29.66 -23.54 40.94
C GLY B 71 30.06 -24.21 42.24
N ARG B 72 29.32 -23.92 43.31
CA ARG B 72 29.58 -24.52 44.63
C ARG B 72 28.89 -25.87 44.73
N THR B 73 29.38 -26.81 43.91
CA THR B 73 28.90 -28.18 43.98
C THR B 73 29.32 -28.80 45.31
N SER B 74 28.40 -29.54 45.92
CA SER B 74 28.65 -30.09 47.26
C SER B 74 29.82 -31.07 47.25
N GLY B 75 29.90 -31.91 46.22
CA GLY B 75 30.95 -32.93 46.19
C GLY B 75 32.34 -32.34 46.11
N VAL B 76 32.54 -31.37 45.21
CA VAL B 76 33.85 -30.76 45.01
C VAL B 76 34.07 -29.67 46.04
N ALA B 77 35.31 -29.21 46.16
CA ALA B 77 35.68 -28.13 47.06
C ALA B 77 35.88 -26.85 46.26
N LEU B 78 35.68 -25.71 46.93
CA LEU B 78 35.83 -24.43 46.26
C LEU B 78 37.29 -24.13 45.96
N GLU B 79 37.50 -23.15 45.09
CA GLU B 79 38.83 -22.69 44.70
C GLU B 79 38.96 -21.22 45.05
N PRO B 80 39.36 -20.90 46.28
CA PRO B 80 39.47 -19.49 46.69
C PRO B 80 40.69 -18.82 46.08
N THR B 81 40.52 -18.29 44.86
CA THR B 81 41.60 -17.62 44.13
C THR B 81 41.15 -16.21 43.76
N PRO B 82 41.21 -15.27 44.71
CA PRO B 82 40.83 -13.88 44.40
C PRO B 82 41.81 -13.21 43.47
N VAL B 83 41.76 -13.54 42.17
CA VAL B 83 42.66 -12.92 41.21
C VAL B 83 42.28 -11.46 41.00
N ARG B 84 43.26 -10.58 41.07
CA ARG B 84 43.02 -9.15 40.91
C ARG B 84 42.99 -8.78 39.44
N ASN B 85 42.83 -7.48 39.17
CA ASN B 85 42.75 -6.93 37.83
C ASN B 85 43.80 -5.83 37.66
N ASP B 86 43.80 -5.23 36.47
CA ASP B 86 44.68 -4.12 36.15
C ASP B 86 43.91 -2.81 36.25
N LYS B 87 44.60 -1.77 36.71
CA LYS B 87 44.01 -0.45 36.91
C LYS B 87 44.85 0.58 36.18
N MET B 88 44.19 1.37 35.33
CA MET B 88 44.87 2.41 34.55
C MET B 88 44.72 3.76 35.24
N LEU B 89 45.71 4.62 35.04
CA LEU B 89 45.70 5.97 35.56
C LEU B 89 45.89 6.94 34.41
N ILE B 90 44.98 7.92 34.30
CA ILE B 90 45.05 8.95 33.28
C ILE B 90 45.30 10.29 33.97
N VAL B 91 46.32 11.00 33.50
CA VAL B 91 46.72 12.28 34.09
C VAL B 91 46.70 13.33 32.99
N VAL B 92 46.17 14.51 33.32
CA VAL B 92 46.11 15.64 32.40
C VAL B 92 47.16 16.66 32.81
N ASP B 93 47.98 17.08 31.84
CA ASP B 93 49.04 18.04 32.12
C ASP B 93 49.20 19.07 31.01
N THR B 94 48.15 19.34 30.23
CA THR B 94 48.21 20.27 29.13
C THR B 94 47.01 21.21 29.17
N VAL B 95 47.25 22.48 28.88
CA VAL B 95 46.21 23.50 28.86
C VAL B 95 46.06 24.00 27.43
N LEU B 96 44.82 23.97 26.92
CA LEU B 96 44.50 24.45 25.59
C LEU B 96 43.82 25.81 25.69
N TYR B 97 44.14 26.70 24.76
CA TYR B 97 43.64 28.06 24.82
C TYR B 97 43.59 28.67 23.42
N ILE B 98 42.86 29.77 23.32
CA ILE B 98 42.78 30.57 22.09
C ILE B 98 43.21 31.99 22.47
N ARG B 99 44.49 32.30 22.28
CA ARG B 99 44.98 33.64 22.53
C ARG B 99 44.56 34.54 21.37
N ASN B 100 43.57 35.39 21.61
CA ASN B 100 43.03 36.26 20.57
C ASN B 100 43.49 37.69 20.80
N PRO B 101 44.41 38.21 20.00
CA PRO B 101 44.87 39.59 20.19
C PRO B 101 43.83 40.58 19.67
N ILE B 102 43.44 41.52 20.53
CA ILE B 102 42.48 42.57 20.19
C ILE B 102 43.15 43.92 20.41
N ASP B 103 43.15 44.74 19.37
CA ASP B 103 43.77 46.05 19.45
C ASP B 103 42.95 46.99 20.34
N TYR B 104 43.60 48.06 20.80
CA TYR B 104 42.93 49.01 21.69
C TYR B 104 41.79 49.73 20.98
N GLN B 105 41.98 50.10 19.71
CA GLN B 105 40.96 50.86 19.00
C GLN B 105 39.68 50.05 18.84
N ASP B 106 39.80 48.76 18.54
CA ASP B 106 38.63 47.92 18.39
C ASP B 106 37.95 47.70 19.75
N ASP B 107 36.63 47.51 19.71
CA ASP B 107 35.83 47.32 20.90
C ASP B 107 35.58 45.82 21.08
N TRP B 108 36.21 45.23 22.11
CA TRP B 108 36.05 43.81 22.37
C TRP B 108 34.69 43.47 22.97
N THR B 109 34.00 44.45 23.54
CA THR B 109 32.72 44.20 24.20
C THR B 109 31.52 44.41 23.26
N ALA B 110 31.77 44.68 21.99
CA ALA B 110 30.68 44.83 21.03
C ALA B 110 29.98 43.49 20.82
N PRO B 111 28.67 43.40 21.03
CA PRO B 111 28.01 42.09 20.89
C PRO B 111 28.15 41.47 19.52
N ASP B 112 28.16 42.26 18.45
CA ASP B 112 28.33 41.71 17.11
C ASP B 112 29.68 41.04 16.96
N PHE B 113 30.74 41.69 17.46
CA PHE B 113 32.08 41.12 17.38
C PHE B 113 32.30 40.03 18.43
N LEU B 114 31.71 40.18 19.61
CA LEU B 114 31.96 39.24 20.70
C LEU B 114 31.34 37.87 20.41
N THR B 115 30.13 37.85 19.85
CA THR B 115 29.48 36.58 19.57
C THR B 115 30.25 35.77 18.53
N GLU B 116 30.78 36.44 17.51
CA GLU B 116 31.57 35.74 16.50
C GLU B 116 32.83 35.13 17.12
N MET B 117 33.37 35.77 18.16
CA MET B 117 34.48 35.18 18.90
C MET B 117 34.06 33.84 19.52
N GLY B 118 32.88 33.81 20.14
CA GLY B 118 32.44 32.58 20.80
C GLY B 118 32.20 31.45 19.83
N GLN B 119 31.56 31.75 18.69
CA GLN B 119 31.24 30.70 17.72
C GLN B 119 32.51 30.05 17.18
N ASN B 120 33.45 30.86 16.71
CA ASN B 120 34.67 30.30 16.12
C ASN B 120 35.51 29.55 17.15
N ASN B 121 35.63 30.11 18.36
CA ASN B 121 36.42 29.45 19.39
C ASN B 121 35.79 28.13 19.81
N GLY B 122 34.46 28.12 20.01
CA GLY B 122 33.78 26.88 20.34
C GLY B 122 33.94 25.85 19.25
N SER B 123 33.82 26.27 17.98
CA SER B 123 34.04 25.33 16.89
C SER B 123 35.44 24.75 16.94
N GLU B 124 36.46 25.61 17.04
CA GLU B 124 37.84 25.13 17.01
C GLU B 124 38.10 24.16 18.16
N PHE B 125 37.58 24.48 19.35
CA PHE B 125 37.64 23.51 20.45
C PHE B 125 36.96 22.20 20.08
N ALA B 126 35.86 22.26 19.33
CA ALA B 126 35.18 21.02 18.95
C ALA B 126 36.04 20.16 18.04
N GLU B 127 36.65 20.75 17.00
CA GLU B 127 37.50 19.92 16.15
C GLU B 127 38.74 19.44 16.90
N VAL B 128 39.29 20.24 17.80
CA VAL B 128 40.45 19.78 18.57
C VAL B 128 40.06 18.60 19.46
N PHE B 129 38.90 18.68 20.11
CA PHE B 129 38.43 17.61 20.98
C PHE B 129 38.22 16.32 20.19
N ASP B 130 37.49 16.41 19.07
CA ASP B 130 37.25 15.23 18.25
C ASP B 130 38.55 14.70 17.66
N GLN B 131 39.48 15.59 17.30
CA GLN B 131 40.75 15.17 16.76
C GLN B 131 41.55 14.39 17.79
N ALA B 132 41.58 14.86 19.03
CA ALA B 132 42.28 14.14 20.08
C ALA B 132 41.68 12.76 20.30
N HIS B 133 40.34 12.68 20.33
CA HIS B 133 39.70 11.38 20.49
C HIS B 133 40.05 10.45 19.35
N LEU B 134 40.00 10.94 18.11
CA LEU B 134 40.32 10.09 16.96
C LEU B 134 41.78 9.66 16.97
N ILE B 135 42.69 10.56 17.34
CA ILE B 135 44.10 10.20 17.38
C ILE B 135 44.35 9.10 18.39
N GLN B 136 43.73 9.21 19.58
CA GLN B 136 43.93 8.15 20.56
C GLN B 136 43.27 6.85 20.13
N LEU B 137 42.12 6.93 19.45
CA LEU B 137 41.52 5.72 18.90
C LEU B 137 42.43 5.04 17.90
N ILE B 138 43.07 5.82 17.03
CA ILE B 138 44.02 5.25 16.06
C ILE B 138 45.22 4.66 16.78
N LYS B 139 45.73 5.36 17.80
CA LYS B 139 46.90 4.87 18.53
C LYS B 139 46.59 3.59 19.27
N GLY B 140 45.34 3.38 19.68
CA GLY B 140 44.98 2.18 20.37
C GLY B 140 44.83 0.94 19.51
N ARG B 141 45.00 1.07 18.20
CA ARG B 141 44.89 -0.08 17.31
C ARG B 141 45.99 -1.10 17.52
N SER B 142 47.14 -0.69 18.06
CA SER B 142 48.25 -1.58 18.33
C SER B 142 48.34 -2.01 19.79
N TRP B 143 47.31 -1.71 20.58
CA TRP B 143 47.31 -2.06 21.99
C TRP B 143 47.32 -3.57 22.16
N VAL B 144 48.21 -4.07 23.02
CA VAL B 144 48.33 -5.49 23.32
C VAL B 144 47.86 -5.71 24.74
N ALA B 145 47.01 -6.71 24.94
CA ALA B 145 46.49 -7.01 26.27
C ALA B 145 47.63 -7.39 27.20
N PRO B 146 47.69 -6.82 28.40
CA PRO B 146 48.81 -7.12 29.31
C PRO B 146 48.64 -8.47 29.97
N ALA B 147 49.54 -8.80 30.90
CA ALA B 147 49.43 -10.04 31.64
C ALA B 147 48.22 -10.01 32.57
N HIS B 148 47.84 -11.20 33.04
CA HIS B 148 46.74 -11.39 33.99
C HIS B 148 45.42 -10.80 33.49
N LEU B 149 45.31 -10.50 32.20
CA LEU B 149 44.10 -9.89 31.67
C LEU B 149 43.71 -10.48 30.31
N LYS B 150 44.37 -11.54 29.86
CA LYS B 150 44.04 -12.12 28.55
C LYS B 150 42.59 -12.59 28.41
N PRO B 151 41.98 -13.27 29.38
CA PRO B 151 40.60 -13.74 29.15
C PRO B 151 39.61 -12.64 28.82
N ALA B 152 39.52 -11.61 29.65
CA ALA B 152 38.54 -10.55 29.41
C ALA B 152 39.00 -9.61 28.31
N PHE B 153 40.14 -8.95 28.50
CA PHE B 153 40.63 -7.98 27.54
C PHE B 153 41.41 -8.67 26.43
N SER B 154 41.23 -8.20 25.21
CA SER B 154 41.91 -8.74 24.04
C SER B 154 42.69 -7.65 23.32
N ASP B 155 43.45 -8.05 22.32
CA ASP B 155 44.28 -7.10 21.57
C ASP B 155 43.41 -6.21 20.70
N GLY B 156 43.96 -5.05 20.34
CA GLY B 156 43.27 -4.15 19.45
C GLY B 156 43.13 -4.73 18.06
N ILE B 157 42.10 -4.28 17.35
CA ILE B 157 41.74 -4.80 16.03
C ILE B 157 42.23 -3.83 14.96
N GLU B 158 43.00 -4.35 14.01
CA GLU B 158 43.44 -3.58 12.86
C GLU B 158 43.21 -4.41 11.61
N ILE B 159 42.62 -3.77 10.58
CA ILE B 159 42.23 -4.45 9.36
C ILE B 159 42.88 -3.76 8.18
N GLU B 160 43.52 -4.54 7.32
CA GLU B 160 44.12 -3.99 6.11
C GLU B 160 43.10 -3.93 4.98
N ALA B 161 43.29 -2.95 4.09
CA ALA B 161 42.41 -2.80 2.94
C ALA B 161 43.16 -2.06 1.85
N THR B 162 43.00 -2.53 0.61
CA THR B 162 43.66 -1.94 -0.55
C THR B 162 42.61 -1.18 -1.36
N ILE B 163 42.74 0.15 -1.38
CA ILE B 163 41.85 1.02 -2.15
C ILE B 163 42.66 1.77 -3.18
N ASP B 164 42.23 1.71 -4.45
CA ASP B 164 42.95 2.39 -5.52
C ASP B 164 42.88 3.90 -5.34
N SER B 165 41.69 4.44 -5.05
CA SER B 165 41.46 5.86 -4.82
C SER B 165 41.80 6.71 -6.03
N ASP B 166 42.15 6.08 -7.15
CA ASP B 166 42.47 6.80 -8.38
C ASP B 166 41.78 6.24 -9.62
N VAL B 167 41.39 4.97 -9.63
CA VAL B 167 40.75 4.39 -10.81
C VAL B 167 39.39 5.02 -11.05
N THR B 168 39.08 5.28 -12.32
CA THR B 168 37.81 5.85 -12.72
C THR B 168 37.15 5.02 -13.81
N THR B 169 37.38 3.70 -13.80
CA THR B 169 36.85 2.79 -14.80
C THR B 169 35.56 2.12 -14.36
N GLN B 170 34.75 2.80 -13.54
CA GLN B 170 33.47 2.30 -13.06
C GLN B 170 33.63 1.02 -12.25
N ALA B 171 34.08 -0.06 -12.90
CA ALA B 171 34.31 -1.30 -12.18
C ALA B 171 35.41 -1.13 -11.14
N GLY B 172 36.48 -0.42 -11.48
CA GLY B 172 37.52 -0.14 -10.52
C GLY B 172 37.02 0.68 -9.34
N MET B 173 36.11 1.62 -9.60
CA MET B 173 35.49 2.38 -8.52
C MET B 173 34.68 1.47 -7.59
N GLU B 174 33.98 0.50 -8.17
CA GLU B 174 33.22 -0.45 -7.36
C GLU B 174 34.14 -1.35 -6.54
N ALA B 175 35.33 -1.68 -7.07
CA ALA B 175 36.24 -2.54 -6.36
C ALA B 175 36.68 -1.93 -5.03
N ASN B 176 36.97 -0.63 -5.04
CA ASN B 176 37.32 0.05 -3.79
C ASN B 176 36.15 0.04 -2.83
N ALA B 177 34.93 0.29 -3.32
CA ALA B 177 33.75 0.22 -2.47
C ALA B 177 33.56 -1.18 -1.92
N ILE B 178 33.78 -2.20 -2.75
CA ILE B 178 33.65 -3.58 -2.28
C ILE B 178 34.66 -3.88 -1.19
N ALA B 179 35.91 -3.45 -1.40
CA ALA B 179 36.94 -3.69 -0.38
C ALA B 179 36.61 -2.98 0.93
N ILE B 180 36.11 -1.74 0.83
CA ILE B 180 35.69 -1.02 2.03
C ILE B 180 34.56 -1.76 2.73
N ASN B 181 33.61 -2.30 1.95
CA ASN B 181 32.51 -3.05 2.55
C ASN B 181 33.01 -4.29 3.27
N GLN B 182 33.95 -5.02 2.66
CA GLN B 182 34.50 -6.21 3.32
C GLN B 182 35.24 -5.84 4.60
N ALA B 183 36.01 -4.75 4.57
CA ALA B 183 36.72 -4.32 5.77
C ALA B 183 35.75 -3.95 6.87
N HIS B 184 34.68 -3.22 6.52
CA HIS B 184 33.68 -2.86 7.52
C HIS B 184 32.98 -4.08 8.08
N LYS B 185 32.66 -5.05 7.21
CA LYS B 185 32.02 -6.28 7.69
C LYS B 185 32.93 -7.05 8.62
N ALA B 186 34.23 -7.11 8.31
CA ALA B 186 35.18 -7.77 9.19
C ALA B 186 35.23 -7.08 10.55
N GLY B 187 35.24 -5.74 10.54
CA GLY B 187 35.21 -5.01 11.80
C GLY B 187 33.95 -5.30 12.60
N ILE B 188 32.80 -5.35 11.94
CA ILE B 188 31.55 -5.65 12.62
C ILE B 188 31.61 -7.04 13.23
N ASP B 189 32.14 -8.01 12.49
CA ASP B 189 32.26 -9.36 13.02
C ASP B 189 33.17 -9.41 14.24
N GLU B 190 34.29 -8.69 14.19
CA GLU B 190 35.19 -8.68 15.34
C GLU B 190 34.53 -8.05 16.56
N LEU B 191 33.79 -6.96 16.38
CA LEU B 191 33.08 -6.36 17.51
C LEU B 191 32.01 -7.30 18.06
N ILE B 192 31.26 -7.96 17.19
CA ILE B 192 30.21 -8.86 17.66
C ILE B 192 30.80 -10.04 18.41
N LYS B 193 31.91 -10.58 17.91
CA LYS B 193 32.53 -11.73 18.56
C LYS B 193 33.05 -11.41 19.96
N ARG B 194 33.21 -10.13 20.29
CA ARG B 194 33.69 -9.71 21.60
C ARG B 194 32.57 -9.16 22.47
N LYS B 195 31.34 -9.61 22.24
CA LYS B 195 30.18 -9.29 23.09
C LYS B 195 29.93 -7.78 23.15
N VAL B 196 29.79 -7.19 21.97
CA VAL B 196 29.45 -5.78 21.83
C VAL B 196 28.10 -5.69 21.12
N PRO B 197 27.08 -5.10 21.74
CA PRO B 197 25.77 -5.02 21.07
C PRO B 197 25.84 -4.21 19.78
N LEU B 198 25.04 -4.63 18.80
CA LEU B 198 25.06 -4.00 17.50
C LEU B 198 24.55 -2.57 17.56
N ASN B 199 23.52 -2.31 18.37
CA ASN B 199 22.92 -0.98 18.42
C ASN B 199 23.90 0.06 18.95
N ASP B 200 24.69 -0.31 19.96
CA ASP B 200 25.66 0.61 20.56
C ASP B 200 27.01 0.50 19.86
N MET B 201 27.00 0.78 18.56
CA MET B 201 28.20 0.72 17.74
C MET B 201 28.11 1.77 16.65
N ILE B 202 29.17 2.54 16.46
CA ILE B 202 29.22 3.62 15.47
C ILE B 202 30.51 3.51 14.68
N THR B 203 30.44 3.82 13.40
CA THR B 203 31.60 3.85 12.52
C THR B 203 31.81 5.26 12.00
N LEU B 204 33.03 5.76 12.11
CA LEU B 204 33.41 7.07 11.59
C LEU B 204 34.40 6.91 10.45
N VAL B 205 34.21 7.68 9.38
CA VAL B 205 35.04 7.56 8.20
C VAL B 205 35.56 8.93 7.80
N SER B 206 36.66 8.92 7.05
CA SER B 206 37.24 10.15 6.54
C SER B 206 36.37 10.70 5.40
N THR B 207 36.63 11.97 5.05
CA THR B 207 35.85 12.62 4.01
C THR B 207 36.02 11.93 2.66
N GLU B 208 37.25 11.55 2.32
CA GLU B 208 37.48 10.91 1.02
C GLU B 208 36.84 9.52 0.97
N ILE B 209 36.90 8.78 2.07
CA ILE B 209 36.27 7.46 2.10
C ILE B 209 34.76 7.59 1.96
N TYR B 210 34.16 8.55 2.67
CA TYR B 210 32.72 8.76 2.58
C TYR B 210 32.32 9.19 1.17
N SER B 211 33.12 10.05 0.53
CA SER B 211 32.84 10.43 -0.84
C SER B 211 32.93 9.23 -1.77
N LEU B 212 33.90 8.34 -1.53
CA LEU B 212 34.01 7.12 -2.32
C LEU B 212 32.79 6.23 -2.15
N LEU B 213 32.24 6.16 -0.94
CA LEU B 213 31.11 5.27 -0.68
C LEU B 213 29.87 5.71 -1.46
N LEU B 214 29.60 7.01 -1.53
CA LEU B 214 28.42 7.48 -2.24
C LEU B 214 28.49 7.25 -3.74
N GLU B 215 29.65 6.90 -4.28
CA GLU B 215 29.73 6.53 -5.69
C GLU B 215 28.88 5.29 -5.97
N HIS B 216 28.88 4.32 -5.06
CA HIS B 216 28.05 3.13 -5.17
C HIS B 216 27.01 3.14 -4.07
N PRO B 217 25.75 3.47 -4.37
CA PRO B 217 24.71 3.51 -3.33
C PRO B 217 24.09 2.15 -3.01
N LYS B 218 24.54 1.08 -3.67
CA LYS B 218 23.99 -0.25 -3.38
C LYS B 218 24.32 -0.68 -1.95
N LEU B 219 25.54 -0.40 -1.50
CA LEU B 219 25.93 -0.78 -0.14
C LEU B 219 25.11 -0.02 0.90
N PHE B 220 24.82 1.25 0.64
CA PHE B 220 24.08 2.06 1.58
C PHE B 220 22.64 1.57 1.72
N ASN B 221 22.01 1.95 2.84
CA ASN B 221 20.64 1.59 3.14
C ASN B 221 19.78 2.84 3.22
N LYS B 222 18.48 2.66 3.01
CA LYS B 222 17.55 3.77 3.05
C LYS B 222 17.48 4.34 4.46
N ASP B 223 17.86 5.62 4.60
CA ASP B 223 17.88 6.32 5.88
C ASP B 223 17.16 7.65 5.76
N TRP B 224 15.97 7.62 5.15
CA TRP B 224 15.19 8.84 4.98
C TRP B 224 14.75 9.41 6.31
N GLY B 225 14.37 8.54 7.26
CA GLY B 225 13.95 9.02 8.56
C GLY B 225 15.07 9.69 9.33
N ASP B 226 16.26 9.11 9.29
CA ASP B 226 17.43 9.68 9.97
C ASP B 226 18.30 10.40 8.95
N ALA B 227 17.92 11.64 8.65
CA ALA B 227 18.70 12.46 7.74
C ALA B 227 20.08 12.77 8.32
N ASN B 228 20.13 13.06 9.61
CA ASN B 228 21.38 13.32 10.33
C ASN B 228 21.50 12.33 11.49
N ALA B 229 22.67 11.75 11.65
CA ALA B 229 22.89 10.71 12.64
C ALA B 229 23.80 11.20 13.75
N ASN B 230 23.66 10.58 14.93
CA ASN B 230 24.46 10.88 16.11
C ASN B 230 24.33 12.33 16.54
N GLY B 231 23.18 12.95 16.24
CA GLY B 231 23.03 14.37 16.51
C GLY B 231 23.99 15.25 15.74
N TYR B 232 24.56 14.74 14.66
CA TYR B 232 25.55 15.47 13.88
C TYR B 232 24.94 15.86 12.53
N LYS B 233 24.93 17.16 12.26
CA LYS B 233 24.38 17.67 11.02
C LYS B 233 25.24 17.33 9.81
N GLU B 234 26.45 16.80 10.03
CA GLU B 234 27.32 16.40 8.95
C GLU B 234 26.77 15.15 8.25
N ARG B 235 27.38 14.83 7.11
CA ARG B 235 26.85 13.78 6.22
C ARG B 235 26.96 12.44 6.91
N ARG B 236 25.81 11.93 7.39
CA ARG B 236 25.78 10.63 8.05
C ARG B 236 24.54 9.82 7.67
N ALA B 237 23.83 10.19 6.61
CA ALA B 237 22.58 9.53 6.24
C ALA B 237 22.86 8.22 5.51
N VAL B 238 23.60 7.34 6.19
CA VAL B 238 23.90 6.01 5.68
C VAL B 238 23.96 5.04 6.86
N LEU B 239 23.05 4.08 6.89
CA LEU B 239 23.06 3.01 7.90
C LEU B 239 23.67 1.74 7.32
N MET B 240 24.95 1.82 6.98
CA MET B 240 25.63 0.70 6.36
C MET B 240 25.83 -0.43 7.38
N ASN B 241 25.48 -1.64 6.99
CA ASN B 241 25.62 -2.84 7.83
C ASN B 241 24.88 -2.69 9.15
N GLY B 242 23.74 -1.99 9.15
CA GLY B 242 22.92 -1.86 10.32
C GLY B 242 23.37 -0.84 11.33
N ILE B 243 24.46 -0.12 11.07
CA ILE B 243 24.95 0.90 12.00
C ILE B 243 25.24 2.18 11.23
N PRO B 244 25.13 3.35 11.86
CA PRO B 244 25.45 4.59 11.16
C PRO B 244 26.93 4.68 10.81
N VAL B 245 27.21 5.36 9.70
CA VAL B 245 28.59 5.61 9.24
C VAL B 245 28.69 7.11 9.01
N VAL B 246 29.20 7.82 10.00
CA VAL B 246 29.26 9.29 9.96
C VAL B 246 30.55 9.71 9.27
N GLU B 247 30.46 10.76 8.44
CA GLU B 247 31.61 11.33 7.78
C GLU B 247 32.24 12.36 8.70
N CYS B 248 33.35 11.99 9.33
CA CYS B 248 34.05 12.86 10.26
C CYS B 248 34.98 13.78 9.50
N THR B 249 34.62 15.06 9.43
CA THR B 249 35.50 16.03 8.77
C THR B 249 36.79 16.23 9.53
N GLU B 250 36.70 16.34 10.86
CA GLU B 250 37.87 16.57 11.70
C GLU B 250 38.61 15.24 11.89
N PHE B 251 39.34 14.85 10.86
CA PHE B 251 40.06 13.59 10.87
C PHE B 251 41.56 13.87 10.85
N PRO B 252 42.35 13.18 11.68
CA PRO B 252 43.77 13.52 11.78
C PRO B 252 44.55 13.18 10.52
N ASP B 253 45.61 13.95 10.29
CA ASP B 253 46.55 13.72 9.21
C ASP B 253 47.95 13.64 9.79
N ALA B 254 48.95 13.53 8.92
CA ALA B 254 50.33 13.42 9.35
C ALA B 254 50.76 14.74 10.00
N GLY B 255 51.09 14.68 11.29
CA GLY B 255 51.51 15.87 12.00
C GLY B 255 51.55 15.69 13.50
N THR B 256 51.15 16.73 14.24
CA THR B 256 51.15 16.72 15.69
C THR B 256 49.82 17.28 16.20
N HIS B 257 49.64 17.23 17.51
CA HIS B 257 48.43 17.72 18.14
C HIS B 257 48.78 18.60 19.32
N PRO B 258 47.98 19.63 19.61
CA PRO B 258 48.28 20.52 20.73
C PRO B 258 48.30 19.84 22.08
N LEU B 259 47.64 18.70 22.24
CA LEU B 259 47.53 18.08 23.56
C LEU B 259 48.89 17.60 24.08
N GLY B 260 49.77 17.18 23.19
CA GLY B 260 51.10 16.76 23.61
C GLY B 260 51.72 15.84 22.58
N SER B 261 52.86 15.27 22.97
CA SER B 261 53.59 14.36 22.09
C SER B 261 52.93 12.99 21.99
N ALA B 262 52.05 12.65 22.93
CA ALA B 262 51.38 11.35 22.89
C ALA B 262 50.43 11.24 21.70
N TYR B 263 50.04 12.37 21.10
CA TYR B 263 49.10 12.37 19.99
C TYR B 263 49.77 12.70 18.66
N THR B 264 51.09 12.56 18.58
CA THR B 264 51.80 12.82 17.33
C THR B 264 51.48 11.72 16.33
N VAL B 265 50.65 12.04 15.34
CA VAL B 265 50.24 11.05 14.36
C VAL B 265 51.41 10.70 13.46
N THR B 266 51.69 9.41 13.34
CA THR B 266 52.76 8.93 12.48
C THR B 266 52.26 8.77 11.05
N ALA B 267 53.20 8.47 10.15
CA ALA B 267 52.84 8.25 8.75
C ALA B 267 51.93 7.05 8.60
N ASP B 268 52.23 5.95 9.29
CA ASP B 268 51.38 4.77 9.23
C ASP B 268 50.02 5.04 9.87
N ASP B 269 50.00 5.76 11.00
CA ASP B 269 48.74 6.04 11.68
C ASP B 269 47.84 6.96 10.89
N ALA B 270 48.39 7.74 9.96
CA ALA B 270 47.57 8.62 9.13
C ALA B 270 46.80 7.87 8.06
N LYS B 271 47.18 6.62 7.76
CA LYS B 271 46.52 5.84 6.74
C LYS B 271 45.25 5.15 7.25
N CYS B 272 45.03 5.12 8.56
CA CYS B 272 43.85 4.50 9.14
C CYS B 272 42.69 5.49 9.04
N ARG B 273 41.90 5.37 7.98
CA ARG B 273 40.84 6.32 7.70
C ARG B 273 39.47 5.89 8.23
N MET B 274 39.35 4.66 8.74
CA MET B 274 38.08 4.16 9.24
C MET B 274 38.23 3.66 10.67
N VAL B 275 37.25 3.95 11.51
CA VAL B 275 37.21 3.45 12.88
C VAL B 275 35.81 2.88 13.14
N THR B 276 35.75 1.95 14.08
CA THR B 276 34.47 1.38 14.50
C THR B 276 34.58 1.04 15.98
N PHE B 277 33.66 1.57 16.80
CA PHE B 277 33.80 1.45 18.24
C PHE B 277 32.43 1.60 18.89
N SER B 278 32.35 1.15 20.14
CA SER B 278 31.13 1.29 20.92
C SER B 278 31.03 2.70 21.50
N LYS B 279 29.80 3.17 21.66
CA LYS B 279 29.55 4.52 22.13
C LYS B 279 29.46 4.63 23.65
N SER B 280 29.71 3.54 24.37
CA SER B 280 29.62 3.56 25.83
C SER B 280 30.80 2.94 26.55
N ARG B 281 31.58 2.06 25.90
CA ARG B 281 32.66 1.36 26.58
C ARG B 281 33.91 1.32 25.72
N THR B 282 34.25 2.44 25.10
CA THR B 282 35.46 2.47 24.27
C THR B 282 36.32 3.69 24.58
N LEU B 283 35.70 4.79 25.02
CA LEU B 283 36.42 6.02 25.28
C LEU B 283 35.88 6.69 26.53
N VAL B 284 36.79 7.22 27.35
CA VAL B 284 36.45 8.00 28.51
C VAL B 284 37.22 9.31 28.46
N THR B 285 36.54 10.42 28.71
CA THR B 285 37.15 11.73 28.75
C THR B 285 36.87 12.38 30.10
N VAL B 286 37.88 13.06 30.63
CA VAL B 286 37.80 13.70 31.94
C VAL B 286 38.18 15.16 31.79
N GLU B 287 37.35 16.05 32.35
CA GLU B 287 37.55 17.49 32.26
C GLU B 287 38.01 17.99 33.62
N ALA B 288 39.32 18.26 33.73
CA ALA B 288 39.87 18.77 34.98
C ALA B 288 39.42 20.20 35.24
N LYS B 289 39.42 21.03 34.20
CA LYS B 289 39.04 22.43 34.33
C LYS B 289 38.02 22.77 33.24
N PRO B 290 36.90 23.39 33.60
CA PRO B 290 35.92 23.79 32.58
C PRO B 290 36.41 24.95 31.72
N PHE B 291 35.57 25.41 30.80
CA PHE B 291 35.93 26.52 29.93
C PHE B 291 35.94 27.81 30.72
N THR B 292 37.13 28.34 30.99
CA THR B 292 37.30 29.60 31.71
C THR B 292 37.98 30.60 30.79
N SER B 293 37.44 31.81 30.73
CA SER B 293 37.96 32.86 29.87
C SER B 293 38.41 34.05 30.72
N ARG B 294 39.59 34.58 30.41
CA ARG B 294 40.14 35.73 31.10
C ARG B 294 40.68 36.71 30.06
N ILE B 295 40.86 37.95 30.49
CA ILE B 295 41.35 39.02 29.62
C ILE B 295 42.64 39.58 30.21
N TRP B 296 43.70 39.56 29.42
CA TRP B 296 44.96 40.20 29.76
C TRP B 296 45.04 41.58 29.14
N ASP B 297 45.34 42.59 29.95
CA ASP B 297 45.63 43.94 29.44
C ASP B 297 47.12 43.98 29.11
N ASP B 298 47.46 43.39 27.97
CA ASP B 298 48.85 43.26 27.56
C ASP B 298 49.42 44.64 27.24
N GLU B 299 50.28 45.15 28.12
CA GLU B 299 50.96 46.41 27.85
C GLU B 299 51.82 46.30 26.61
N GLN B 300 52.55 45.20 26.47
CA GLN B 300 53.32 44.94 25.27
C GLN B 300 52.38 44.76 24.08
N ASN B 301 52.81 45.23 22.92
CA ASN B 301 52.09 45.17 21.64
C ASN B 301 50.81 45.99 21.63
N PHE B 302 50.48 46.68 22.72
CA PHE B 302 49.32 47.57 22.78
C PHE B 302 48.03 46.85 22.39
N ALA B 303 47.89 45.61 22.85
CA ALA B 303 46.74 44.79 22.53
C ALA B 303 46.11 44.24 23.80
N ASN B 304 44.82 43.93 23.72
CA ASN B 304 44.07 43.32 24.82
C ASN B 304 43.77 41.88 24.39
N VAL B 305 44.69 40.98 24.71
CA VAL B 305 44.53 39.59 24.29
C VAL B 305 43.46 38.92 25.15
N LEU B 306 42.52 38.26 24.49
CA LEU B 306 41.44 37.54 25.15
C LEU B 306 41.60 36.06 24.88
N ASP B 307 41.60 35.25 25.93
CA ASP B 307 41.82 33.82 25.80
C ASP B 307 40.91 33.04 26.74
N CYS B 308 40.39 31.92 26.24
CA CYS B 308 39.61 30.99 27.03
C CYS B 308 40.36 29.66 27.08
N TYR B 309 40.52 29.11 28.28
CA TYR B 309 41.32 27.92 28.47
C TYR B 309 40.57 26.89 29.30
N ALA B 310 40.88 25.62 29.06
CA ALA B 310 40.29 24.53 29.82
C ALA B 310 41.26 23.35 29.82
N MET B 311 41.11 22.50 30.84
CA MET B 311 41.94 21.31 31.00
C MET B 311 41.06 20.08 30.86
N TYR B 312 41.42 19.19 29.94
CA TYR B 312 40.73 17.93 29.79
C TYR B 312 41.67 16.91 29.18
N GLN B 313 41.36 15.63 29.41
CA GLN B 313 42.15 14.54 28.87
C GLN B 313 41.21 13.38 28.53
N VAL B 314 41.51 12.70 27.43
CA VAL B 314 40.71 11.57 26.96
C VAL B 314 41.49 10.28 27.20
N GLY B 315 40.77 9.26 27.65
CA GLY B 315 41.37 7.96 27.88
C GLY B 315 40.62 6.87 27.15
N GLU B 316 41.37 5.89 26.66
CA GLU B 316 40.81 4.81 25.85
C GLU B 316 40.61 3.58 26.73
N ARG B 317 39.56 3.62 27.55
CA ARG B 317 39.17 2.45 28.31
C ARG B 317 38.63 1.38 27.36
N ARG B 318 39.03 0.13 27.60
CA ARG B 318 38.66 -1.00 26.75
C ARG B 318 39.11 -0.77 25.31
N PRO B 319 40.41 -0.79 25.02
CA PRO B 319 40.87 -0.61 23.64
C PRO B 319 40.55 -1.77 22.72
N ASP B 320 39.97 -2.84 23.24
CA ASP B 320 39.58 -4.00 22.43
C ASP B 320 38.20 -3.84 21.83
N THR B 321 37.50 -2.75 22.11
CA THR B 321 36.19 -2.49 21.54
C THR B 321 36.23 -1.51 20.37
N ALA B 322 37.43 -1.24 19.84
CA ALA B 322 37.59 -0.35 18.70
C ALA B 322 38.36 -1.08 17.59
N ALA B 323 37.81 -1.04 16.38
CA ALA B 323 38.45 -1.64 15.22
C ALA B 323 38.66 -0.56 14.17
N VAL B 324 39.84 -0.55 13.57
CA VAL B 324 40.20 0.44 12.56
C VAL B 324 40.61 -0.28 11.29
N VAL B 325 40.57 0.47 10.18
CA VAL B 325 40.98 -0.03 8.88
C VAL B 325 42.10 0.86 8.37
N LYS B 326 43.25 0.26 8.06
CA LYS B 326 44.41 0.98 7.57
C LYS B 326 44.48 0.80 6.06
N PHE B 327 43.90 1.73 5.33
CA PHE B 327 43.96 1.70 3.87
C PHE B 327 45.39 2.00 3.42
N ASN B 328 45.89 1.20 2.47
CA ASN B 328 47.26 1.35 2.00
C ASN B 328 47.33 1.03 0.52
N GLU B 329 48.39 1.53 -0.12
CA GLU B 329 48.67 1.28 -1.53
C GLU B 329 47.52 1.75 -2.42
N ALA B 330 47.53 1.29 -3.67
CA ALA B 330 46.48 1.66 -4.63
C ALA B 330 46.35 0.60 -5.70
N GLU C 27 0.54 60.52 -0.05
CA GLU C 27 0.59 59.55 -1.13
C GLU C 27 1.98 58.93 -1.24
N VAL C 28 2.22 57.89 -0.45
CA VAL C 28 3.49 57.18 -0.43
C VAL C 28 3.32 55.85 -1.15
N TYR C 29 3.96 55.71 -2.30
CA TYR C 29 3.94 54.46 -3.05
C TYR C 29 5.09 53.56 -2.63
N GLN C 30 5.87 53.96 -1.63
CA GLN C 30 7.08 53.23 -1.27
C GLN C 30 6.79 51.79 -0.89
N ASN C 31 5.59 51.52 -0.37
CA ASN C 31 5.21 50.15 -0.08
C ASN C 31 5.21 49.29 -1.33
N GLU C 32 4.69 49.83 -2.44
CA GLU C 32 4.67 49.08 -3.69
C GLU C 32 6.07 48.72 -4.14
N VAL C 33 7.01 49.66 -4.01
CA VAL C 33 8.40 49.36 -4.33
C VAL C 33 9.00 48.42 -3.30
N ASP C 34 8.73 48.66 -2.01
CA ASP C 34 9.37 47.89 -0.95
C ASP C 34 8.82 46.47 -0.88
N THR C 35 7.49 46.32 -0.94
CA THR C 35 6.88 45.01 -0.72
C THR C 35 7.35 44.00 -1.76
N ARG C 36 7.41 44.42 -3.04
CA ARG C 36 7.91 43.51 -4.06
C ARG C 36 9.40 43.26 -3.91
N PHE C 37 10.13 44.22 -3.35
CA PHE C 37 11.57 44.03 -3.14
C PHE C 37 11.83 42.87 -2.19
N GLN C 38 11.12 42.81 -1.06
CA GLN C 38 11.23 41.64 -0.19
C GLN C 38 10.67 40.41 -0.87
N TYR C 39 9.65 40.58 -1.72
CA TYR C 39 9.01 39.44 -2.36
C TYR C 39 9.89 38.84 -3.45
N GLN C 40 10.78 39.62 -4.05
CA GLN C 40 11.57 39.14 -5.18
C GLN C 40 13.04 38.95 -4.87
N ALA C 41 13.63 39.78 -4.00
CA ALA C 41 15.06 39.68 -3.71
C ALA C 41 15.35 38.37 -2.99
N MET C 42 16.01 37.45 -3.69
CA MET C 42 16.36 36.17 -3.10
C MET C 42 17.35 36.32 -1.97
N PHE C 43 18.31 37.24 -2.12
CA PHE C 43 19.44 37.36 -1.21
C PHE C 43 19.11 38.15 0.06
N LEU C 44 17.84 38.37 0.37
CA LEU C 44 17.51 39.02 1.63
C LEU C 44 17.70 38.08 2.82
N GLY C 45 17.80 36.78 2.57
CA GLY C 45 18.04 35.82 3.64
C GLY C 45 19.27 34.97 3.38
N LEU C 46 19.80 35.06 2.16
CA LEU C 46 21.00 34.33 1.77
C LEU C 46 22.27 35.13 2.02
N SER C 47 22.17 36.32 2.59
CA SER C 47 23.32 37.16 2.87
C SER C 47 23.11 37.87 4.19
N SER C 48 24.21 38.31 4.79
CA SER C 48 24.16 39.01 6.07
C SER C 48 23.77 40.47 5.83
N GLN C 49 22.70 40.90 6.49
CA GLN C 49 22.20 42.27 6.33
C GLN C 49 22.84 43.16 7.40
N ARG C 50 23.57 44.19 6.96
CA ARG C 50 24.23 45.12 7.85
C ARG C 50 23.97 46.55 7.37
N SER C 51 24.16 47.49 8.29
CA SER C 51 23.97 48.91 7.99
C SER C 51 25.15 49.70 8.53
N VAL C 52 25.62 50.66 7.75
CA VAL C 52 26.73 51.51 8.16
C VAL C 52 26.21 52.59 9.10
N ALA C 53 26.84 52.70 10.27
CA ALA C 53 26.42 53.67 11.28
C ALA C 53 27.18 54.98 11.17
N ASP C 54 28.45 54.94 10.78
CA ASP C 54 29.24 56.15 10.65
C ASP C 54 28.79 56.95 9.44
N ARG C 55 29.10 58.26 9.48
CA ARG C 55 28.76 59.12 8.35
C ARG C 55 29.47 58.67 7.08
N SER C 56 30.74 58.31 7.20
CA SER C 56 31.46 57.75 6.05
C SER C 56 30.87 56.40 5.67
N ASN C 57 30.68 56.20 4.36
CA ASN C 57 30.06 54.98 3.85
C ASN C 57 31.12 53.90 3.67
N THR C 58 31.67 53.46 4.80
CA THR C 58 32.65 52.39 4.83
C THR C 58 32.33 51.45 5.97
N TYR C 59 32.50 50.15 5.72
CA TYR C 59 32.23 49.12 6.70
C TYR C 59 33.52 48.37 7.02
N ARG C 60 33.87 48.29 8.30
CA ARG C 60 35.05 47.59 8.77
C ARG C 60 34.59 46.25 9.36
N ILE C 61 34.87 45.16 8.65
CA ILE C 61 34.50 43.82 9.08
C ILE C 61 35.75 42.96 9.14
N ASP C 62 35.87 42.17 10.20
CA ASP C 62 37.04 41.33 10.41
C ASP C 62 37.01 40.11 9.50
N ARG C 63 38.20 39.59 9.22
CA ARG C 63 38.34 38.42 8.36
C ARG C 63 38.69 37.14 9.11
N LEU C 64 39.21 37.26 10.34
CA LEU C 64 39.56 36.10 11.19
C LEU C 64 40.58 35.20 10.50
N ASN C 65 41.79 35.75 10.35
CA ASN C 65 42.84 35.06 9.62
C ASN C 65 43.20 33.73 10.27
N THR C 66 43.33 33.70 11.59
CA THR C 66 43.72 32.47 12.28
C THR C 66 43.44 32.60 13.77
N SER C 67 42.80 31.58 14.34
CA SER C 67 42.56 31.49 15.77
C SER C 67 42.79 30.06 16.26
N SER C 68 43.90 29.47 15.83
CA SER C 68 44.15 28.05 16.09
C SER C 68 44.41 27.81 17.58
N VAL C 69 44.30 26.53 17.97
CA VAL C 69 44.53 26.11 19.34
C VAL C 69 46.03 25.95 19.58
N LYS C 70 46.53 26.55 20.66
CA LYS C 70 47.90 26.35 21.10
C LYS C 70 47.89 25.54 22.38
N GLY C 71 48.66 24.45 22.38
CA GLY C 71 48.70 23.57 23.54
C GLY C 71 50.08 23.42 24.13
N ARG C 72 50.90 24.46 23.99
CA ARG C 72 52.26 24.42 24.52
C ARG C 72 52.31 24.50 26.03
N THR C 73 51.20 24.80 26.70
CA THR C 73 51.17 24.95 28.15
C THR C 73 51.23 23.55 28.78
N SER C 74 52.44 22.97 28.74
CA SER C 74 52.68 21.65 29.29
C SER C 74 54.00 21.60 30.06
N GLY C 75 54.38 22.69 30.69
CA GLY C 75 55.63 22.79 31.41
C GLY C 75 56.75 23.45 30.62
N VAL C 76 56.60 23.61 29.32
CA VAL C 76 57.59 24.26 28.48
C VAL C 76 57.14 25.69 28.25
N ALA C 77 58.10 26.56 27.93
CA ALA C 77 57.80 27.96 27.69
C ALA C 77 56.85 28.12 26.52
N LEU C 78 55.80 28.94 26.72
CA LEU C 78 54.84 29.20 25.66
C LEU C 78 55.47 29.97 24.51
N GLU C 79 54.98 29.72 23.31
CA GLU C 79 55.48 30.40 22.12
C GLU C 79 54.74 31.72 21.95
N PRO C 80 55.42 32.87 22.04
CA PRO C 80 54.73 34.16 21.93
C PRO C 80 54.46 34.62 20.50
N THR C 81 54.60 33.75 19.52
CA THR C 81 54.44 34.16 18.12
C THR C 81 52.98 34.47 17.81
N PRO C 82 52.64 35.70 17.44
CA PRO C 82 51.25 36.00 17.11
C PRO C 82 50.97 35.91 15.61
N VAL C 83 49.70 35.95 15.23
CA VAL C 83 49.29 36.07 13.84
C VAL C 83 48.22 37.14 13.75
N ARG C 84 48.38 38.07 12.81
CA ARG C 84 47.43 39.16 12.65
C ARG C 84 46.25 38.71 11.79
N ASN C 85 45.17 39.48 11.88
CA ASN C 85 43.97 39.24 11.09
C ASN C 85 43.69 40.45 10.21
N ASP C 86 43.56 40.21 8.91
CA ASP C 86 43.27 41.30 7.98
C ASP C 86 41.86 41.84 8.20
N LYS C 87 41.69 43.13 7.94
CA LYS C 87 40.41 43.80 8.08
C LYS C 87 40.02 44.36 6.72
N MET C 88 39.20 43.62 5.97
CA MET C 88 38.77 44.06 4.66
C MET C 88 37.85 45.28 4.77
N LEU C 89 37.91 46.14 3.76
CA LEU C 89 37.14 47.38 3.74
C LEU C 89 36.27 47.41 2.49
N ILE C 90 34.99 47.72 2.68
CA ILE C 90 34.04 47.91 1.59
C ILE C 90 33.46 49.31 1.71
N VAL C 91 33.46 50.04 0.58
CA VAL C 91 33.02 51.42 0.54
C VAL C 91 31.76 51.52 -0.31
N VAL C 92 30.75 52.22 0.20
CA VAL C 92 29.48 52.40 -0.51
C VAL C 92 29.61 53.70 -1.29
N ASP C 93 30.02 53.60 -2.55
CA ASP C 93 30.23 54.76 -3.41
C ASP C 93 29.06 54.98 -4.37
N THR C 94 28.75 54.00 -5.20
CA THR C 94 27.72 54.17 -6.22
C THR C 94 26.33 54.19 -5.59
N VAL C 95 25.47 55.06 -6.10
CA VAL C 95 24.07 55.14 -5.70
C VAL C 95 23.20 54.71 -6.88
N LEU C 96 22.22 53.86 -6.61
CA LEU C 96 21.34 53.32 -7.64
C LEU C 96 19.98 54.00 -7.52
N TYR C 97 19.43 54.43 -8.66
CA TYR C 97 18.21 55.22 -8.66
C TYR C 97 17.38 54.91 -9.90
N ILE C 98 16.09 55.21 -9.79
CA ILE C 98 15.15 55.18 -10.91
C ILE C 98 14.54 56.56 -11.03
N ARG C 99 14.62 57.15 -12.22
CA ARG C 99 14.07 58.48 -12.48
C ARG C 99 12.92 58.35 -13.47
N ASN C 100 11.79 58.96 -13.14
CA ASN C 100 10.56 58.83 -13.93
C ASN C 100 10.01 60.19 -14.27
N PRO C 101 10.15 60.66 -15.52
CA PRO C 101 9.57 61.95 -15.90
C PRO C 101 8.06 61.87 -16.06
N ILE C 102 7.33 62.50 -15.14
CA ILE C 102 5.87 62.49 -15.14
C ILE C 102 5.40 63.88 -15.56
N ASP C 103 4.71 63.95 -16.70
CA ASP C 103 4.31 65.23 -17.26
C ASP C 103 3.24 65.89 -16.39
N TYR C 104 3.07 67.20 -16.59
CA TYR C 104 2.16 67.97 -15.76
C TYR C 104 0.71 67.49 -15.92
N GLN C 105 0.26 67.33 -17.17
CA GLN C 105 -1.13 66.93 -17.39
C GLN C 105 -1.39 65.51 -16.91
N ASP C 106 -0.40 64.62 -17.04
CA ASP C 106 -0.54 63.27 -16.52
C ASP C 106 -0.57 63.31 -15.00
N ASP C 107 -1.45 62.49 -14.42
CA ASP C 107 -1.62 62.44 -12.97
C ASP C 107 -0.84 61.26 -12.40
N TRP C 108 0.03 61.55 -11.44
CA TRP C 108 0.83 60.51 -10.79
C TRP C 108 0.22 60.01 -9.49
N THR C 109 -0.47 60.87 -8.74
CA THR C 109 -1.10 60.45 -7.50
C THR C 109 -2.28 59.50 -7.72
N ALA C 110 -2.73 59.35 -8.96
CA ALA C 110 -3.83 58.44 -9.24
C ALA C 110 -3.39 56.99 -9.02
N PRO C 111 -4.30 56.13 -8.56
CA PRO C 111 -3.94 54.72 -8.36
C PRO C 111 -3.70 53.98 -9.65
N ASP C 112 -3.49 52.67 -9.56
CA ASP C 112 -3.23 51.81 -10.71
C ASP C 112 -1.91 52.17 -11.39
N PHE C 113 -1.82 53.36 -11.97
CA PHE C 113 -0.58 53.80 -12.60
C PHE C 113 0.55 53.88 -11.59
N LEU C 114 0.29 54.45 -10.42
CA LEU C 114 1.29 54.49 -9.36
C LEU C 114 1.62 53.09 -8.87
N THR C 115 0.61 52.24 -8.73
CA THR C 115 0.83 50.89 -8.22
C THR C 115 1.69 50.07 -9.18
N GLU C 116 1.34 50.08 -10.48
CA GLU C 116 2.10 49.28 -11.43
C GLU C 116 3.51 49.80 -11.61
N MET C 117 3.71 51.11 -11.51
CA MET C 117 5.05 51.67 -11.69
C MET C 117 5.95 51.31 -10.52
N GLY C 118 5.41 51.34 -9.30
CA GLY C 118 6.20 50.95 -8.14
C GLY C 118 6.61 49.49 -8.19
N GLN C 119 5.72 48.62 -8.67
CA GLN C 119 6.05 47.20 -8.78
C GLN C 119 7.19 46.98 -9.76
N ASN C 120 7.17 47.67 -10.89
CA ASN C 120 8.26 47.55 -11.85
C ASN C 120 9.58 48.01 -11.25
N ASN C 121 9.56 49.13 -10.52
CA ASN C 121 10.78 49.61 -9.87
C ASN C 121 11.30 48.62 -8.84
N GLY C 122 10.40 48.05 -8.04
CA GLY C 122 10.83 47.07 -7.06
C GLY C 122 11.40 45.82 -7.71
N SER C 123 10.77 45.35 -8.78
CA SER C 123 11.30 44.17 -9.48
C SER C 123 12.67 44.46 -10.08
N GLU C 124 12.84 45.65 -10.67
CA GLU C 124 14.15 46.02 -11.21
C GLU C 124 15.20 46.09 -10.12
N PHE C 125 14.85 46.68 -8.98
CA PHE C 125 15.80 46.78 -7.87
C PHE C 125 16.20 45.42 -7.34
N ALA C 126 15.23 44.51 -7.19
CA ALA C 126 15.54 43.16 -6.73
C ALA C 126 16.40 42.42 -7.75
N GLU C 127 16.11 42.61 -9.04
CA GLU C 127 16.93 41.97 -10.07
C GLU C 127 18.36 42.47 -10.00
N VAL C 128 18.56 43.78 -9.81
CA VAL C 128 19.91 44.31 -9.71
C VAL C 128 20.61 43.82 -8.45
N PHE C 129 19.86 43.71 -7.34
CA PHE C 129 20.40 43.18 -6.10
C PHE C 129 20.95 41.78 -6.30
N ASP C 130 20.12 40.88 -6.85
CA ASP C 130 20.56 39.51 -7.09
C ASP C 130 21.68 39.45 -8.10
N GLN C 131 21.62 40.30 -9.14
CA GLN C 131 22.67 40.32 -10.15
C GLN C 131 24.01 40.73 -9.55
N ALA C 132 24.01 41.73 -8.67
CA ALA C 132 25.24 42.15 -8.00
C ALA C 132 25.79 41.05 -7.12
N HIS C 133 24.91 40.35 -6.38
CA HIS C 133 25.38 39.25 -5.55
C HIS C 133 26.01 38.15 -6.38
N LEU C 134 25.36 37.75 -7.48
CA LEU C 134 25.95 36.75 -8.37
C LEU C 134 27.27 37.24 -8.95
N ILE C 135 27.34 38.52 -9.32
CA ILE C 135 28.59 39.07 -9.83
C ILE C 135 29.69 38.87 -8.81
N GLN C 136 29.42 39.20 -7.55
CA GLN C 136 30.42 39.01 -6.50
C GLN C 136 30.83 37.54 -6.38
N LEU C 137 29.86 36.63 -6.36
CA LEU C 137 30.20 35.22 -6.16
C LEU C 137 31.04 34.66 -7.30
N ILE C 138 30.61 34.85 -8.55
CA ILE C 138 31.41 34.33 -9.66
C ILE C 138 32.74 35.04 -9.78
N LYS C 139 32.80 36.36 -9.56
CA LYS C 139 34.09 37.04 -9.64
C LYS C 139 35.03 36.63 -8.52
N GLY C 140 34.51 36.14 -7.40
CA GLY C 140 35.37 35.70 -6.32
C GLY C 140 35.75 34.24 -6.39
N ARG C 141 36.05 33.75 -7.60
CA ARG C 141 36.49 32.37 -7.77
C ARG C 141 38.00 32.23 -7.91
N SER C 142 38.69 33.29 -8.33
CA SER C 142 40.14 33.28 -8.47
C SER C 142 40.81 34.02 -7.33
N TRP C 143 40.16 34.05 -6.16
CA TRP C 143 40.68 34.77 -5.01
C TRP C 143 41.85 34.02 -4.38
N VAL C 144 43.06 34.35 -4.78
CA VAL C 144 44.25 33.73 -4.20
C VAL C 144 44.42 34.26 -2.79
N ALA C 145 44.30 33.39 -1.79
CA ALA C 145 44.43 33.81 -0.41
C ALA C 145 45.85 34.25 -0.12
N PRO C 146 46.05 35.36 0.58
CA PRO C 146 47.40 35.80 0.92
C PRO C 146 48.06 34.83 1.89
N ALA C 147 49.40 34.76 1.81
CA ALA C 147 50.15 33.90 2.70
C ALA C 147 50.01 34.32 4.16
N HIS C 148 49.61 35.57 4.41
CA HIS C 148 49.41 36.05 5.77
C HIS C 148 48.26 35.36 6.47
N LEU C 149 47.37 34.69 5.73
CA LEU C 149 46.18 34.10 6.33
C LEU C 149 45.87 32.71 5.77
N LYS C 150 46.83 32.06 5.10
CA LYS C 150 46.61 30.72 4.57
C LYS C 150 46.22 29.68 5.63
N PRO C 151 46.84 29.63 6.83
CA PRO C 151 46.50 28.57 7.80
C PRO C 151 45.02 28.22 7.93
N ALA C 152 44.18 29.22 8.19
CA ALA C 152 42.76 28.99 8.41
C ALA C 152 41.90 29.41 7.23
N PHE C 153 42.49 29.64 6.06
CA PHE C 153 41.76 30.06 4.87
C PHE C 153 42.20 29.21 3.69
N SER C 154 41.58 29.46 2.54
CA SER C 154 41.95 28.81 1.30
C SER C 154 41.45 29.66 0.14
N ASP C 155 42.04 29.43 -1.03
CA ASP C 155 41.62 30.14 -2.22
C ASP C 155 40.29 29.60 -2.72
N GLY C 156 39.64 30.36 -3.59
CA GLY C 156 38.40 29.92 -4.19
C GLY C 156 38.61 28.76 -5.16
N ILE C 157 37.52 28.07 -5.46
CA ILE C 157 37.55 26.91 -6.33
C ILE C 157 36.81 27.24 -7.62
N GLU C 158 37.42 26.85 -8.74
CA GLU C 158 36.89 27.20 -10.06
C GLU C 158 36.71 25.95 -10.92
N ILE C 159 36.08 24.91 -10.37
CA ILE C 159 35.90 23.66 -11.09
C ILE C 159 35.13 23.90 -12.38
N GLU C 160 35.54 23.21 -13.44
CA GLU C 160 34.95 23.37 -14.76
C GLU C 160 34.14 22.15 -15.14
N ALA C 161 33.33 22.30 -16.19
CA ALA C 161 32.51 21.21 -16.69
C ALA C 161 32.35 21.37 -18.20
N THR C 162 32.01 20.26 -18.86
CA THR C 162 31.85 20.23 -20.31
C THR C 162 30.48 19.61 -20.62
N ILE C 163 29.50 20.46 -20.88
CA ILE C 163 28.13 20.03 -21.19
C ILE C 163 27.74 20.54 -22.56
N ASP C 164 27.23 19.64 -23.40
CA ASP C 164 26.79 19.99 -24.74
C ASP C 164 25.33 20.44 -24.66
N SER C 165 25.11 21.76 -24.69
CA SER C 165 23.76 22.29 -24.58
C SER C 165 22.91 21.88 -25.78
N ASP C 166 23.48 21.94 -26.99
CA ASP C 166 22.75 21.59 -28.20
C ASP C 166 22.83 20.08 -28.43
N VAL C 167 22.14 19.35 -27.56
CA VAL C 167 22.07 17.89 -27.63
C VAL C 167 20.62 17.45 -27.65
N THR C 168 20.28 16.56 -28.59
CA THR C 168 18.92 16.06 -28.72
C THR C 168 18.80 14.56 -28.46
N THR C 169 19.88 13.80 -28.61
CA THR C 169 19.81 12.36 -28.37
C THR C 169 19.60 12.06 -26.89
N GLN C 170 19.00 10.90 -26.62
CA GLN C 170 18.78 10.48 -25.24
C GLN C 170 20.11 10.29 -24.51
N ALA C 171 21.09 9.68 -25.18
CA ALA C 171 22.40 9.51 -24.57
C ALA C 171 23.06 10.85 -24.29
N GLY C 172 22.93 11.80 -25.22
CA GLY C 172 23.50 13.12 -25.00
C GLY C 172 22.87 13.84 -23.83
N MET C 173 21.55 13.71 -23.68
CA MET C 173 20.88 14.32 -22.54
C MET C 173 21.36 13.72 -21.22
N GLU C 174 21.54 12.39 -21.20
CA GLU C 174 22.06 11.74 -19.99
C GLU C 174 23.51 12.15 -19.72
N ALA C 175 24.30 12.32 -20.78
CA ALA C 175 25.71 12.69 -20.61
C ALA C 175 25.85 14.05 -19.96
N ASN C 176 25.00 15.01 -20.35
CA ASN C 176 25.03 16.32 -19.71
C ASN C 176 24.62 16.23 -18.25
N ALA C 177 23.57 15.45 -17.95
CA ALA C 177 23.08 15.36 -16.58
C ALA C 177 24.12 14.73 -15.66
N ILE C 178 24.77 13.66 -16.10
CA ILE C 178 25.76 13.00 -15.26
C ILE C 178 26.97 13.90 -15.05
N ALA C 179 27.36 14.65 -16.09
CA ALA C 179 28.47 15.58 -15.94
C ALA C 179 28.14 16.69 -14.94
N ILE C 180 26.92 17.23 -15.02
CA ILE C 180 26.50 18.26 -14.07
C ILE C 180 26.47 17.70 -12.66
N ASN C 181 25.95 16.48 -12.48
CA ASN C 181 25.91 15.86 -11.17
C ASN C 181 27.32 15.61 -10.63
N GLN C 182 28.24 15.17 -11.49
CA GLN C 182 29.62 14.95 -11.06
C GLN C 182 30.27 16.25 -10.64
N ALA C 183 30.06 17.33 -11.39
CA ALA C 183 30.64 18.62 -11.02
C ALA C 183 30.07 19.10 -9.69
N HIS C 184 28.75 18.97 -9.51
CA HIS C 184 28.14 19.38 -8.25
C HIS C 184 28.65 18.55 -7.08
N LYS C 185 28.81 17.24 -7.30
CA LYS C 185 29.33 16.37 -6.24
C LYS C 185 30.74 16.75 -5.86
N ALA C 186 31.61 17.00 -6.86
CA ALA C 186 32.98 17.40 -6.55
C ALA C 186 33.00 18.72 -5.80
N GLY C 187 32.19 19.69 -6.23
CA GLY C 187 32.16 20.97 -5.54
C GLY C 187 31.68 20.85 -4.11
N ILE C 188 30.61 20.09 -3.88
CA ILE C 188 30.08 19.98 -2.53
C ILE C 188 31.04 19.20 -1.65
N ASP C 189 31.71 18.18 -2.18
CA ASP C 189 32.72 17.46 -1.40
C ASP C 189 33.87 18.38 -1.01
N GLU C 190 34.36 19.17 -1.98
CA GLU C 190 35.46 20.08 -1.69
C GLU C 190 35.06 21.09 -0.63
N LEU C 191 33.86 21.63 -0.72
CA LEU C 191 33.44 22.65 0.24
C LEU C 191 33.12 22.03 1.60
N ILE C 192 32.73 20.75 1.63
CA ILE C 192 32.61 20.03 2.89
C ILE C 192 33.97 19.86 3.54
N LYS C 193 35.01 19.56 2.76
CA LYS C 193 36.35 19.40 3.33
C LYS C 193 36.81 20.64 4.08
N ARG C 194 36.27 21.81 3.76
CA ARG C 194 36.61 23.05 4.43
C ARG C 194 35.71 23.33 5.65
N LYS C 195 35.09 22.28 6.20
CA LYS C 195 34.36 22.35 7.47
C LYS C 195 33.21 23.36 7.40
N VAL C 196 32.26 23.07 6.52
CA VAL C 196 31.03 23.83 6.39
C VAL C 196 29.85 22.86 6.57
N PRO C 197 28.96 23.09 7.53
CA PRO C 197 27.85 22.15 7.74
C PRO C 197 26.93 22.11 6.53
N LEU C 198 26.33 20.93 6.31
CA LEU C 198 25.48 20.73 5.15
C LEU C 198 24.13 21.41 5.27
N ASN C 199 23.72 21.76 6.49
CA ASN C 199 22.39 22.36 6.67
C ASN C 199 22.31 23.74 6.02
N ASP C 200 23.38 24.53 6.14
CA ASP C 200 23.41 25.86 5.55
C ASP C 200 24.13 25.77 4.20
N MET C 201 23.38 25.32 3.20
CA MET C 201 23.95 25.11 1.87
C MET C 201 22.88 25.42 0.83
N ILE C 202 23.25 26.21 -0.17
CA ILE C 202 22.38 26.51 -1.30
C ILE C 202 23.19 26.43 -2.58
N THR C 203 22.63 25.80 -3.59
CA THR C 203 23.19 25.78 -4.94
C THR C 203 22.26 26.54 -5.87
N LEU C 204 22.79 27.55 -6.54
CA LEU C 204 22.02 28.36 -7.48
C LEU C 204 22.44 28.00 -8.90
N VAL C 205 21.45 27.75 -9.76
CA VAL C 205 21.69 27.31 -11.13
C VAL C 205 20.98 28.25 -12.09
N SER C 206 21.48 28.29 -13.32
CA SER C 206 20.82 29.03 -14.38
C SER C 206 19.59 28.27 -14.86
N THR C 207 18.75 28.98 -15.62
CA THR C 207 17.54 28.36 -16.15
C THR C 207 17.88 27.21 -17.09
N GLU C 208 18.88 27.39 -17.96
CA GLU C 208 19.25 26.33 -18.88
C GLU C 208 19.80 25.12 -18.14
N ILE C 209 20.61 25.34 -17.10
CA ILE C 209 21.16 24.22 -16.34
C ILE C 209 20.04 23.51 -15.56
N TYR C 210 19.13 24.29 -14.97
CA TYR C 210 18.03 23.70 -14.22
C TYR C 210 17.15 22.84 -15.14
N SER C 211 16.89 23.33 -16.37
CA SER C 211 16.16 22.52 -17.33
C SER C 211 16.95 21.29 -17.74
N LEU C 212 18.27 21.44 -17.89
CA LEU C 212 19.09 20.33 -18.35
C LEU C 212 19.12 19.18 -17.33
N LEU C 213 19.24 19.49 -16.05
CA LEU C 213 19.27 18.44 -15.04
C LEU C 213 17.92 17.76 -14.98
N LEU C 214 17.94 16.43 -14.86
CA LEU C 214 16.72 15.63 -14.91
C LEU C 214 16.28 15.07 -13.57
N GLU C 215 17.20 14.76 -12.66
CA GLU C 215 16.83 14.23 -11.37
C GLU C 215 16.12 15.29 -10.54
N HIS C 216 14.98 14.92 -9.97
CA HIS C 216 14.16 15.82 -9.15
C HIS C 216 13.78 15.11 -7.86
N PRO C 217 14.75 14.90 -6.97
CA PRO C 217 14.49 14.15 -5.73
C PRO C 217 13.70 14.94 -4.69
N LYS C 218 12.38 14.93 -4.83
CA LYS C 218 11.46 15.55 -3.88
C LYS C 218 11.74 17.04 -3.74
N LEU C 219 11.47 17.75 -4.83
CA LEU C 219 11.73 19.18 -4.90
C LEU C 219 11.05 19.92 -3.75
N PHE C 220 11.80 20.79 -3.09
CA PHE C 220 11.32 21.53 -1.94
C PHE C 220 10.42 22.69 -2.38
N ASN C 221 9.71 23.26 -1.40
CA ASN C 221 8.76 24.34 -1.67
C ASN C 221 9.19 25.66 -1.05
N LYS C 222 9.37 25.70 0.28
CA LYS C 222 9.64 26.96 0.95
C LYS C 222 10.72 26.90 2.02
N ASP C 223 11.30 25.73 2.28
CA ASP C 223 12.34 25.62 3.30
C ASP C 223 13.72 26.01 2.78
N TRP C 224 13.86 26.29 1.49
CA TRP C 224 15.12 26.75 0.91
C TRP C 224 15.33 28.20 1.34
N GLY C 225 15.95 28.38 2.49
CA GLY C 225 16.10 29.68 3.10
C GLY C 225 15.18 29.93 4.27
N ASP C 226 14.13 29.12 4.43
CA ASP C 226 13.16 29.19 5.53
C ASP C 226 12.60 30.61 5.60
N ALA C 227 12.59 31.24 6.78
CA ALA C 227 12.00 32.57 6.98
C ALA C 227 10.59 32.65 6.42
N ASN C 228 10.18 33.84 5.99
CA ASN C 228 8.88 34.02 5.34
C ASN C 228 9.03 34.46 3.90
N ALA C 229 9.65 35.63 3.66
CA ALA C 229 9.92 36.15 2.33
C ALA C 229 8.73 35.99 1.38
N ASN C 230 8.83 35.04 0.46
CA ASN C 230 7.79 34.73 -0.51
C ASN C 230 7.55 33.23 -0.53
N GLY C 231 6.51 32.79 0.16
CA GLY C 231 6.22 31.38 0.31
C GLY C 231 6.04 30.62 -0.99
N TYR C 232 6.99 29.72 -1.29
CA TYR C 232 6.94 28.85 -2.47
C TYR C 232 6.78 29.66 -3.75
N LYS C 233 7.49 30.78 -3.85
CA LYS C 233 7.46 31.60 -5.04
C LYS C 233 8.56 31.22 -6.03
N GLU C 234 9.79 31.05 -5.54
CA GLU C 234 10.91 30.76 -6.41
C GLU C 234 10.76 29.38 -7.04
N ARG C 235 11.69 29.06 -7.94
CA ARG C 235 11.66 27.79 -8.65
C ARG C 235 11.79 26.64 -7.66
N ARG C 236 11.28 25.48 -8.07
CA ARG C 236 11.30 24.30 -7.20
C ARG C 236 12.73 23.97 -6.79
N ALA C 237 12.92 23.74 -5.49
CA ALA C 237 14.24 23.47 -4.93
C ALA C 237 14.42 21.96 -4.85
N VAL C 238 14.95 21.37 -5.92
CA VAL C 238 15.23 19.94 -5.92
C VAL C 238 16.34 19.66 -4.93
N LEU C 239 16.14 18.64 -4.09
CA LEU C 239 17.10 18.27 -3.06
C LEU C 239 18.24 17.46 -3.67
N MET C 240 18.97 18.10 -4.58
CA MET C 240 20.06 17.45 -5.28
C MET C 240 21.26 17.31 -4.34
N ASN C 241 21.72 16.07 -4.17
CA ASN C 241 22.87 15.75 -3.33
C ASN C 241 22.68 16.23 -1.89
N GLY C 242 21.43 16.20 -1.41
CA GLY C 242 21.14 16.57 -0.05
C GLY C 242 21.03 18.05 0.22
N ILE C 243 21.22 18.90 -0.78
CA ILE C 243 21.14 20.35 -0.60
C ILE C 243 20.16 20.93 -1.60
N PRO C 244 19.44 22.01 -1.27
CA PRO C 244 18.51 22.60 -2.22
C PRO C 244 19.24 23.17 -3.43
N VAL C 245 18.61 23.07 -4.59
CA VAL C 245 19.10 23.67 -5.82
C VAL C 245 17.99 24.56 -6.38
N VAL C 246 18.27 25.86 -6.47
CA VAL C 246 17.28 26.85 -6.86
C VAL C 246 17.73 27.48 -8.18
N GLU C 247 16.78 27.61 -9.11
CA GLU C 247 17.05 28.25 -10.39
C GLU C 247 16.92 29.76 -10.24
N CYS C 248 18.02 30.47 -10.46
CA CYS C 248 18.03 31.93 -10.38
C CYS C 248 18.11 32.50 -11.79
N THR C 249 17.04 33.15 -12.22
CA THR C 249 17.02 33.74 -13.55
C THR C 249 17.95 34.94 -13.66
N GLU C 250 18.18 35.64 -12.55
CA GLU C 250 19.00 36.84 -12.53
C GLU C 250 20.47 36.43 -12.55
N PHE C 251 20.96 36.10 -13.73
CA PHE C 251 22.35 35.72 -13.93
C PHE C 251 23.03 36.66 -14.91
N PRO C 252 24.34 36.88 -14.77
CA PRO C 252 25.03 37.78 -15.69
C PRO C 252 25.24 37.16 -17.05
N ASP C 253 24.98 37.94 -18.10
CA ASP C 253 25.23 37.52 -19.47
C ASP C 253 26.52 38.12 -20.02
N ALA C 254 26.63 39.45 -20.00
CA ALA C 254 27.80 40.17 -20.48
C ALA C 254 27.64 41.63 -20.08
N GLY C 255 28.55 42.46 -20.58
CA GLY C 255 28.44 43.89 -20.36
C GLY C 255 28.90 44.31 -18.97
N THR C 256 28.36 45.42 -18.50
CA THR C 256 28.74 46.02 -17.23
C THR C 256 27.56 45.94 -16.26
N HIS C 257 27.78 46.47 -15.07
CA HIS C 257 26.75 46.52 -14.04
C HIS C 257 26.66 47.94 -13.48
N PRO C 258 25.45 48.37 -13.13
CA PRO C 258 25.29 49.76 -12.65
C PRO C 258 26.10 50.11 -11.42
N LEU C 259 26.37 49.14 -10.53
CA LEU C 259 27.05 49.44 -9.28
C LEU C 259 28.51 49.87 -9.48
N GLY C 260 29.06 49.70 -10.67
CA GLY C 260 30.39 50.19 -10.94
C GLY C 260 31.09 49.31 -11.96
N SER C 261 32.31 49.73 -12.31
CA SER C 261 33.13 48.98 -13.24
C SER C 261 33.73 47.72 -12.63
N ALA C 262 33.75 47.63 -11.29
CA ALA C 262 34.24 46.43 -10.63
C ALA C 262 33.31 45.25 -10.80
N TYR C 263 32.10 45.45 -11.31
CA TYR C 263 31.11 44.39 -11.49
C TYR C 263 30.87 44.11 -12.98
N THR C 264 31.92 44.18 -13.79
CA THR C 264 31.81 43.95 -15.22
C THR C 264 31.97 42.46 -15.51
N VAL C 265 31.10 41.94 -16.38
CA VAL C 265 31.12 40.53 -16.73
C VAL C 265 32.12 40.30 -17.85
N THR C 266 32.95 39.27 -17.69
CA THR C 266 33.91 38.87 -18.71
C THR C 266 33.39 37.66 -19.48
N ALA C 267 34.14 37.28 -20.51
CA ALA C 267 33.75 36.11 -21.31
C ALA C 267 33.82 34.84 -20.47
N ASP C 268 34.86 34.70 -19.66
CA ASP C 268 34.98 33.52 -18.81
C ASP C 268 33.95 33.54 -17.69
N ASP C 269 33.76 34.70 -17.05
CA ASP C 269 32.81 34.80 -15.95
C ASP C 269 31.37 34.61 -16.40
N ALA C 270 31.09 34.75 -17.70
CA ALA C 270 29.73 34.55 -18.20
C ALA C 270 29.37 33.07 -18.23
N LYS C 271 30.34 32.20 -18.44
CA LYS C 271 30.08 30.77 -18.56
C LYS C 271 29.82 30.11 -17.22
N CYS C 272 30.19 30.74 -16.11
CA CYS C 272 29.99 30.17 -14.78
C CYS C 272 28.54 30.39 -14.38
N ARG C 273 27.78 29.30 -14.25
CA ARG C 273 26.37 29.38 -13.93
C ARG C 273 26.05 28.78 -12.56
N MET C 274 26.40 27.52 -12.33
CA MET C 274 26.03 26.87 -11.08
C MET C 274 27.01 27.25 -9.97
N VAL C 275 26.48 27.76 -8.87
CA VAL C 275 27.28 28.26 -7.76
C VAL C 275 26.72 27.71 -6.45
N THR C 276 27.61 27.29 -5.57
CA THR C 276 27.25 26.77 -4.26
C THR C 276 27.98 27.55 -3.18
N PHE C 277 27.26 27.89 -2.10
CA PHE C 277 27.82 28.73 -1.05
C PHE C 277 27.00 28.54 0.21
N SER C 278 27.33 29.33 1.24
CA SER C 278 26.71 29.24 2.56
C SER C 278 25.87 30.46 2.86
N LYS C 279 24.92 30.29 3.78
CA LYS C 279 24.00 31.36 4.12
C LYS C 279 24.71 32.52 4.81
N SER C 280 25.47 32.22 5.86
CA SER C 280 25.96 33.25 6.77
C SER C 280 27.45 33.52 6.68
N ARG C 281 28.22 32.64 6.03
CA ARG C 281 29.67 32.78 5.99
C ARG C 281 30.18 32.94 4.57
N THR C 282 29.38 33.53 3.69
CA THR C 282 29.82 33.75 2.32
C THR C 282 29.52 35.17 1.84
N LEU C 283 28.50 35.80 2.40
CA LEU C 283 28.06 37.09 1.90
C LEU C 283 27.72 38.02 3.05
N VAL C 284 28.07 39.30 2.90
CA VAL C 284 27.65 40.36 3.79
C VAL C 284 27.27 41.57 2.95
N THR C 285 26.15 42.19 3.30
CA THR C 285 25.63 43.35 2.59
C THR C 285 25.47 44.52 3.55
N VAL C 286 25.87 45.70 3.11
CA VAL C 286 25.78 46.92 3.90
C VAL C 286 24.84 47.89 3.18
N GLU C 287 23.86 48.41 3.91
CA GLU C 287 22.88 49.34 3.38
C GLU C 287 23.15 50.71 4.00
N ALA C 288 23.93 51.53 3.29
CA ALA C 288 24.25 52.86 3.79
C ALA C 288 23.00 53.72 3.93
N LYS C 289 22.11 53.67 2.94
CA LYS C 289 20.86 54.41 2.96
C LYS C 289 19.76 53.50 2.42
N PRO C 290 18.63 53.40 3.12
CA PRO C 290 17.53 52.56 2.62
C PRO C 290 16.82 53.20 1.43
N PHE C 291 15.75 52.57 0.97
CA PHE C 291 14.99 53.10 -0.15
C PHE C 291 14.35 54.43 0.21
N THR C 292 14.64 55.45 -0.59
CA THR C 292 14.06 56.77 -0.41
C THR C 292 13.49 57.26 -1.73
N SER C 293 12.22 57.66 -1.73
CA SER C 293 11.54 58.15 -2.91
C SER C 293 11.31 59.65 -2.77
N ARG C 294 11.65 60.39 -3.82
CA ARG C 294 11.58 61.85 -3.80
C ARG C 294 10.82 62.35 -5.02
N ILE C 295 10.09 63.44 -4.84
CA ILE C 295 9.40 64.14 -5.92
C ILE C 295 9.91 65.58 -5.93
N TRP C 296 10.37 66.04 -7.10
CA TRP C 296 10.84 67.41 -7.25
C TRP C 296 10.33 67.98 -8.56
N ASP C 297 9.77 69.19 -8.49
CA ASP C 297 9.24 69.85 -9.68
C ASP C 297 10.37 70.24 -10.63
N ASP C 298 10.09 70.14 -11.93
CA ASP C 298 11.01 70.56 -12.96
C ASP C 298 10.41 71.75 -13.72
N GLU C 299 11.16 72.84 -13.78
CA GLU C 299 10.67 74.04 -14.47
C GLU C 299 11.11 74.09 -15.92
N GLN C 300 12.38 73.78 -16.21
CA GLN C 300 12.88 73.86 -17.57
C GLN C 300 12.12 72.92 -18.49
N ASN C 301 11.87 71.70 -18.03
CA ASN C 301 11.00 70.76 -18.72
C ASN C 301 9.72 70.60 -17.92
N PHE C 302 8.58 70.71 -18.59
CA PHE C 302 7.30 70.63 -17.90
C PHE C 302 7.01 69.20 -17.49
N ALA C 303 7.45 68.82 -16.28
CA ALA C 303 7.24 67.47 -15.79
C ALA C 303 7.49 67.45 -14.29
N ASN C 304 6.70 66.65 -13.57
CA ASN C 304 6.93 66.39 -12.16
C ASN C 304 7.67 65.06 -12.04
N VAL C 305 8.97 65.12 -12.29
CA VAL C 305 9.79 63.92 -12.37
C VAL C 305 9.89 63.27 -10.99
N LEU C 306 9.73 61.95 -10.95
CA LEU C 306 9.73 61.17 -9.72
C LEU C 306 10.95 60.26 -9.71
N ASP C 307 11.70 60.28 -8.61
CA ASP C 307 12.90 59.46 -8.50
C ASP C 307 12.98 58.80 -7.15
N CYS C 308 13.48 57.56 -7.14
CA CYS C 308 13.72 56.79 -5.93
C CYS C 308 15.11 56.17 -6.00
N TYR C 309 15.84 56.23 -4.88
CA TYR C 309 17.23 55.81 -4.86
C TYR C 309 17.52 55.04 -3.58
N ALA C 310 18.65 54.34 -3.58
CA ALA C 310 19.09 53.58 -2.43
C ALA C 310 20.61 53.45 -2.45
N MET C 311 21.19 53.22 -1.27
CA MET C 311 22.62 53.05 -1.10
C MET C 311 22.88 51.67 -0.51
N TYR C 312 23.66 50.86 -1.22
CA TYR C 312 24.09 49.57 -0.69
C TYR C 312 25.31 49.09 -1.46
N GLN C 313 26.06 48.20 -0.83
CA GLN C 313 27.23 47.58 -1.42
C GLN C 313 27.38 46.18 -0.83
N VAL C 314 27.88 45.26 -1.65
CA VAL C 314 27.99 43.86 -1.27
C VAL C 314 29.46 43.47 -1.18
N GLY C 315 29.82 42.88 -0.04
CA GLY C 315 31.15 42.33 0.16
C GLY C 315 31.06 40.82 0.30
N GLU C 316 31.94 40.13 -0.42
CA GLU C 316 31.91 38.66 -0.48
C GLU C 316 32.94 38.15 0.52
N ARG C 317 32.52 38.07 1.78
CA ARG C 317 33.39 37.59 2.84
C ARG C 317 33.59 36.08 2.72
N ARG C 318 34.78 35.61 3.09
CA ARG C 318 35.15 34.21 3.05
C ARG C 318 34.96 33.64 1.65
N PRO C 319 35.80 34.02 0.68
CA PRO C 319 35.66 33.48 -0.69
C PRO C 319 35.88 31.98 -0.75
N ASP C 320 36.52 31.37 0.26
CA ASP C 320 36.74 29.94 0.25
C ASP C 320 35.47 29.13 0.37
N THR C 321 34.36 29.75 0.75
CA THR C 321 33.08 29.05 0.91
C THR C 321 32.16 29.26 -0.30
N ALA C 322 32.73 29.36 -1.49
CA ALA C 322 31.97 29.50 -2.72
C ALA C 322 32.43 28.46 -3.72
N ALA C 323 31.47 27.82 -4.39
CA ALA C 323 31.76 26.74 -5.34
C ALA C 323 31.05 27.06 -6.66
N VAL C 324 31.79 27.64 -7.60
CA VAL C 324 31.26 27.99 -8.91
C VAL C 324 31.73 26.96 -9.92
N VAL C 325 30.96 26.80 -10.99
CA VAL C 325 31.26 25.84 -12.05
C VAL C 325 31.22 26.56 -13.38
N LYS C 326 32.31 26.46 -14.15
CA LYS C 326 32.43 27.12 -15.46
C LYS C 326 32.15 26.08 -16.54
N PHE C 327 30.89 26.01 -16.97
CA PHE C 327 30.51 25.07 -18.00
C PHE C 327 31.12 25.45 -19.36
N ASN C 328 31.44 24.43 -20.15
CA ASN C 328 31.95 24.62 -21.50
C ASN C 328 31.06 23.86 -22.47
N GLU C 329 30.76 24.50 -23.61
CA GLU C 329 29.86 23.90 -24.59
C GLU C 329 30.49 22.66 -25.23
N ALA C 330 31.62 22.84 -25.89
CA ALA C 330 32.30 21.73 -26.56
C ALA C 330 33.77 22.04 -26.78
N GLU D 27 -29.73 38.31 -10.06
CA GLU D 27 -28.43 38.55 -9.46
C GLU D 27 -27.61 37.26 -9.42
N VAL D 28 -28.30 36.14 -9.21
CA VAL D 28 -27.62 34.84 -9.19
C VAL D 28 -27.00 34.53 -10.55
N TYR D 29 -27.70 34.87 -11.63
CA TYR D 29 -27.16 34.63 -12.96
C TYR D 29 -25.90 35.46 -13.20
N GLN D 30 -25.90 36.72 -12.77
CA GLN D 30 -24.74 37.58 -12.98
C GLN D 30 -23.52 37.05 -12.26
N ASN D 31 -23.69 36.55 -11.03
CA ASN D 31 -22.57 35.99 -10.28
C ASN D 31 -22.01 34.76 -10.99
N GLU D 32 -22.88 33.93 -11.57
CA GLU D 32 -22.42 32.74 -12.27
C GLU D 32 -21.56 33.11 -13.48
N VAL D 33 -21.95 34.16 -14.21
CA VAL D 33 -21.18 34.58 -15.37
C VAL D 33 -19.83 35.12 -14.95
N ASP D 34 -19.82 35.98 -13.92
CA ASP D 34 -18.57 36.59 -13.48
C ASP D 34 -17.60 35.55 -12.94
N THR D 35 -18.11 34.61 -12.13
CA THR D 35 -17.23 33.61 -11.53
C THR D 35 -16.57 32.73 -12.60
N ARG D 36 -17.34 32.31 -13.61
CA ARG D 36 -16.77 31.53 -14.70
C ARG D 36 -15.80 32.36 -15.51
N PHE D 37 -16.12 33.64 -15.74
CA PHE D 37 -15.25 34.49 -16.53
C PHE D 37 -13.88 34.66 -15.88
N GLN D 38 -13.85 34.88 -14.56
CA GLN D 38 -12.58 35.04 -13.86
C GLN D 38 -11.74 33.78 -13.95
N TYR D 39 -12.37 32.62 -13.83
CA TYR D 39 -11.65 31.35 -13.78
C TYR D 39 -11.11 30.92 -15.13
N GLN D 40 -11.74 31.34 -16.23
CA GLN D 40 -11.39 30.82 -17.55
C GLN D 40 -10.58 31.79 -18.41
N ALA D 41 -10.70 33.09 -18.19
CA ALA D 41 -10.00 34.06 -19.02
C ALA D 41 -8.50 33.97 -18.75
N MET D 42 -7.77 33.34 -19.68
CA MET D 42 -6.33 33.20 -19.51
C MET D 42 -5.58 34.51 -19.75
N PHE D 43 -6.21 35.47 -20.41
CA PHE D 43 -5.61 36.78 -20.64
C PHE D 43 -5.97 37.79 -19.56
N LEU D 44 -6.72 37.39 -18.55
CA LEU D 44 -7.08 38.31 -17.49
C LEU D 44 -5.87 38.63 -16.60
N GLY D 45 -4.92 37.72 -16.52
CA GLY D 45 -3.70 37.96 -15.76
C GLY D 45 -2.51 38.23 -16.65
N LEU D 46 -2.69 38.09 -17.96
CA LEU D 46 -1.63 38.30 -18.93
C LEU D 46 -1.65 39.71 -19.51
N SER D 47 -2.42 40.61 -18.94
CA SER D 47 -2.52 41.98 -19.43
C SER D 47 -2.88 42.90 -18.27
N SER D 48 -2.63 44.19 -18.46
CA SER D 48 -2.91 45.18 -17.43
C SER D 48 -4.39 45.53 -17.45
N GLN D 49 -5.06 45.34 -16.31
CA GLN D 49 -6.49 45.62 -16.21
C GLN D 49 -6.68 47.04 -15.69
N ARG D 50 -7.27 47.89 -16.53
CA ARG D 50 -7.56 49.28 -16.19
C ARG D 50 -9.05 49.55 -16.37
N SER D 51 -9.49 50.70 -15.85
CA SER D 51 -10.89 51.09 -15.93
C SER D 51 -11.00 52.58 -16.18
N VAL D 52 -11.92 52.96 -17.06
CA VAL D 52 -12.18 54.36 -17.36
C VAL D 52 -13.07 54.94 -16.25
N ALA D 53 -12.60 56.00 -15.62
CA ALA D 53 -13.34 56.66 -14.55
C ALA D 53 -14.22 57.81 -15.03
N ASP D 54 -13.78 58.54 -16.05
CA ASP D 54 -14.54 59.67 -16.54
C ASP D 54 -15.69 59.22 -17.44
N ARG D 55 -16.62 60.14 -17.70
CA ARG D 55 -17.74 59.83 -18.59
C ARG D 55 -17.25 59.54 -20.00
N SER D 56 -16.26 60.30 -20.48
CA SER D 56 -15.66 60.04 -21.78
C SER D 56 -15.05 58.65 -21.78
N ASN D 57 -15.59 57.77 -22.63
CA ASN D 57 -15.20 56.36 -22.62
C ASN D 57 -13.92 56.14 -23.43
N THR D 58 -12.87 56.91 -23.12
CA THR D 58 -11.57 56.75 -23.75
C THR D 58 -10.49 56.78 -22.69
N TYR D 59 -9.42 56.04 -22.92
CA TYR D 59 -8.32 55.93 -21.98
C TYR D 59 -7.02 56.36 -22.65
N ARG D 60 -6.28 57.25 -21.98
CA ARG D 60 -4.97 57.70 -22.44
C ARG D 60 -3.90 56.98 -21.62
N ILE D 61 -3.12 56.13 -22.27
CA ILE D 61 -2.12 55.32 -21.61
C ILE D 61 -0.76 55.57 -22.24
N ASP D 62 0.27 55.67 -21.40
CA ASP D 62 1.63 55.87 -21.87
C ASP D 62 2.20 54.55 -22.39
N ARG D 63 2.81 54.59 -23.56
CA ARG D 63 3.35 53.36 -24.15
C ARG D 63 4.48 52.78 -23.31
N LEU D 64 5.40 53.62 -22.86
CA LEU D 64 6.55 53.15 -22.09
C LEU D 64 6.13 52.84 -20.66
N ASN D 65 6.67 51.75 -20.12
CA ASN D 65 6.31 51.29 -18.78
C ASN D 65 7.23 51.87 -17.71
N THR D 66 8.53 51.59 -17.80
CA THR D 66 9.47 52.00 -16.77
C THR D 66 10.84 52.18 -17.39
N SER D 67 11.80 52.62 -16.56
CA SER D 67 13.16 52.86 -16.98
C SER D 67 14.12 51.99 -16.17
N SER D 68 15.35 51.87 -16.67
CA SER D 68 16.36 51.03 -16.06
C SER D 68 17.07 51.78 -14.92
N VAL D 69 17.96 51.06 -14.24
CA VAL D 69 18.75 51.58 -13.13
C VAL D 69 20.00 52.26 -13.66
N LYS D 70 20.42 53.33 -12.98
CA LYS D 70 21.64 54.05 -13.29
C LYS D 70 22.42 54.28 -12.00
N GLY D 71 23.66 54.74 -12.15
CA GLY D 71 24.52 54.99 -11.00
C GLY D 71 25.30 56.29 -11.09
N ARG D 72 25.12 57.17 -10.10
CA ARG D 72 25.84 58.44 -10.10
C ARG D 72 27.33 58.25 -9.87
N THR D 73 27.71 57.27 -9.03
CA THR D 73 29.10 56.94 -8.73
C THR D 73 29.86 58.16 -8.19
N SER D 74 29.40 58.65 -7.04
CA SER D 74 30.00 59.79 -6.32
C SER D 74 30.03 60.98 -7.28
N GLY D 75 31.14 61.71 -7.39
CA GLY D 75 31.20 62.83 -8.30
C GLY D 75 31.66 62.44 -9.68
N VAL D 76 30.70 62.22 -10.58
CA VAL D 76 30.97 61.85 -11.97
C VAL D 76 29.91 62.51 -12.84
N ALA D 77 30.32 63.04 -13.99
CA ALA D 77 29.39 63.70 -14.91
C ALA D 77 28.29 62.74 -15.34
N LEU D 78 27.06 63.02 -14.91
CA LEU D 78 25.93 62.17 -15.27
C LEU D 78 25.62 62.26 -16.76
N GLU D 79 25.34 61.13 -17.36
CA GLU D 79 24.92 61.10 -18.76
C GLU D 79 23.45 61.48 -18.85
N PRO D 80 23.09 62.55 -19.57
CA PRO D 80 21.69 62.96 -19.65
C PRO D 80 20.97 62.18 -20.73
N THR D 81 19.94 61.42 -20.33
CA THR D 81 19.17 60.63 -21.27
C THR D 81 17.86 61.33 -21.54
N PRO D 82 17.61 61.81 -22.76
CA PRO D 82 16.34 62.48 -23.05
C PRO D 82 15.18 61.50 -22.99
N VAL D 83 14.02 62.03 -22.59
CA VAL D 83 12.82 61.20 -22.48
C VAL D 83 12.31 60.86 -23.87
N ARG D 84 12.06 59.57 -24.10
CA ARG D 84 11.54 59.07 -25.38
C ARG D 84 10.33 58.22 -25.05
N ASN D 85 9.17 58.85 -24.94
CA ASN D 85 7.93 58.20 -24.54
C ASN D 85 6.88 58.37 -25.65
N ASP D 86 5.71 57.80 -25.42
CA ASP D 86 4.60 57.92 -26.35
C ASP D 86 3.30 57.69 -25.57
N LYS D 87 2.26 58.40 -25.95
CA LYS D 87 0.95 58.28 -25.33
C LYS D 87 -0.01 57.61 -26.29
N MET D 88 -0.66 56.56 -25.83
CA MET D 88 -1.62 55.80 -26.63
C MET D 88 -3.03 56.09 -26.16
N LEU D 89 -3.91 56.40 -27.10
CA LEU D 89 -5.31 56.68 -26.80
C LEU D 89 -6.14 55.49 -27.24
N ILE D 90 -6.67 54.75 -26.27
CA ILE D 90 -7.52 53.59 -26.52
C ILE D 90 -8.95 53.96 -26.11
N VAL D 91 -9.90 53.72 -27.01
CA VAL D 91 -11.29 54.08 -26.81
C VAL D 91 -12.16 52.85 -27.04
N VAL D 92 -13.12 52.64 -26.15
CA VAL D 92 -14.09 51.56 -26.32
C VAL D 92 -15.10 52.00 -27.37
N ASP D 93 -15.42 51.09 -28.29
CA ASP D 93 -16.30 51.41 -29.40
C ASP D 93 -17.57 50.57 -29.41
N THR D 94 -17.45 49.25 -29.25
CA THR D 94 -18.58 48.34 -29.38
C THR D 94 -18.95 47.75 -28.03
N VAL D 95 -20.20 47.34 -27.91
CA VAL D 95 -20.72 46.69 -26.71
C VAL D 95 -20.85 45.20 -26.99
N LEU D 96 -20.41 44.38 -26.05
CA LEU D 96 -20.46 42.93 -26.16
C LEU D 96 -21.60 42.40 -25.30
N TYR D 97 -22.48 41.60 -25.90
CA TYR D 97 -23.67 41.14 -25.21
C TYR D 97 -24.04 39.75 -25.71
N ILE D 98 -24.82 39.05 -24.89
CA ILE D 98 -25.40 37.75 -25.25
C ILE D 98 -26.90 37.85 -25.13
N ARG D 99 -27.61 37.50 -26.21
CA ARG D 99 -29.07 37.53 -26.23
C ARG D 99 -29.58 36.10 -26.07
N ASN D 100 -30.35 35.87 -25.00
CA ASN D 100 -30.84 34.53 -24.67
C ASN D 100 -32.36 34.50 -24.76
N PRO D 101 -32.93 33.99 -25.85
CA PRO D 101 -34.40 34.00 -26.03
C PRO D 101 -35.12 32.95 -25.18
N ILE D 102 -35.38 33.31 -23.92
CA ILE D 102 -36.13 32.44 -23.02
C ILE D 102 -37.60 32.60 -23.30
N ASP D 103 -38.31 31.48 -23.46
CA ASP D 103 -39.71 31.51 -23.81
C ASP D 103 -40.57 31.81 -22.58
N TYR D 104 -41.88 31.98 -22.81
CA TYR D 104 -42.79 32.32 -21.73
C TYR D 104 -43.01 31.15 -20.78
N GLN D 105 -43.20 29.95 -21.32
CA GLN D 105 -43.51 28.79 -20.49
C GLN D 105 -42.33 28.43 -19.58
N ASP D 106 -41.11 28.53 -20.10
CA ASP D 106 -39.94 28.15 -19.32
C ASP D 106 -39.75 29.11 -18.14
N ASP D 107 -39.50 28.55 -16.96
CA ASP D 107 -39.26 29.35 -15.77
C ASP D 107 -37.81 29.81 -15.77
N TRP D 108 -37.59 31.06 -16.18
CA TRP D 108 -36.22 31.57 -16.31
C TRP D 108 -35.53 31.65 -14.95
N THR D 109 -36.29 31.82 -13.87
CA THR D 109 -35.72 31.93 -12.53
C THR D 109 -35.42 30.58 -11.89
N ALA D 110 -35.38 29.51 -12.67
CA ALA D 110 -35.05 28.20 -12.12
C ALA D 110 -33.57 28.15 -11.77
N PRO D 111 -33.21 27.80 -10.53
CA PRO D 111 -31.77 27.76 -10.18
C PRO D 111 -30.98 26.79 -11.04
N ASP D 112 -31.56 25.66 -11.42
CA ASP D 112 -30.86 24.73 -12.30
C ASP D 112 -30.62 25.34 -13.67
N PHE D 113 -31.61 26.06 -14.21
CA PHE D 113 -31.45 26.68 -15.52
C PHE D 113 -30.60 27.94 -15.45
N LEU D 114 -30.77 28.75 -14.39
CA LEU D 114 -30.03 30.00 -14.29
C LEU D 114 -28.53 29.76 -14.20
N THR D 115 -28.11 28.90 -13.27
CA THR D 115 -26.68 28.64 -13.08
C THR D 115 -26.08 28.01 -14.32
N GLU D 116 -26.77 27.05 -14.93
CA GLU D 116 -26.26 26.41 -16.14
C GLU D 116 -26.17 27.43 -17.28
N MET D 117 -27.14 28.35 -17.35
CA MET D 117 -27.08 29.41 -18.35
C MET D 117 -25.87 30.30 -18.13
N GLY D 118 -25.57 30.64 -16.88
CA GLY D 118 -24.45 31.55 -16.61
C GLY D 118 -23.10 30.96 -16.99
N GLN D 119 -22.92 29.65 -16.76
CA GLN D 119 -21.62 29.04 -17.03
C GLN D 119 -21.27 29.10 -18.51
N ASN D 120 -22.23 28.79 -19.39
CA ASN D 120 -21.91 28.68 -20.81
C ASN D 120 -21.61 30.04 -21.41
N ASN D 121 -22.46 31.03 -21.14
CA ASN D 121 -22.20 32.35 -21.73
C ASN D 121 -21.04 33.06 -21.04
N GLY D 122 -20.77 32.74 -19.77
CA GLY D 122 -19.54 33.21 -19.16
C GLY D 122 -18.30 32.63 -19.83
N SER D 123 -18.36 31.33 -20.16
CA SER D 123 -17.27 30.71 -20.91
C SER D 123 -17.13 31.34 -22.29
N GLU D 124 -18.26 31.69 -22.92
CA GLU D 124 -18.20 32.34 -24.22
C GLU D 124 -17.57 33.73 -24.12
N PHE D 125 -17.90 34.47 -23.06
CA PHE D 125 -17.24 35.75 -22.81
C PHE D 125 -15.74 35.57 -22.61
N ALA D 126 -15.34 34.56 -21.83
CA ALA D 126 -13.91 34.31 -21.65
C ALA D 126 -13.24 33.97 -22.97
N GLU D 127 -13.92 33.17 -23.80
CA GLU D 127 -13.35 32.78 -25.09
C GLU D 127 -13.18 33.98 -26.01
N VAL D 128 -14.19 34.85 -26.08
CA VAL D 128 -14.07 36.01 -26.96
C VAL D 128 -13.07 37.02 -26.39
N PHE D 129 -12.95 37.10 -25.08
CA PHE D 129 -11.94 37.95 -24.46
C PHE D 129 -10.53 37.50 -24.86
N ASP D 130 -10.24 36.21 -24.69
CA ASP D 130 -8.96 35.68 -25.09
C ASP D 130 -8.74 35.82 -26.60
N GLN D 131 -9.81 35.62 -27.37
CA GLN D 131 -9.73 35.76 -28.82
C GLN D 131 -9.35 37.19 -29.21
N ALA D 132 -9.98 38.18 -28.59
CA ALA D 132 -9.66 39.57 -28.89
C ALA D 132 -8.23 39.91 -28.52
N HIS D 133 -7.78 39.45 -27.34
CA HIS D 133 -6.39 39.71 -26.96
C HIS D 133 -5.41 39.08 -27.95
N LEU D 134 -5.70 37.85 -28.38
CA LEU D 134 -4.81 37.19 -29.33
C LEU D 134 -4.86 37.86 -30.70
N ILE D 135 -6.04 38.38 -31.10
CA ILE D 135 -6.13 39.14 -32.34
C ILE D 135 -5.26 40.38 -32.26
N GLN D 136 -5.31 41.11 -31.15
CA GLN D 136 -4.45 42.27 -31.01
C GLN D 136 -2.99 41.89 -31.08
N LEU D 137 -2.62 40.78 -30.42
CA LEU D 137 -1.22 40.34 -30.43
C LEU D 137 -0.76 39.99 -31.84
N ILE D 138 -1.60 39.32 -32.62
CA ILE D 138 -1.22 38.99 -33.99
C ILE D 138 -1.17 40.23 -34.87
N LYS D 139 -2.18 41.10 -34.76
CA LYS D 139 -2.22 42.28 -35.62
C LYS D 139 -1.08 43.24 -35.32
N GLY D 140 -0.57 43.24 -34.09
CA GLY D 140 0.57 44.07 -33.78
C GLY D 140 1.90 43.41 -34.11
N ARG D 141 1.92 42.62 -35.17
CA ARG D 141 3.15 41.94 -35.58
C ARG D 141 4.05 42.82 -36.42
N SER D 142 3.59 44.01 -36.82
CA SER D 142 4.44 44.94 -37.57
C SER D 142 3.95 46.36 -37.26
N TRP D 143 4.61 47.00 -36.30
CA TRP D 143 4.32 48.40 -35.96
C TRP D 143 5.24 49.37 -36.65
N VAL D 144 6.27 48.88 -37.36
CA VAL D 144 7.25 49.65 -38.12
C VAL D 144 7.66 50.96 -37.44
N ALA D 145 7.63 50.96 -36.10
CA ALA D 145 8.06 52.08 -35.24
C ALA D 145 7.17 53.30 -35.44
N PRO D 146 7.16 54.23 -34.48
CA PRO D 146 6.42 55.48 -34.67
C PRO D 146 7.20 56.56 -35.41
N ALA D 147 8.29 56.19 -36.10
CA ALA D 147 9.12 57.04 -36.94
C ALA D 147 9.92 58.07 -36.16
N HIS D 148 9.76 58.16 -34.84
CA HIS D 148 10.58 59.07 -34.05
C HIS D 148 11.02 58.48 -32.72
N LEU D 149 10.90 57.17 -32.53
CA LEU D 149 11.33 56.52 -31.30
C LEU D 149 12.08 55.22 -31.58
N LYS D 150 12.81 55.16 -32.69
CA LYS D 150 13.50 53.92 -33.04
C LYS D 150 14.51 53.45 -32.00
N PRO D 151 15.35 54.30 -31.39
CA PRO D 151 16.29 53.77 -30.38
C PRO D 151 15.60 53.11 -29.20
N ALA D 152 14.43 53.61 -28.80
CA ALA D 152 13.72 53.04 -27.65
C ALA D 152 12.80 51.90 -28.07
N PHE D 153 11.86 52.17 -28.98
CA PHE D 153 10.89 51.18 -29.43
C PHE D 153 11.26 50.70 -30.82
N SER D 154 11.34 49.37 -30.98
CA SER D 154 11.64 48.77 -32.26
C SER D 154 10.34 48.37 -32.95
N ASP D 155 10.47 47.69 -34.11
CA ASP D 155 9.31 47.28 -34.88
C ASP D 155 8.85 45.90 -34.42
N GLY D 156 7.93 45.29 -35.18
CA GLY D 156 7.42 43.99 -34.86
C GLY D 156 8.33 42.87 -35.34
N ILE D 157 7.92 41.64 -35.00
CA ILE D 157 8.68 40.44 -35.32
C ILE D 157 7.80 39.54 -36.18
N GLU D 158 8.34 39.10 -37.32
CA GLU D 158 7.62 38.26 -38.28
C GLU D 158 8.51 37.12 -38.74
N ILE D 159 9.12 36.41 -37.80
CA ILE D 159 9.91 35.24 -38.13
C ILE D 159 9.00 34.18 -38.76
N GLU D 160 9.56 33.39 -39.67
CA GLU D 160 8.79 32.43 -40.44
C GLU D 160 9.25 31.01 -40.15
N ALA D 161 8.36 30.06 -40.45
CA ALA D 161 8.66 28.65 -40.27
C ALA D 161 7.78 27.84 -41.20
N THR D 162 8.37 26.85 -41.87
CA THR D 162 7.65 25.98 -42.80
C THR D 162 7.64 24.57 -42.22
N ILE D 163 6.49 24.17 -41.68
CA ILE D 163 6.32 22.85 -41.07
C ILE D 163 5.36 22.02 -41.91
N ASP D 164 5.79 20.82 -42.28
CA ASP D 164 4.96 19.90 -43.07
C ASP D 164 4.07 19.12 -42.12
N SER D 165 2.95 19.74 -41.75
CA SER D 165 2.00 19.11 -40.84
C SER D 165 1.39 17.86 -41.46
N ASP D 166 1.04 17.93 -42.74
CA ASP D 166 0.42 16.79 -43.41
C ASP D 166 1.42 15.64 -43.54
N VAL D 167 0.95 14.42 -43.23
CA VAL D 167 1.74 13.20 -43.34
C VAL D 167 3.03 13.31 -42.53
N THR D 168 2.87 13.47 -41.21
CA THR D 168 4.02 13.54 -40.32
C THR D 168 4.81 12.25 -40.34
N THR D 169 4.13 11.11 -40.28
CA THR D 169 4.74 9.77 -40.33
C THR D 169 5.76 9.69 -39.19
N GLN D 170 6.97 9.19 -39.44
CA GLN D 170 7.99 9.11 -38.40
C GLN D 170 9.31 9.76 -38.81
N ALA D 171 9.38 10.38 -39.99
CA ALA D 171 10.58 11.06 -40.46
C ALA D 171 10.43 12.57 -40.47
N GLY D 172 9.33 13.08 -41.02
CA GLY D 172 9.09 14.51 -41.03
C GLY D 172 8.58 15.10 -39.73
N MET D 173 8.13 14.25 -38.81
CA MET D 173 7.67 14.73 -37.52
C MET D 173 8.80 15.38 -36.73
N GLU D 174 10.01 14.79 -36.82
CA GLU D 174 11.16 15.38 -36.15
C GLU D 174 11.48 16.76 -36.71
N ALA D 175 11.38 16.92 -38.03
CA ALA D 175 11.71 18.20 -38.66
C ALA D 175 10.76 19.30 -38.19
N ASN D 176 9.47 18.99 -38.07
CA ASN D 176 8.51 19.99 -37.62
C ASN D 176 8.78 20.41 -36.18
N ALA D 177 9.07 19.45 -35.30
CA ALA D 177 9.30 19.77 -33.89
C ALA D 177 10.53 20.64 -33.71
N ILE D 178 11.63 20.27 -34.39
CA ILE D 178 12.85 21.07 -34.26
C ILE D 178 12.66 22.44 -34.90
N ALA D 179 11.89 22.53 -35.99
CA ALA D 179 11.62 23.83 -36.59
C ALA D 179 10.84 24.73 -35.64
N ILE D 180 9.82 24.18 -34.98
CA ILE D 180 9.06 24.96 -34.00
C ILE D 180 9.97 25.39 -32.86
N ASN D 181 10.80 24.47 -32.37
CA ASN D 181 11.70 24.80 -31.26
C ASN D 181 12.68 25.90 -31.64
N GLN D 182 13.26 25.83 -32.84
CA GLN D 182 14.24 26.83 -33.24
C GLN D 182 13.58 28.18 -33.47
N ALA D 183 12.38 28.20 -34.07
CA ALA D 183 11.67 29.46 -34.19
C ALA D 183 11.34 30.04 -32.83
N HIS D 184 10.94 29.19 -31.88
CA HIS D 184 10.61 29.65 -30.54
C HIS D 184 11.83 30.29 -29.88
N LYS D 185 12.98 29.60 -29.89
CA LYS D 185 14.13 30.16 -29.19
C LYS D 185 14.72 31.35 -29.95
N ALA D 186 14.56 31.40 -31.27
CA ALA D 186 14.97 32.59 -32.01
C ALA D 186 14.16 33.80 -31.58
N GLY D 187 12.83 33.63 -31.48
CA GLY D 187 12.01 34.72 -30.97
C GLY D 187 12.39 35.10 -29.55
N ILE D 188 12.69 34.09 -28.72
CA ILE D 188 13.06 34.36 -27.33
C ILE D 188 14.32 35.22 -27.27
N ASP D 189 15.38 34.81 -27.98
CA ASP D 189 16.62 35.57 -27.90
C ASP D 189 16.48 36.94 -28.52
N GLU D 190 15.72 37.05 -29.62
CA GLU D 190 15.52 38.36 -30.23
C GLU D 190 14.78 39.30 -29.28
N LEU D 191 13.80 38.79 -28.54
CA LEU D 191 13.05 39.65 -27.63
C LEU D 191 13.86 39.95 -26.37
N ILE D 192 14.74 39.05 -25.95
CA ILE D 192 15.66 39.34 -24.86
C ILE D 192 16.62 40.45 -25.27
N LYS D 193 17.00 40.48 -26.55
CA LYS D 193 17.86 41.55 -27.04
C LYS D 193 17.24 42.93 -26.84
N ARG D 194 15.91 43.00 -26.67
CA ARG D 194 15.22 44.25 -26.41
C ARG D 194 15.04 44.52 -24.92
N LYS D 195 15.89 43.92 -24.07
CA LYS D 195 15.93 44.17 -22.63
C LYS D 195 14.58 43.87 -21.97
N VAL D 196 14.20 42.60 -22.03
CA VAL D 196 13.00 42.11 -21.35
C VAL D 196 13.40 40.89 -20.52
N PRO D 197 13.00 40.83 -19.24
CA PRO D 197 13.40 39.69 -18.41
C PRO D 197 12.85 38.37 -18.95
N LEU D 198 13.64 37.31 -18.79
CA LEU D 198 13.24 36.00 -19.31
C LEU D 198 12.06 35.42 -18.54
N ASN D 199 12.01 35.65 -17.22
CA ASN D 199 10.96 35.05 -16.41
C ASN D 199 9.58 35.57 -16.80
N ASP D 200 9.48 36.86 -17.11
CA ASP D 200 8.19 37.46 -17.45
C ASP D 200 7.89 37.28 -18.94
N MET D 201 7.95 36.04 -19.42
CA MET D 201 7.64 35.72 -20.81
C MET D 201 6.72 34.51 -20.84
N ILE D 202 5.63 34.61 -21.61
CA ILE D 202 4.66 33.54 -21.75
C ILE D 202 4.44 33.29 -23.24
N THR D 203 4.43 32.01 -23.63
CA THR D 203 4.22 31.62 -25.01
C THR D 203 2.92 30.85 -25.14
N LEU D 204 2.11 31.23 -26.12
CA LEU D 204 0.85 30.56 -26.41
C LEU D 204 0.91 29.96 -27.81
N VAL D 205 0.36 28.75 -27.96
CA VAL D 205 0.39 28.04 -29.22
C VAL D 205 -1.02 27.56 -29.55
N SER D 206 -1.23 27.24 -30.83
CA SER D 206 -2.51 26.72 -31.28
C SER D 206 -2.64 25.25 -30.88
N THR D 207 -3.87 24.73 -31.03
CA THR D 207 -4.13 23.35 -30.66
C THR D 207 -3.33 22.38 -31.53
N GLU D 208 -3.30 22.62 -32.84
CA GLU D 208 -2.54 21.74 -33.72
C GLU D 208 -1.04 21.91 -33.50
N ILE D 209 -0.60 23.13 -33.21
CA ILE D 209 0.82 23.36 -32.92
C ILE D 209 1.21 22.64 -31.63
N TYR D 210 0.37 22.73 -30.61
CA TYR D 210 0.64 22.01 -29.36
C TYR D 210 0.65 20.50 -29.57
N SER D 211 -0.28 20.00 -30.38
CA SER D 211 -0.32 18.56 -30.65
C SER D 211 0.94 18.12 -31.38
N LEU D 212 1.39 18.90 -32.36
CA LEU D 212 2.63 18.58 -33.06
C LEU D 212 3.83 18.63 -32.12
N LEU D 213 3.82 19.60 -31.20
CA LEU D 213 4.93 19.72 -30.25
C LEU D 213 5.00 18.52 -29.33
N LEU D 214 3.85 18.03 -28.87
CA LEU D 214 3.81 16.86 -27.99
C LEU D 214 4.18 15.57 -28.70
N GLU D 215 4.18 15.57 -30.04
CA GLU D 215 4.64 14.42 -30.82
C GLU D 215 6.15 14.41 -30.99
N HIS D 216 6.87 15.16 -30.16
CA HIS D 216 8.32 15.23 -30.28
C HIS D 216 8.95 13.89 -29.92
N PRO D 217 9.80 13.32 -30.78
CA PRO D 217 10.52 12.10 -30.44
C PRO D 217 11.85 12.31 -29.76
N LYS D 218 12.29 13.56 -29.56
CA LYS D 218 13.59 13.84 -28.97
C LYS D 218 13.57 14.92 -27.91
N LEU D 219 12.48 15.65 -27.74
CA LEU D 219 12.40 16.75 -26.78
C LEU D 219 11.71 16.33 -25.48
N PHE D 220 11.93 15.09 -25.05
CA PHE D 220 11.26 14.58 -23.86
C PHE D 220 11.67 15.38 -22.63
N ASN D 221 10.68 15.88 -21.89
CA ASN D 221 10.90 16.64 -20.67
C ASN D 221 9.90 16.20 -19.62
N LYS D 222 10.32 16.22 -18.37
CA LYS D 222 9.47 15.85 -17.24
C LYS D 222 8.73 17.07 -16.69
N ASP D 223 8.05 17.78 -17.57
CA ASP D 223 7.35 19.02 -17.21
C ASP D 223 5.84 18.85 -17.14
N TRP D 224 5.33 17.62 -17.28
CA TRP D 224 3.89 17.41 -17.22
C TRP D 224 3.35 17.70 -15.82
N GLY D 225 4.09 17.33 -14.78
CA GLY D 225 3.65 17.52 -13.42
C GLY D 225 3.64 18.97 -12.98
N ASP D 226 4.83 19.56 -12.89
CA ASP D 226 4.93 20.96 -12.46
C ASP D 226 4.31 21.88 -13.50
N ALA D 227 3.54 22.86 -13.01
CA ALA D 227 2.86 23.83 -13.87
C ALA D 227 2.01 23.14 -14.93
N ASN D 228 1.29 22.10 -14.51
CA ASN D 228 0.43 21.37 -15.44
C ASN D 228 -0.65 22.27 -16.03
N ALA D 229 -1.25 23.11 -15.20
CA ALA D 229 -2.29 24.04 -15.63
C ALA D 229 -1.77 25.47 -15.54
N ASN D 230 -2.05 26.27 -16.57
CA ASN D 230 -1.61 27.66 -16.58
C ASN D 230 -2.59 28.52 -15.79
N GLY D 231 -2.86 28.12 -14.56
CA GLY D 231 -3.66 28.90 -13.63
C GLY D 231 -4.96 28.22 -13.21
N TYR D 232 -5.71 27.69 -14.17
CA TYR D 232 -6.83 26.87 -13.74
C TYR D 232 -6.91 25.52 -14.44
N LYS D 233 -6.78 25.49 -15.77
CA LYS D 233 -6.93 24.23 -16.51
C LYS D 233 -6.01 24.07 -17.71
N GLU D 234 -5.36 25.12 -18.19
CA GLU D 234 -4.74 25.09 -19.52
C GLU D 234 -3.61 24.07 -19.57
N ARG D 235 -3.64 23.23 -20.60
CA ARG D 235 -2.61 22.20 -20.80
C ARG D 235 -1.32 22.89 -21.25
N ARG D 236 -0.39 23.08 -20.31
CA ARG D 236 0.81 23.87 -20.55
C ARG D 236 2.03 22.95 -20.54
N ALA D 237 2.80 22.99 -21.63
CA ALA D 237 4.09 22.30 -21.70
C ALA D 237 5.15 23.26 -21.18
N VAL D 238 5.18 23.41 -19.86
CA VAL D 238 6.04 24.40 -19.23
C VAL D 238 7.52 24.03 -19.44
N LEU D 239 8.39 25.00 -19.21
CA LEU D 239 9.85 24.80 -19.28
C LEU D 239 10.29 24.38 -20.67
N MET D 240 9.69 24.97 -21.69
CA MET D 240 10.16 24.80 -23.07
C MET D 240 11.03 26.00 -23.42
N ASN D 241 12.34 25.76 -23.56
CA ASN D 241 13.33 26.80 -23.80
C ASN D 241 13.30 27.88 -22.72
N GLY D 242 13.05 27.47 -21.48
CA GLY D 242 13.12 28.36 -20.35
C GLY D 242 11.83 29.08 -19.99
N ILE D 243 10.81 28.99 -20.83
CA ILE D 243 9.54 29.67 -20.55
C ILE D 243 8.39 28.72 -20.79
N PRO D 244 7.26 28.88 -20.11
CA PRO D 244 6.11 28.00 -20.35
C PRO D 244 5.54 28.19 -21.75
N VAL D 245 5.03 27.09 -22.30
CA VAL D 245 4.31 27.09 -23.57
C VAL D 245 2.92 26.56 -23.29
N VAL D 246 1.91 27.40 -23.48
CA VAL D 246 0.54 27.08 -23.09
C VAL D 246 -0.28 26.78 -24.34
N GLU D 247 -1.02 25.69 -24.30
CA GLU D 247 -1.93 25.36 -25.40
C GLU D 247 -3.14 26.29 -25.34
N CYS D 248 -3.33 27.07 -26.40
CA CYS D 248 -4.45 28.00 -26.49
C CYS D 248 -5.39 27.54 -27.60
N THR D 249 -6.67 27.39 -27.25
CA THR D 249 -7.69 26.99 -28.21
C THR D 249 -8.42 28.19 -28.83
N GLU D 250 -7.97 29.40 -28.53
CA GLU D 250 -8.60 30.62 -29.03
C GLU D 250 -7.95 31.14 -30.31
N PHE D 251 -7.04 30.38 -30.90
CA PHE D 251 -6.40 30.83 -32.14
C PHE D 251 -7.42 30.78 -33.28
N PRO D 252 -7.63 31.88 -33.98
CA PRO D 252 -8.75 31.95 -34.94
C PRO D 252 -8.34 31.54 -36.35
N ASP D 253 -9.37 31.28 -37.16
CA ASP D 253 -9.19 31.03 -38.58
C ASP D 253 -10.18 31.75 -39.46
N ALA D 254 -11.23 32.36 -38.92
CA ALA D 254 -12.24 33.05 -39.71
C ALA D 254 -11.76 34.45 -40.08
N GLY D 255 -12.67 35.27 -40.57
CA GLY D 255 -12.32 36.62 -40.96
C GLY D 255 -13.23 37.69 -40.35
N THR D 256 -13.66 37.48 -39.11
CA THR D 256 -14.51 38.44 -38.43
C THR D 256 -14.36 38.26 -36.92
N HIS D 257 -14.82 39.28 -36.18
CA HIS D 257 -14.76 39.26 -34.72
C HIS D 257 -15.80 40.23 -34.20
N PRO D 258 -16.45 39.93 -33.07
CA PRO D 258 -17.52 40.81 -32.59
C PRO D 258 -17.07 42.21 -32.24
N LEU D 259 -15.78 42.43 -31.98
CA LEU D 259 -15.33 43.76 -31.55
C LEU D 259 -15.34 44.78 -32.67
N GLY D 260 -15.46 44.36 -33.94
CA GLY D 260 -15.57 45.28 -35.03
C GLY D 260 -14.64 44.93 -36.16
N SER D 261 -14.60 45.80 -37.18
CA SER D 261 -13.76 45.55 -38.34
C SER D 261 -12.28 45.67 -38.04
N ALA D 262 -11.91 46.37 -36.96
CA ALA D 262 -10.49 46.48 -36.61
C ALA D 262 -9.89 45.17 -36.20
N TYR D 263 -10.71 44.17 -35.83
CA TYR D 263 -10.24 42.87 -35.41
C TYR D 263 -10.43 41.80 -36.48
N THR D 264 -10.77 42.20 -37.70
CA THR D 264 -10.92 41.23 -38.78
C THR D 264 -9.59 40.56 -39.09
N VAL D 265 -9.68 39.31 -39.52
CA VAL D 265 -8.50 38.46 -39.74
C VAL D 265 -8.36 38.19 -41.22
N THR D 266 -7.17 38.44 -41.75
CA THR D 266 -6.86 38.13 -43.13
C THR D 266 -6.38 36.69 -43.25
N ALA D 267 -6.20 36.23 -44.50
CA ALA D 267 -5.69 34.89 -44.73
C ALA D 267 -4.28 34.73 -44.18
N ASP D 268 -3.42 35.74 -44.39
CA ASP D 268 -2.07 35.68 -43.85
C ASP D 268 -2.08 35.71 -42.33
N ASP D 269 -2.94 36.54 -41.73
CA ASP D 269 -3.03 36.61 -40.28
C ASP D 269 -3.51 35.31 -39.67
N ALA D 270 -4.36 34.56 -40.40
CA ALA D 270 -4.82 33.27 -39.90
C ALA D 270 -3.68 32.25 -39.84
N LYS D 271 -2.70 32.37 -40.72
CA LYS D 271 -1.57 31.44 -40.72
C LYS D 271 -0.72 31.56 -39.46
N CYS D 272 -0.79 32.70 -38.77
CA CYS D 272 -0.04 32.85 -37.52
C CYS D 272 -0.68 31.98 -36.44
N ARG D 273 0.15 31.17 -35.77
CA ARG D 273 -0.39 30.22 -34.81
C ARG D 273 0.45 30.13 -33.54
N MET D 274 1.30 31.11 -33.26
CA MET D 274 2.15 31.06 -32.08
C MET D 274 2.58 32.47 -31.70
N VAL D 275 2.45 32.81 -30.42
CA VAL D 275 2.73 34.16 -29.94
C VAL D 275 3.61 34.07 -28.69
N THR D 276 4.68 34.85 -28.68
CA THR D 276 5.55 35.00 -27.52
C THR D 276 5.61 36.46 -27.14
N PHE D 277 5.38 36.77 -25.87
CA PHE D 277 5.26 38.14 -25.42
C PHE D 277 5.53 38.21 -23.93
N SER D 278 5.48 39.43 -23.39
CA SER D 278 5.70 39.69 -21.98
C SER D 278 4.37 39.89 -21.26
N LYS D 279 4.32 39.46 -20.00
CA LYS D 279 3.10 39.46 -19.22
C LYS D 279 2.83 40.78 -18.52
N SER D 280 3.69 41.78 -18.67
CA SER D 280 3.52 43.04 -17.98
C SER D 280 3.65 44.27 -18.86
N ARG D 281 4.27 44.18 -20.03
CA ARG D 281 4.49 45.35 -20.87
C ARG D 281 4.21 45.02 -22.33
N THR D 282 3.13 44.29 -22.59
CA THR D 282 2.75 43.96 -23.96
C THR D 282 1.26 44.18 -24.25
N LEU D 283 0.38 44.15 -23.26
CA LEU D 283 -1.04 44.34 -23.50
C LEU D 283 -1.65 45.14 -22.37
N VAL D 284 -2.70 45.88 -22.70
CA VAL D 284 -3.49 46.63 -21.72
C VAL D 284 -4.96 46.41 -22.02
N THR D 285 -5.75 46.22 -20.97
CA THR D 285 -7.18 46.00 -21.09
C THR D 285 -7.91 47.02 -20.24
N VAL D 286 -8.91 47.68 -20.82
CA VAL D 286 -9.71 48.68 -20.13
C VAL D 286 -11.18 48.30 -20.26
N GLU D 287 -11.89 48.31 -19.15
CA GLU D 287 -13.31 47.95 -19.11
C GLU D 287 -14.12 49.19 -18.76
N ALA D 288 -14.87 49.70 -19.74
CA ALA D 288 -15.71 50.87 -19.48
C ALA D 288 -16.90 50.53 -18.60
N LYS D 289 -17.55 49.40 -18.86
CA LYS D 289 -18.71 48.98 -18.10
C LYS D 289 -18.54 47.52 -17.69
N PRO D 290 -18.82 47.17 -16.44
CA PRO D 290 -18.70 45.76 -16.02
C PRO D 290 -19.85 44.91 -16.55
N PHE D 291 -19.89 43.65 -16.14
CA PHE D 291 -20.94 42.73 -16.59
C PHE D 291 -22.28 43.17 -16.01
N THR D 292 -23.14 43.74 -16.85
CA THR D 292 -24.48 44.14 -16.45
C THR D 292 -25.49 43.26 -17.17
N SER D 293 -26.39 42.65 -16.41
CA SER D 293 -27.37 41.71 -16.92
C SER D 293 -28.77 42.23 -16.68
N ARG D 294 -29.64 42.08 -17.68
CA ARG D 294 -31.02 42.53 -17.57
C ARG D 294 -31.92 41.56 -18.33
N ILE D 295 -33.20 41.58 -17.96
CA ILE D 295 -34.21 40.77 -18.62
C ILE D 295 -35.41 41.67 -18.92
N TRP D 296 -35.91 41.60 -20.15
CA TRP D 296 -37.04 42.43 -20.56
C TRP D 296 -38.03 41.59 -21.34
N ASP D 297 -39.29 42.01 -21.30
CA ASP D 297 -40.35 41.31 -22.00
C ASP D 297 -40.39 41.73 -23.46
N ASP D 298 -40.46 40.75 -24.36
CA ASP D 298 -40.48 40.97 -25.81
C ASP D 298 -41.82 40.45 -26.34
N GLU D 299 -42.83 41.32 -26.37
CA GLU D 299 -44.14 40.90 -26.85
C GLU D 299 -44.13 40.53 -28.32
N GLN D 300 -43.16 41.03 -29.09
CA GLN D 300 -43.16 40.79 -30.53
C GLN D 300 -42.94 39.33 -30.86
N ASN D 301 -41.96 38.70 -30.20
CA ASN D 301 -41.59 37.31 -30.48
C ASN D 301 -42.16 36.33 -29.48
N PHE D 302 -43.04 36.78 -28.58
CA PHE D 302 -43.64 35.93 -27.55
C PHE D 302 -42.57 35.23 -26.72
N ALA D 303 -41.55 35.99 -26.32
CA ALA D 303 -40.46 35.44 -25.53
C ALA D 303 -40.09 36.44 -24.43
N ASN D 304 -39.53 35.91 -23.36
CA ASN D 304 -39.03 36.70 -22.23
C ASN D 304 -37.50 36.60 -22.28
N VAL D 305 -36.89 37.48 -23.06
CA VAL D 305 -35.47 37.39 -23.35
C VAL D 305 -34.65 38.04 -22.25
N LEU D 306 -33.53 37.43 -21.91
CA LEU D 306 -32.58 37.93 -20.92
C LEU D 306 -31.23 38.13 -21.58
N ASP D 307 -30.58 39.25 -21.28
CA ASP D 307 -29.30 39.57 -21.89
C ASP D 307 -28.36 40.19 -20.86
N CYS D 308 -27.07 39.98 -21.07
CA CYS D 308 -26.02 40.59 -20.26
C CYS D 308 -24.99 41.21 -21.19
N TYR D 309 -24.53 42.41 -20.85
CA TYR D 309 -23.65 43.17 -21.73
C TYR D 309 -22.52 43.77 -20.91
N ALA D 310 -21.39 44.03 -21.59
CA ALA D 310 -20.25 44.66 -20.97
C ALA D 310 -19.53 45.52 -22.00
N MET D 311 -18.80 46.53 -21.52
CA MET D 311 -18.04 47.44 -22.36
C MET D 311 -16.57 47.32 -21.98
N TYR D 312 -15.75 46.86 -22.92
CA TYR D 312 -14.31 46.81 -22.71
C TYR D 312 -13.61 46.87 -24.06
N GLN D 313 -12.33 47.23 -24.02
CA GLN D 313 -11.51 47.32 -25.22
C GLN D 313 -10.08 46.98 -24.84
N VAL D 314 -9.39 46.27 -25.75
CA VAL D 314 -8.03 45.81 -25.52
C VAL D 314 -7.08 46.57 -26.44
N GLY D 315 -5.99 47.07 -25.87
CA GLY D 315 -4.96 47.76 -26.63
C GLY D 315 -3.62 47.08 -26.45
N GLU D 316 -2.81 47.14 -27.50
CA GLU D 316 -1.50 46.48 -27.52
C GLU D 316 -0.43 47.52 -27.20
N ARG D 317 -0.22 47.76 -25.92
CA ARG D 317 0.87 48.63 -25.49
C ARG D 317 2.21 47.96 -25.75
N ARG D 318 3.15 48.71 -26.32
CA ARG D 318 4.47 48.21 -26.65
C ARG D 318 4.40 46.99 -27.56
N PRO D 319 4.01 47.15 -28.83
CA PRO D 319 4.00 46.01 -29.75
C PRO D 319 5.39 45.46 -30.06
N ASP D 320 6.45 46.12 -29.60
CA ASP D 320 7.81 45.65 -29.84
C ASP D 320 8.23 44.53 -28.90
N THR D 321 7.41 44.21 -27.90
CA THR D 321 7.71 43.17 -26.93
C THR D 321 6.84 41.93 -27.15
N ALA D 322 6.59 41.61 -28.41
CA ALA D 322 5.78 40.43 -28.74
C ALA D 322 6.31 39.83 -30.03
N ALA D 323 6.73 38.57 -29.97
CA ALA D 323 7.26 37.86 -31.13
C ALA D 323 6.21 36.88 -31.63
N VAL D 324 5.90 36.98 -32.92
CA VAL D 324 4.88 36.14 -33.56
C VAL D 324 5.51 35.44 -34.75
N VAL D 325 5.34 34.13 -34.84
CA VAL D 325 5.86 33.33 -35.93
C VAL D 325 4.70 32.84 -36.78
N LYS D 326 4.84 32.95 -38.10
CA LYS D 326 3.81 32.53 -39.03
C LYS D 326 4.22 31.22 -39.68
N PHE D 327 3.35 30.21 -39.59
CA PHE D 327 3.61 28.90 -40.15
C PHE D 327 3.00 28.83 -41.55
N ASN D 328 3.85 28.89 -42.57
CA ASN D 328 3.39 28.84 -43.95
C ASN D 328 3.05 27.42 -44.41
N GLU D 329 3.44 26.41 -43.65
CA GLU D 329 3.16 24.99 -43.95
C GLU D 329 3.77 24.67 -45.30
N ALA D 330 3.03 24.05 -46.22
CA ALA D 330 3.54 23.69 -47.55
C ALA D 330 4.81 22.85 -47.47
N GLU E 27 -39.18 -3.08 4.17
CA GLU E 27 -38.74 -2.41 5.39
C GLU E 27 -37.31 -1.89 5.24
N VAL E 28 -36.37 -2.59 5.87
CA VAL E 28 -34.96 -2.23 5.77
C VAL E 28 -34.31 -2.69 4.48
N TYR E 29 -35.03 -3.45 3.65
CA TYR E 29 -34.48 -3.89 2.38
C TYR E 29 -34.22 -2.72 1.44
N GLN E 30 -35.07 -1.69 1.48
CA GLN E 30 -34.87 -0.52 0.64
C GLN E 30 -33.58 0.19 0.98
N ASN E 31 -33.26 0.32 2.27
CA ASN E 31 -32.02 0.96 2.67
C ASN E 31 -30.81 0.17 2.18
N GLU E 32 -30.86 -1.16 2.29
CA GLU E 32 -29.74 -1.99 1.85
C GLU E 32 -29.53 -1.89 0.35
N VAL E 33 -30.62 -1.92 -0.43
CA VAL E 33 -30.49 -1.84 -1.88
C VAL E 33 -30.12 -0.43 -2.32
N ASP E 34 -30.37 0.57 -1.48
CA ASP E 34 -30.02 1.95 -1.85
C ASP E 34 -28.54 2.22 -1.65
N THR E 35 -28.03 2.01 -0.43
CA THR E 35 -26.65 2.33 -0.11
C THR E 35 -25.67 1.59 -1.03
N ARG E 36 -25.99 0.36 -1.41
CA ARG E 36 -25.15 -0.36 -2.36
C ARG E 36 -25.18 0.29 -3.73
N PHE E 37 -26.32 0.86 -4.13
CA PHE E 37 -26.43 1.45 -5.46
C PHE E 37 -25.47 2.63 -5.61
N GLN E 38 -25.46 3.54 -4.64
CA GLN E 38 -24.55 4.69 -4.70
C GLN E 38 -23.09 4.24 -4.68
N TYR E 39 -22.77 3.23 -3.86
CA TYR E 39 -21.40 2.79 -3.74
C TYR E 39 -20.88 2.21 -5.05
N GLN E 40 -21.70 1.45 -5.76
CA GLN E 40 -21.22 0.73 -6.94
C GLN E 40 -21.42 1.50 -8.23
N ALA E 41 -22.56 2.19 -8.39
CA ALA E 41 -22.84 2.90 -9.63
C ALA E 41 -21.91 4.11 -9.76
N MET E 42 -20.94 4.01 -10.67
CA MET E 42 -19.98 5.08 -10.85
C MET E 42 -20.56 6.29 -11.56
N PHE E 43 -21.69 6.15 -12.23
CA PHE E 43 -22.25 7.24 -13.03
C PHE E 43 -23.12 8.19 -12.23
N LEU E 44 -23.29 7.97 -10.93
CA LEU E 44 -24.03 8.94 -10.12
C LEU E 44 -23.29 10.27 -10.05
N GLY E 45 -21.97 10.26 -10.22
CA GLY E 45 -21.20 11.48 -10.24
C GLY E 45 -20.67 11.82 -11.61
N LEU E 46 -20.83 10.91 -12.57
CA LEU E 46 -20.36 11.11 -13.93
C LEU E 46 -21.43 11.66 -14.85
N SER E 47 -22.63 11.95 -14.34
CA SER E 47 -23.69 12.51 -15.16
C SER E 47 -24.59 13.37 -14.27
N SER E 48 -25.29 14.30 -14.92
CA SER E 48 -26.17 15.19 -14.18
C SER E 48 -27.40 14.45 -13.68
N GLN E 49 -27.72 14.62 -12.40
CA GLN E 49 -28.86 13.96 -11.79
C GLN E 49 -30.09 14.85 -11.93
N ARG E 50 -31.10 14.35 -12.62
CA ARG E 50 -32.34 15.08 -12.84
C ARG E 50 -33.52 14.25 -12.35
N SER E 51 -34.67 14.90 -12.24
CA SER E 51 -35.89 14.23 -11.78
C SER E 51 -37.09 14.94 -12.39
N VAL E 52 -38.03 14.14 -12.92
CA VAL E 52 -39.25 14.68 -13.51
C VAL E 52 -40.21 14.96 -12.35
N ALA E 53 -40.21 16.20 -11.86
CA ALA E 53 -41.12 16.61 -10.79
C ALA E 53 -42.40 17.23 -11.37
N ASP E 54 -43.04 16.51 -12.29
CA ASP E 54 -44.29 16.97 -12.87
C ASP E 54 -45.29 15.86 -13.14
N ARG E 55 -44.97 14.61 -12.78
CA ARG E 55 -45.84 13.46 -13.03
C ARG E 55 -46.20 13.34 -14.52
N SER E 56 -45.28 13.75 -15.39
CA SER E 56 -45.51 13.71 -16.82
C SER E 56 -44.65 12.67 -17.53
N ASN E 57 -43.66 12.08 -16.86
CA ASN E 57 -42.80 11.06 -17.45
C ASN E 57 -42.08 11.58 -18.69
N THR E 58 -41.67 12.84 -18.66
CA THR E 58 -40.97 13.44 -19.77
C THR E 58 -40.16 14.63 -19.26
N TYR E 59 -38.95 14.80 -19.80
CA TYR E 59 -38.07 15.90 -19.43
C TYR E 59 -37.80 16.74 -20.67
N ARG E 60 -38.11 18.04 -20.58
CA ARG E 60 -37.85 18.98 -21.67
C ARG E 60 -36.55 19.71 -21.33
N ILE E 61 -35.43 19.13 -21.76
CA ILE E 61 -34.10 19.73 -21.57
C ILE E 61 -33.60 20.22 -22.92
N ASP E 62 -33.03 21.42 -22.93
CA ASP E 62 -32.65 22.10 -24.16
C ASP E 62 -31.15 22.14 -24.30
N ARG E 63 -30.66 21.78 -25.48
CA ARG E 63 -29.26 22.01 -25.80
C ARG E 63 -28.99 23.51 -25.93
N LEU E 64 -27.72 23.88 -25.80
CA LEU E 64 -27.32 25.28 -25.79
C LEU E 64 -26.55 25.60 -27.07
N ASN E 65 -27.02 26.61 -27.80
CA ASN E 65 -26.40 27.03 -29.05
C ASN E 65 -26.30 28.54 -29.15
N THR E 66 -26.14 29.22 -28.01
CA THR E 66 -26.04 30.68 -28.00
C THR E 66 -24.62 31.10 -28.38
N SER E 67 -24.51 31.90 -29.44
CA SER E 67 -23.24 32.38 -29.91
C SER E 67 -22.95 33.76 -29.33
N SER E 68 -21.85 34.37 -29.75
CA SER E 68 -21.40 35.67 -29.26
C SER E 68 -21.58 36.75 -30.32
N VAL E 69 -22.67 36.68 -31.09
CA VAL E 69 -22.94 37.68 -32.10
C VAL E 69 -23.29 39.01 -31.45
N LYS E 70 -22.30 39.86 -31.25
CA LYS E 70 -22.47 41.13 -30.55
C LYS E 70 -21.75 42.20 -31.34
N GLY E 71 -21.58 43.37 -30.72
CA GLY E 71 -20.94 44.48 -31.40
C GLY E 71 -21.92 45.42 -32.09
N ARG E 72 -22.86 45.97 -31.31
CA ARG E 72 -23.80 46.93 -31.87
C ARG E 72 -23.09 48.08 -32.54
N THR E 73 -22.01 48.58 -31.92
CA THR E 73 -21.14 49.61 -32.49
C THR E 73 -21.96 50.87 -32.75
N SER E 74 -22.09 51.35 -33.98
CA SER E 74 -22.83 52.58 -34.24
C SER E 74 -24.32 52.37 -34.05
N GLY E 75 -25.01 53.44 -33.62
CA GLY E 75 -26.44 53.36 -33.44
C GLY E 75 -27.19 53.17 -34.74
N VAL E 76 -26.63 53.62 -35.86
CA VAL E 76 -27.27 53.43 -37.15
C VAL E 76 -27.37 51.95 -37.49
N ALA E 77 -26.30 51.21 -37.26
CA ALA E 77 -26.32 49.77 -37.52
C ALA E 77 -27.22 49.07 -36.52
N LEU E 78 -27.98 48.09 -37.02
CA LEU E 78 -28.95 47.35 -36.21
C LEU E 78 -28.55 45.88 -36.13
N GLU E 79 -28.83 45.27 -34.98
CA GLU E 79 -28.49 43.87 -34.72
C GLU E 79 -29.61 42.96 -35.19
N PRO E 80 -29.33 41.97 -36.04
CA PRO E 80 -30.38 41.05 -36.47
C PRO E 80 -30.91 40.22 -35.32
N THR E 81 -32.18 39.84 -35.43
CA THR E 81 -32.84 39.06 -34.39
C THR E 81 -32.71 37.57 -34.70
N PRO E 82 -32.13 36.77 -33.81
CA PRO E 82 -31.99 35.33 -34.08
C PRO E 82 -33.19 34.53 -33.58
N VAL E 83 -33.47 33.45 -34.30
CA VAL E 83 -34.58 32.55 -33.96
C VAL E 83 -34.00 31.14 -33.85
N ARG E 84 -32.69 31.05 -33.66
CA ARG E 84 -32.01 29.75 -33.58
C ARG E 84 -32.34 29.10 -32.24
N ASN E 85 -33.31 28.19 -32.24
CA ASN E 85 -33.74 27.50 -31.03
C ASN E 85 -33.82 26.01 -31.30
N ASP E 86 -33.50 25.22 -30.28
CA ASP E 86 -33.59 23.77 -30.38
C ASP E 86 -33.76 23.19 -28.98
N LYS E 87 -34.31 21.98 -28.93
CA LYS E 87 -34.59 21.32 -27.66
C LYS E 87 -34.71 19.82 -27.91
N MET E 88 -34.57 19.05 -26.83
CA MET E 88 -34.74 17.61 -26.86
C MET E 88 -35.67 17.18 -25.73
N LEU E 89 -36.29 16.03 -25.90
CA LEU E 89 -37.15 15.45 -24.88
C LEU E 89 -36.77 14.00 -24.65
N ILE E 90 -36.76 13.60 -23.38
CA ILE E 90 -36.47 12.22 -22.99
C ILE E 90 -37.63 11.73 -22.12
N VAL E 91 -38.13 10.54 -22.44
CA VAL E 91 -39.30 9.98 -21.76
C VAL E 91 -38.90 8.66 -21.10
N VAL E 92 -39.39 8.46 -19.88
CA VAL E 92 -39.16 7.21 -19.16
C VAL E 92 -40.19 6.17 -19.62
N ASP E 93 -39.84 5.42 -20.66
CA ASP E 93 -40.79 4.47 -21.23
C ASP E 93 -40.92 3.23 -20.36
N THR E 94 -39.82 2.51 -20.16
CA THR E 94 -39.85 1.25 -19.43
C THR E 94 -39.56 1.47 -17.95
N VAL E 95 -40.03 0.51 -17.15
CA VAL E 95 -39.78 0.50 -15.70
C VAL E 95 -38.85 -0.67 -15.40
N LEU E 96 -37.80 -0.40 -14.65
CA LEU E 96 -36.80 -1.40 -14.31
C LEU E 96 -37.17 -2.02 -12.96
N TYR E 97 -37.43 -3.32 -12.97
CA TYR E 97 -37.85 -4.05 -11.78
C TYR E 97 -37.04 -5.33 -11.66
N ILE E 98 -36.93 -5.82 -10.42
CA ILE E 98 -36.28 -7.10 -10.13
C ILE E 98 -37.25 -7.93 -9.31
N ARG E 99 -37.47 -9.18 -9.75
CA ARG E 99 -38.45 -10.07 -9.13
C ARG E 99 -37.72 -11.13 -8.33
N ASN E 100 -38.03 -11.23 -7.03
CA ASN E 100 -37.36 -12.15 -6.13
C ASN E 100 -38.38 -13.11 -5.51
N PRO E 101 -38.52 -14.32 -6.03
CA PRO E 101 -39.47 -15.28 -5.45
C PRO E 101 -38.95 -15.82 -4.12
N ILE E 102 -39.75 -15.66 -3.08
CA ILE E 102 -39.43 -16.16 -1.73
C ILE E 102 -40.51 -17.16 -1.35
N ASP E 103 -40.09 -18.39 -1.01
CA ASP E 103 -41.05 -19.41 -0.63
C ASP E 103 -41.65 -19.10 0.74
N TYR E 104 -42.77 -19.77 1.03
CA TYR E 104 -43.49 -19.52 2.27
C TYR E 104 -42.66 -19.94 3.48
N GLN E 105 -41.95 -21.06 3.39
CA GLN E 105 -41.20 -21.57 4.53
C GLN E 105 -40.07 -20.63 4.93
N ASP E 106 -39.39 -20.04 3.95
CA ASP E 106 -38.23 -19.20 4.24
C ASP E 106 -38.68 -17.86 4.84
N ASP E 107 -38.29 -17.62 6.08
CA ASP E 107 -38.57 -16.35 6.72
C ASP E 107 -37.70 -15.26 6.11
N TRP E 108 -38.23 -14.03 6.08
CA TRP E 108 -37.51 -12.92 5.47
C TRP E 108 -37.63 -11.61 6.23
N THR E 109 -38.27 -11.60 7.41
CA THR E 109 -38.53 -10.32 8.09
C THR E 109 -37.22 -9.61 8.45
N ALA E 110 -36.32 -10.30 9.14
CA ALA E 110 -34.95 -9.83 9.29
C ALA E 110 -34.00 -10.95 9.68
N PRO E 111 -33.90 -12.05 8.91
CA PRO E 111 -33.00 -13.15 9.24
C PRO E 111 -31.60 -12.96 8.66
N ASP E 112 -31.08 -11.74 8.75
CA ASP E 112 -29.79 -11.38 8.15
C ASP E 112 -29.68 -11.84 6.70
N PHE E 113 -30.82 -11.96 6.03
CA PHE E 113 -30.89 -12.50 4.68
C PHE E 113 -31.44 -11.51 3.67
N LEU E 114 -32.49 -10.76 4.03
CA LEU E 114 -32.98 -9.73 3.13
C LEU E 114 -31.94 -8.65 2.90
N THR E 115 -31.12 -8.35 3.92
CA THR E 115 -30.01 -7.43 3.73
C THR E 115 -29.01 -8.00 2.74
N GLU E 116 -28.66 -9.28 2.88
CA GLU E 116 -27.73 -9.91 1.95
C GLU E 116 -28.28 -9.90 0.54
N MET E 117 -29.58 -10.16 0.38
CA MET E 117 -30.21 -9.98 -0.92
C MET E 117 -30.24 -8.52 -1.34
N GLY E 118 -30.17 -7.60 -0.36
CA GLY E 118 -30.17 -6.19 -0.70
C GLY E 118 -28.93 -5.77 -1.47
N GLN E 119 -27.75 -6.19 -1.02
CA GLN E 119 -26.53 -5.81 -1.72
C GLN E 119 -26.48 -6.40 -3.12
N ASN E 120 -26.93 -7.65 -3.28
CA ASN E 120 -26.92 -8.26 -4.60
C ASN E 120 -27.84 -7.52 -5.56
N ASN E 121 -29.04 -7.16 -5.11
CA ASN E 121 -29.96 -6.41 -5.95
C ASN E 121 -29.43 -5.03 -6.27
N GLY E 122 -28.83 -4.35 -5.28
CA GLY E 122 -28.24 -3.05 -5.54
C GLY E 122 -27.09 -3.12 -6.53
N SER E 123 -26.26 -4.15 -6.42
CA SER E 123 -25.16 -4.33 -7.36
C SER E 123 -25.69 -4.57 -8.76
N GLU E 124 -26.74 -5.39 -8.89
CA GLU E 124 -27.32 -5.63 -10.20
C GLU E 124 -27.92 -4.34 -10.78
N PHE E 125 -28.59 -3.55 -9.95
CA PHE E 125 -29.15 -2.28 -10.42
C PHE E 125 -28.05 -1.34 -10.88
N ALA E 126 -26.97 -1.23 -10.11
CA ALA E 126 -25.86 -0.37 -10.51
C ALA E 126 -25.21 -0.86 -11.79
N GLU E 127 -25.07 -2.18 -11.94
CA GLU E 127 -24.52 -2.74 -13.17
C GLU E 127 -25.38 -2.38 -14.37
N VAL E 128 -26.71 -2.49 -14.23
CA VAL E 128 -27.60 -2.16 -15.32
C VAL E 128 -27.54 -0.66 -15.62
N PHE E 129 -27.44 0.17 -14.58
CA PHE E 129 -27.34 1.61 -14.75
C PHE E 129 -26.11 1.99 -15.56
N ASP E 130 -24.94 1.49 -15.13
CA ASP E 130 -23.71 1.79 -15.86
C ASP E 130 -23.74 1.19 -17.25
N GLN E 131 -24.34 0.01 -17.40
CA GLN E 131 -24.46 -0.61 -18.72
C GLN E 131 -25.27 0.26 -19.67
N ALA E 132 -26.38 0.80 -19.19
CA ALA E 132 -27.20 1.68 -20.02
C ALA E 132 -26.44 2.95 -20.38
N HIS E 133 -25.70 3.52 -19.44
CA HIS E 133 -24.92 4.71 -19.74
C HIS E 133 -23.89 4.44 -20.83
N LEU E 134 -23.14 3.33 -20.70
CA LEU E 134 -22.19 2.97 -21.75
C LEU E 134 -22.88 2.68 -23.07
N ILE E 135 -24.08 2.09 -23.01
CA ILE E 135 -24.83 1.80 -24.24
C ILE E 135 -25.13 3.09 -24.98
N GLN E 136 -25.65 4.09 -24.26
CA GLN E 136 -25.95 5.36 -24.90
C GLN E 136 -24.68 6.05 -25.41
N LEU E 137 -23.61 5.98 -24.62
CA LEU E 137 -22.36 6.62 -25.05
C LEU E 137 -21.84 5.99 -26.34
N ILE E 138 -21.93 4.67 -26.46
CA ILE E 138 -21.46 4.01 -27.67
C ILE E 138 -22.39 4.30 -28.84
N LYS E 139 -23.70 4.24 -28.61
CA LYS E 139 -24.65 4.44 -29.70
C LYS E 139 -24.67 5.87 -30.21
N GLY E 140 -24.28 6.84 -29.37
CA GLY E 140 -24.27 8.22 -29.81
C GLY E 140 -22.96 8.63 -30.46
N ARG E 141 -22.16 7.65 -30.87
CA ARG E 141 -20.85 7.97 -31.44
C ARG E 141 -20.98 8.56 -32.84
N SER E 142 -21.99 8.17 -33.60
CA SER E 142 -22.21 8.77 -34.93
C SER E 142 -23.00 10.06 -34.81
N TRP E 143 -24.26 9.96 -34.38
CA TRP E 143 -25.12 11.09 -34.07
C TRP E 143 -25.47 11.93 -35.30
N VAL E 144 -24.87 11.62 -36.45
CA VAL E 144 -25.04 12.38 -37.70
C VAL E 144 -24.85 13.86 -37.38
N ALA E 145 -25.74 14.74 -37.80
CA ALA E 145 -25.67 16.17 -37.52
C ALA E 145 -27.03 16.66 -37.06
N PRO E 146 -27.08 17.76 -36.29
CA PRO E 146 -28.37 18.31 -35.86
C PRO E 146 -29.20 18.78 -37.05
N ALA E 147 -30.48 19.04 -36.76
CA ALA E 147 -31.42 19.38 -37.83
C ALA E 147 -31.03 20.68 -38.52
N HIS E 148 -30.66 21.70 -37.75
CA HIS E 148 -30.26 22.98 -38.32
C HIS E 148 -28.77 23.09 -38.59
N LEU E 149 -28.02 22.00 -38.37
CA LEU E 149 -26.59 21.94 -38.69
C LEU E 149 -25.82 23.05 -37.98
N LYS E 150 -26.00 23.13 -36.67
CA LYS E 150 -25.33 24.16 -35.90
C LYS E 150 -23.82 23.98 -35.94
N PRO E 151 -23.05 25.00 -36.29
CA PRO E 151 -21.58 24.86 -36.25
C PRO E 151 -21.03 24.54 -34.88
N ALA E 152 -21.70 24.99 -33.82
CA ALA E 152 -21.24 24.70 -32.47
C ALA E 152 -21.29 23.20 -32.18
N PHE E 153 -22.35 22.53 -32.63
CA PHE E 153 -22.51 21.09 -32.40
C PHE E 153 -21.86 20.33 -33.54
N SER E 154 -20.67 19.80 -33.29
CA SER E 154 -19.98 18.98 -34.27
C SER E 154 -20.51 17.55 -34.23
N ASP E 155 -20.08 16.74 -35.18
CA ASP E 155 -20.50 15.36 -35.24
C ASP E 155 -19.80 14.54 -34.15
N GLY E 156 -20.33 13.34 -33.92
CA GLY E 156 -19.73 12.45 -32.95
C GLY E 156 -18.38 11.94 -33.41
N ILE E 157 -17.57 11.55 -32.43
CA ILE E 157 -16.19 11.17 -32.68
C ILE E 157 -16.07 9.66 -32.64
N GLU E 158 -15.49 9.08 -33.70
CA GLU E 158 -15.23 7.65 -33.79
C GLU E 158 -13.80 7.46 -34.26
N ILE E 159 -13.06 6.60 -33.56
CA ILE E 159 -11.65 6.35 -33.85
C ILE E 159 -11.49 4.88 -34.19
N GLU E 160 -10.80 4.60 -35.30
CA GLU E 160 -10.53 3.24 -35.73
C GLU E 160 -9.18 2.79 -35.23
N ALA E 161 -9.15 1.64 -34.55
CA ALA E 161 -7.91 1.09 -34.01
C ALA E 161 -7.87 -0.41 -34.25
N THR E 162 -6.66 -0.96 -34.28
CA THR E 162 -6.44 -2.38 -34.50
C THR E 162 -5.48 -2.88 -33.44
N ILE E 163 -5.99 -3.64 -32.47
CA ILE E 163 -5.20 -4.20 -31.39
C ILE E 163 -5.17 -5.72 -31.52
N ASP E 164 -3.96 -6.28 -31.60
CA ASP E 164 -3.79 -7.72 -31.76
C ASP E 164 -3.83 -8.40 -30.39
N SER E 165 -5.05 -8.45 -29.83
CA SER E 165 -5.25 -9.06 -28.53
C SER E 165 -5.24 -10.58 -28.56
N ASP E 166 -5.39 -11.18 -29.75
CA ASP E 166 -5.42 -12.63 -29.86
C ASP E 166 -4.08 -13.23 -29.44
N VAL E 167 -3.01 -12.90 -30.16
CA VAL E 167 -1.68 -13.43 -29.90
C VAL E 167 -0.74 -12.31 -29.53
N THR E 168 0.00 -12.47 -28.44
CA THR E 168 1.00 -11.51 -27.98
C THR E 168 2.29 -12.27 -27.70
N THR E 169 3.10 -12.47 -28.74
CA THR E 169 4.36 -13.19 -28.62
C THR E 169 5.53 -12.24 -28.34
N GLN E 170 5.38 -11.43 -27.29
CA GLN E 170 6.38 -10.46 -26.83
C GLN E 170 6.73 -9.41 -27.88
N ALA E 171 6.01 -9.38 -28.99
CA ALA E 171 6.20 -8.38 -30.04
C ALA E 171 4.99 -7.48 -30.21
N GLY E 172 3.80 -8.04 -30.27
CA GLY E 172 2.60 -7.25 -30.30
C GLY E 172 2.14 -6.71 -28.96
N MET E 173 2.76 -7.18 -27.87
CA MET E 173 2.38 -6.68 -26.54
C MET E 173 2.67 -5.19 -26.42
N GLU E 174 3.82 -4.75 -26.89
CA GLU E 174 4.13 -3.33 -26.92
C GLU E 174 3.58 -2.62 -28.15
N ALA E 175 3.39 -3.35 -29.26
CA ALA E 175 2.78 -2.74 -30.44
C ALA E 175 1.32 -2.37 -30.17
N ASN E 176 0.57 -3.24 -29.48
CA ASN E 176 -0.81 -2.93 -29.14
C ASN E 176 -0.89 -1.75 -28.18
N ALA E 177 0.02 -1.70 -27.20
CA ALA E 177 0.01 -0.60 -26.25
C ALA E 177 0.23 0.73 -26.96
N ILE E 178 1.12 0.75 -27.97
CA ILE E 178 1.33 1.95 -28.75
C ILE E 178 0.04 2.37 -29.45
N ALA E 179 -0.68 1.39 -30.01
CA ALA E 179 -1.94 1.69 -30.68
C ALA E 179 -2.96 2.28 -29.70
N ILE E 180 -3.07 1.69 -28.50
CA ILE E 180 -3.99 2.22 -27.50
C ILE E 180 -3.60 3.65 -27.13
N ASN E 181 -2.30 3.89 -26.94
CA ASN E 181 -1.84 5.22 -26.55
C ASN E 181 -2.13 6.25 -27.63
N GLN E 182 -1.91 5.89 -28.90
CA GLN E 182 -2.16 6.88 -29.96
C GLN E 182 -3.64 7.10 -30.16
N ALA E 183 -4.47 6.08 -29.97
CA ALA E 183 -5.91 6.28 -30.03
C ALA E 183 -6.38 7.21 -28.92
N HIS E 184 -5.86 7.01 -27.70
CA HIS E 184 -6.22 7.89 -26.60
C HIS E 184 -5.73 9.31 -26.85
N LYS E 185 -4.54 9.46 -27.44
CA LYS E 185 -4.03 10.78 -27.77
C LYS E 185 -4.89 11.47 -28.82
N ALA E 186 -5.31 10.72 -29.84
CA ALA E 186 -6.20 11.30 -30.84
C ALA E 186 -7.51 11.75 -30.22
N GLY E 187 -8.07 10.92 -29.33
CA GLY E 187 -9.30 11.31 -28.66
C GLY E 187 -9.14 12.55 -27.81
N ILE E 188 -8.07 12.61 -27.02
CA ILE E 188 -7.86 13.76 -26.15
C ILE E 188 -7.62 15.02 -26.97
N ASP E 189 -6.88 14.91 -28.08
CA ASP E 189 -6.66 16.05 -28.94
C ASP E 189 -7.97 16.53 -29.56
N GLU E 190 -8.80 15.60 -30.04
CA GLU E 190 -10.07 16.00 -30.65
C GLU E 190 -10.99 16.66 -29.64
N LEU E 191 -11.03 16.14 -28.40
CA LEU E 191 -11.84 16.79 -27.38
C LEU E 191 -11.31 18.17 -27.03
N ILE E 192 -9.98 18.31 -26.89
CA ILE E 192 -9.40 19.61 -26.56
C ILE E 192 -9.72 20.62 -27.66
N LYS E 193 -9.68 20.18 -28.92
CA LYS E 193 -10.06 21.05 -30.02
C LYS E 193 -11.48 21.57 -29.87
N ARG E 194 -12.36 20.78 -29.24
CA ARG E 194 -13.76 21.16 -29.06
C ARG E 194 -14.02 21.83 -27.72
N LYS E 195 -12.99 22.43 -27.11
CA LYS E 195 -13.16 23.34 -25.97
C LYS E 195 -13.82 22.67 -24.76
N VAL E 196 -13.33 21.49 -24.40
CA VAL E 196 -13.70 20.85 -23.14
C VAL E 196 -12.46 20.87 -22.24
N PRO E 197 -12.55 21.38 -21.02
CA PRO E 197 -11.37 21.48 -20.16
C PRO E 197 -10.79 20.11 -19.82
N LEU E 198 -9.47 20.05 -19.71
CA LEU E 198 -8.80 18.82 -19.30
C LEU E 198 -9.17 18.41 -17.87
N ASN E 199 -9.59 19.36 -17.05
CA ASN E 199 -9.93 19.05 -15.65
C ASN E 199 -11.09 18.07 -15.58
N ASP E 200 -12.14 18.30 -16.37
CA ASP E 200 -13.35 17.47 -16.33
C ASP E 200 -13.37 16.60 -17.58
N MET E 201 -12.71 15.44 -17.49
CA MET E 201 -12.70 14.48 -18.60
C MET E 201 -12.17 13.16 -18.08
N ILE E 202 -12.91 12.07 -18.30
CA ILE E 202 -12.57 10.75 -17.80
C ILE E 202 -12.69 9.76 -18.94
N THR E 203 -11.83 8.73 -18.91
CA THR E 203 -11.84 7.66 -19.89
C THR E 203 -12.23 6.36 -19.21
N LEU E 204 -13.20 5.66 -19.78
CA LEU E 204 -13.62 4.35 -19.30
C LEU E 204 -13.22 3.31 -20.34
N VAL E 205 -12.56 2.25 -19.87
CA VAL E 205 -11.98 1.24 -20.76
C VAL E 205 -12.46 -0.13 -20.34
N SER E 206 -12.56 -1.03 -21.31
CA SER E 206 -13.02 -2.39 -21.04
C SER E 206 -11.97 -3.17 -20.26
N THR E 207 -12.40 -4.29 -19.68
CA THR E 207 -11.52 -5.07 -18.81
C THR E 207 -10.34 -5.65 -19.57
N GLU E 208 -10.59 -6.22 -20.76
CA GLU E 208 -9.51 -6.85 -21.51
C GLU E 208 -8.50 -5.84 -22.00
N ILE E 209 -8.97 -4.67 -22.46
CA ILE E 209 -8.04 -3.63 -22.92
C ILE E 209 -7.23 -3.09 -21.75
N TYR E 210 -7.88 -2.93 -20.59
CA TYR E 210 -7.16 -2.49 -19.40
C TYR E 210 -6.09 -3.50 -18.98
N SER E 211 -6.42 -4.79 -19.05
CA SER E 211 -5.45 -5.83 -18.73
C SER E 211 -4.28 -5.79 -19.71
N LEU E 212 -4.58 -5.61 -21.00
CA LEU E 212 -3.51 -5.46 -21.99
C LEU E 212 -2.68 -4.21 -21.74
N LEU E 213 -3.28 -3.20 -21.10
CA LEU E 213 -2.59 -1.93 -20.90
C LEU E 213 -1.53 -2.05 -19.80
N LEU E 214 -1.84 -2.76 -18.71
CA LEU E 214 -0.93 -2.81 -17.57
C LEU E 214 0.29 -3.68 -17.82
N GLU E 215 0.25 -4.57 -18.81
CA GLU E 215 1.42 -5.35 -19.16
C GLU E 215 2.54 -4.49 -19.73
N HIS E 216 2.21 -3.27 -20.17
CA HIS E 216 3.18 -2.32 -20.72
C HIS E 216 3.03 -1.02 -19.95
N PRO E 217 3.46 -0.98 -18.70
CA PRO E 217 3.06 0.09 -17.77
C PRO E 217 3.89 1.36 -17.82
N LYS E 218 4.78 1.54 -18.79
CA LYS E 218 5.53 2.78 -18.89
C LYS E 218 4.68 3.93 -19.43
N LEU E 219 3.54 3.62 -20.07
CA LEU E 219 2.65 4.66 -20.56
C LEU E 219 2.02 5.44 -19.41
N PHE E 220 1.69 4.75 -18.32
CA PHE E 220 1.10 5.41 -17.17
C PHE E 220 2.07 6.42 -16.57
N ASN E 221 1.52 7.52 -16.06
CA ASN E 221 2.33 8.60 -15.50
C ASN E 221 2.90 8.28 -14.13
N LYS E 222 2.51 7.16 -13.53
CA LYS E 222 2.97 6.75 -12.20
C LYS E 222 2.66 7.81 -11.15
N ASP E 223 1.56 8.53 -11.34
CA ASP E 223 1.09 9.54 -10.40
C ASP E 223 -0.06 9.03 -9.54
N TRP E 224 0.02 7.76 -9.15
CA TRP E 224 -1.09 7.08 -8.49
C TRP E 224 -1.46 7.76 -7.17
N GLY E 225 -0.56 7.72 -6.20
CA GLY E 225 -0.83 8.36 -4.92
C GLY E 225 -1.85 7.60 -4.10
N ASP E 226 -3.10 7.60 -4.55
CA ASP E 226 -4.17 6.88 -3.89
C ASP E 226 -4.36 5.46 -4.42
N ALA E 227 -3.82 5.17 -5.61
CA ALA E 227 -3.91 3.85 -6.23
C ALA E 227 -5.36 3.39 -6.35
N ASN E 228 -6.22 4.33 -6.77
CA ASN E 228 -7.64 4.05 -6.94
C ASN E 228 -8.14 4.82 -8.15
N ALA E 229 -9.47 4.87 -8.30
CA ALA E 229 -10.08 5.57 -9.42
C ALA E 229 -10.36 7.02 -9.03
N ASN E 230 -11.13 7.72 -9.86
CA ASN E 230 -11.50 9.11 -9.60
C ASN E 230 -12.60 9.18 -8.54
N GLY E 231 -12.24 8.73 -7.33
CA GLY E 231 -13.19 8.58 -6.25
C GLY E 231 -13.91 7.26 -6.21
N TYR E 232 -13.71 6.41 -7.23
CA TYR E 232 -14.33 5.09 -7.27
C TYR E 232 -13.32 4.04 -6.78
N LYS E 233 -13.74 2.77 -6.80
CA LYS E 233 -12.94 1.68 -6.29
C LYS E 233 -12.60 0.67 -7.39
N GLU E 234 -12.41 1.15 -8.61
CA GLU E 234 -12.06 0.31 -9.74
C GLU E 234 -10.60 0.49 -10.10
N ARG E 235 -10.02 -0.53 -10.75
CA ARG E 235 -8.65 -0.46 -11.22
C ARG E 235 -8.52 0.65 -12.26
N ARG E 236 -7.81 1.72 -11.92
CA ARG E 236 -7.70 2.87 -12.79
C ARG E 236 -6.30 3.43 -12.75
N ALA E 237 -5.68 3.57 -13.93
CA ALA E 237 -4.46 4.35 -14.05
C ALA E 237 -4.83 5.82 -13.92
N VAL E 238 -4.69 6.36 -12.70
CA VAL E 238 -5.30 7.65 -12.37
C VAL E 238 -4.77 8.76 -13.26
N LEU E 239 -3.56 8.61 -13.80
CA LEU E 239 -3.02 9.54 -14.77
C LEU E 239 -2.45 8.76 -15.96
N MET E 240 -3.13 8.85 -17.10
CA MET E 240 -2.58 8.36 -18.37
C MET E 240 -2.97 9.36 -19.44
N ASN E 241 -1.97 9.96 -20.10
CA ASN E 241 -2.19 10.98 -21.12
C ASN E 241 -2.90 12.19 -20.54
N GLY E 242 -2.74 12.42 -19.24
CA GLY E 242 -3.29 13.58 -18.57
C GLY E 242 -4.64 13.38 -17.93
N ILE E 243 -5.32 12.28 -18.22
CA ILE E 243 -6.66 12.05 -17.68
C ILE E 243 -6.75 10.63 -17.12
N PRO E 244 -7.56 10.40 -16.08
CA PRO E 244 -7.72 9.05 -15.54
C PRO E 244 -8.32 8.10 -16.56
N VAL E 245 -7.88 6.85 -16.51
CA VAL E 245 -8.38 5.77 -17.35
C VAL E 245 -8.89 4.68 -16.43
N VAL E 246 -10.21 4.61 -16.24
CA VAL E 246 -10.83 3.68 -15.32
C VAL E 246 -11.32 2.46 -16.09
N GLU E 247 -11.19 1.28 -15.48
CA GLU E 247 -11.68 0.05 -16.06
C GLU E 247 -13.09 -0.22 -15.54
N CYS E 248 -14.05 -0.31 -16.45
CA CYS E 248 -15.45 -0.53 -16.10
C CYS E 248 -15.81 -1.97 -16.42
N THR E 249 -16.04 -2.77 -15.37
CA THR E 249 -16.41 -4.16 -15.59
C THR E 249 -17.76 -4.28 -16.30
N GLU E 250 -18.74 -3.47 -15.89
CA GLU E 250 -20.04 -3.47 -16.53
C GLU E 250 -19.93 -2.77 -17.88
N PHE E 251 -19.70 -3.54 -18.94
CA PHE E 251 -19.46 -2.95 -20.25
C PHE E 251 -20.23 -3.74 -21.29
N PRO E 252 -20.74 -3.07 -22.34
CA PRO E 252 -21.62 -3.76 -23.30
C PRO E 252 -20.91 -4.89 -24.02
N ASP E 253 -21.49 -6.08 -23.92
CA ASP E 253 -21.06 -7.26 -24.66
C ASP E 253 -22.19 -7.96 -25.39
N ALA E 254 -23.39 -7.99 -24.79
CA ALA E 254 -24.51 -8.72 -25.36
C ALA E 254 -25.19 -7.89 -26.44
N GLY E 255 -26.40 -8.30 -26.84
CA GLY E 255 -27.15 -7.57 -27.85
C GLY E 255 -28.58 -7.29 -27.47
N THR E 256 -28.85 -7.19 -26.17
CA THR E 256 -30.20 -6.90 -25.69
C THR E 256 -30.08 -6.24 -24.31
N HIS E 257 -30.92 -5.24 -24.07
CA HIS E 257 -30.87 -4.50 -22.82
C HIS E 257 -32.27 -4.32 -22.25
N PRO E 258 -32.40 -4.27 -20.92
CA PRO E 258 -33.74 -4.10 -20.33
C PRO E 258 -34.45 -2.82 -20.73
N LEU E 259 -33.72 -1.73 -20.98
CA LEU E 259 -34.36 -0.44 -21.24
C LEU E 259 -35.18 -0.42 -22.52
N GLY E 260 -34.99 -1.40 -23.41
CA GLY E 260 -35.83 -1.51 -24.58
C GLY E 260 -35.01 -1.68 -25.84
N SER E 261 -35.70 -1.61 -26.98
CA SER E 261 -35.03 -1.79 -28.26
C SER E 261 -34.10 -0.62 -28.62
N ALA E 262 -34.27 0.53 -27.96
CA ALA E 262 -33.38 1.66 -28.20
C ALA E 262 -31.97 1.42 -27.67
N TYR E 263 -31.78 0.37 -26.87
CA TYR E 263 -30.49 0.07 -26.27
C TYR E 263 -29.89 -1.23 -26.78
N THR E 264 -30.46 -1.82 -27.81
CA THR E 264 -29.90 -3.04 -28.39
C THR E 264 -28.53 -2.76 -29.01
N VAL E 265 -27.71 -3.80 -29.08
CA VAL E 265 -26.32 -3.67 -29.48
C VAL E 265 -26.12 -4.44 -30.78
N THR E 266 -25.55 -3.78 -31.78
CA THR E 266 -25.12 -4.44 -32.99
C THR E 266 -23.70 -4.98 -32.82
N ALA E 267 -23.23 -5.70 -33.83
CA ALA E 267 -21.89 -6.27 -33.77
C ALA E 267 -20.83 -5.18 -33.69
N ASP E 268 -20.98 -4.11 -34.47
CA ASP E 268 -20.00 -3.03 -34.48
C ASP E 268 -19.98 -2.29 -33.14
N ASP E 269 -21.17 -2.07 -32.55
CA ASP E 269 -21.23 -1.34 -31.29
C ASP E 269 -20.55 -2.09 -30.15
N ALA E 270 -20.54 -3.42 -30.22
CA ALA E 270 -19.89 -4.19 -29.16
C ALA E 270 -18.37 -4.12 -29.25
N LYS E 271 -17.84 -3.89 -30.46
CA LYS E 271 -16.39 -3.85 -30.62
C LYS E 271 -15.77 -2.62 -29.97
N CYS E 272 -16.53 -1.53 -29.85
CA CYS E 272 -16.04 -0.32 -29.20
C CYS E 272 -15.80 -0.63 -27.72
N ARG E 273 -14.53 -0.57 -27.31
CA ARG E 273 -14.15 -0.99 -25.96
C ARG E 273 -13.75 0.15 -25.04
N MET E 274 -13.43 1.33 -25.57
CA MET E 274 -13.01 2.45 -24.74
C MET E 274 -13.77 3.70 -25.13
N VAL E 275 -14.17 4.48 -24.13
CA VAL E 275 -14.98 5.67 -24.33
C VAL E 275 -14.40 6.81 -23.52
N THR E 276 -14.27 7.99 -24.15
CA THR E 276 -13.82 9.20 -23.48
C THR E 276 -14.91 10.26 -23.57
N PHE E 277 -15.15 10.95 -22.47
CA PHE E 277 -16.21 11.95 -22.40
C PHE E 277 -15.91 12.89 -21.24
N SER E 278 -16.85 13.79 -20.95
CA SER E 278 -16.72 14.75 -19.87
C SER E 278 -17.78 14.46 -18.82
N LYS E 279 -17.43 14.74 -17.56
CA LYS E 279 -18.31 14.42 -16.44
C LYS E 279 -19.42 15.43 -16.22
N SER E 280 -19.42 16.55 -16.94
CA SER E 280 -20.39 17.60 -16.69
C SER E 280 -21.24 17.99 -17.89
N ARG E 281 -20.94 17.50 -19.08
CA ARG E 281 -21.69 17.91 -20.28
C ARG E 281 -22.12 16.75 -21.17
N THR E 282 -21.48 15.59 -21.11
CA THR E 282 -21.75 14.56 -22.11
C THR E 282 -23.09 13.87 -21.86
N LEU E 283 -23.41 13.56 -20.61
CA LEU E 283 -24.57 12.75 -20.29
C LEU E 283 -25.43 13.43 -19.23
N VAL E 284 -26.73 13.14 -19.30
CA VAL E 284 -27.69 13.57 -18.28
C VAL E 284 -28.63 12.40 -18.02
N THR E 285 -28.92 12.15 -16.75
CA THR E 285 -29.84 11.10 -16.35
C THR E 285 -30.97 11.69 -15.52
N VAL E 286 -32.17 11.14 -15.69
CA VAL E 286 -33.36 11.61 -15.01
C VAL E 286 -34.09 10.41 -14.41
N GLU E 287 -34.51 10.55 -13.15
CA GLU E 287 -35.18 9.48 -12.42
C GLU E 287 -36.62 9.92 -12.13
N ALA E 288 -37.57 9.37 -12.88
CA ALA E 288 -38.97 9.71 -12.65
C ALA E 288 -39.45 9.20 -11.31
N LYS E 289 -39.12 7.95 -10.97
CA LYS E 289 -39.53 7.35 -9.71
C LYS E 289 -38.31 6.70 -9.06
N PRO E 290 -38.07 6.96 -7.77
CA PRO E 290 -36.91 6.35 -7.10
C PRO E 290 -37.10 4.87 -6.88
N PHE E 291 -36.12 4.24 -6.21
CA PHE E 291 -36.23 2.82 -5.90
C PHE E 291 -37.41 2.55 -4.98
N THR E 292 -38.43 1.87 -5.50
CA THR E 292 -39.61 1.51 -4.73
C THR E 292 -39.67 0.00 -4.59
N SER E 293 -39.79 -0.46 -3.35
CA SER E 293 -39.84 -1.89 -3.04
C SER E 293 -41.13 -2.20 -2.31
N ARG E 294 -41.81 -3.25 -2.74
CA ARG E 294 -43.06 -3.67 -2.13
C ARG E 294 -43.07 -5.19 -1.98
N ILE E 295 -43.87 -5.67 -1.03
CA ILE E 295 -44.03 -7.10 -0.80
C ILE E 295 -45.34 -7.53 -1.43
N TRP E 296 -45.27 -8.53 -2.30
CA TRP E 296 -46.44 -9.05 -3.00
C TRP E 296 -46.60 -10.52 -2.65
N ASP E 297 -47.75 -10.87 -2.06
CA ASP E 297 -48.04 -12.24 -1.66
C ASP E 297 -48.66 -12.96 -2.85
N ASP E 298 -47.80 -13.58 -3.66
CA ASP E 298 -48.27 -14.35 -4.82
C ASP E 298 -48.98 -15.59 -4.33
N GLU E 299 -50.32 -15.57 -4.40
CA GLU E 299 -51.10 -16.71 -3.93
C GLU E 299 -50.78 -17.95 -4.76
N GLN E 300 -50.69 -17.81 -6.07
CA GLN E 300 -50.26 -18.92 -6.91
C GLN E 300 -48.77 -19.18 -6.72
N ASN E 301 -48.36 -20.43 -6.98
CA ASN E 301 -47.01 -20.93 -6.84
C ASN E 301 -46.55 -20.99 -5.38
N PHE E 302 -47.36 -20.53 -4.43
CA PHE E 302 -47.04 -20.58 -3.00
C PHE E 302 -45.68 -19.96 -2.70
N ALA E 303 -45.52 -18.70 -3.13
CA ALA E 303 -44.26 -17.99 -2.90
C ALA E 303 -44.55 -16.50 -2.87
N ASN E 304 -44.65 -15.94 -1.66
CA ASN E 304 -44.79 -14.49 -1.54
C ASN E 304 -43.50 -13.81 -1.96
N VAL E 305 -43.59 -12.90 -2.91
CA VAL E 305 -42.42 -12.34 -3.56
C VAL E 305 -42.21 -10.91 -3.08
N LEU E 306 -40.95 -10.47 -3.16
CA LEU E 306 -40.56 -9.11 -2.85
C LEU E 306 -39.82 -8.55 -4.05
N ASP E 307 -40.28 -7.41 -4.57
CA ASP E 307 -39.72 -6.83 -5.77
C ASP E 307 -39.42 -5.35 -5.55
N CYS E 308 -38.36 -4.89 -6.22
CA CYS E 308 -37.96 -3.49 -6.19
C CYS E 308 -37.96 -2.96 -7.63
N TYR E 309 -38.57 -1.79 -7.83
CA TYR E 309 -38.64 -1.19 -9.15
C TYR E 309 -38.32 0.28 -9.06
N ALA E 310 -37.84 0.84 -10.18
CA ALA E 310 -37.47 2.25 -10.24
C ALA E 310 -37.61 2.73 -11.67
N MET E 311 -38.05 3.98 -11.82
CA MET E 311 -38.25 4.61 -13.12
C MET E 311 -37.12 5.61 -13.36
N TYR E 312 -36.36 5.41 -14.42
CA TYR E 312 -35.34 6.38 -14.82
C TYR E 312 -35.01 6.18 -16.29
N GLN E 313 -34.39 7.21 -16.86
CA GLN E 313 -33.98 7.20 -18.27
C GLN E 313 -32.79 8.13 -18.42
N VAL E 314 -31.90 7.79 -19.35
CA VAL E 314 -30.66 8.52 -19.55
C VAL E 314 -30.65 9.11 -20.95
N GLY E 315 -29.92 10.21 -21.10
CA GLY E 315 -29.82 10.89 -22.39
C GLY E 315 -28.47 11.51 -22.64
N GLU E 316 -27.95 11.34 -23.86
CA GLU E 316 -26.67 11.91 -24.26
C GLU E 316 -26.92 13.34 -24.73
N ARG E 317 -26.77 14.30 -23.80
CA ARG E 317 -27.07 15.69 -24.11
C ARG E 317 -26.13 16.24 -25.16
N ARG E 318 -24.84 15.93 -25.07
CA ARG E 318 -23.82 16.49 -25.95
C ARG E 318 -23.02 15.35 -26.56
N PRO E 319 -23.55 14.70 -27.61
CA PRO E 319 -22.79 13.62 -28.26
C PRO E 319 -21.50 14.10 -28.90
N ASP E 320 -21.37 15.39 -29.19
CA ASP E 320 -20.13 15.90 -29.77
C ASP E 320 -18.97 15.82 -28.78
N THR E 321 -19.24 16.02 -27.49
CA THR E 321 -18.20 15.98 -26.47
C THR E 321 -18.04 14.56 -25.91
N ALA E 322 -17.75 13.63 -26.82
CA ALA E 322 -17.56 12.24 -26.44
C ALA E 322 -16.70 11.55 -27.49
N ALA E 323 -15.71 10.79 -27.05
CA ALA E 323 -14.81 10.06 -27.92
C ALA E 323 -15.03 8.57 -27.74
N VAL E 324 -15.27 7.86 -28.84
CA VAL E 324 -15.46 6.42 -28.84
C VAL E 324 -14.50 5.82 -29.84
N VAL E 325 -13.71 4.83 -29.39
CA VAL E 325 -12.73 4.16 -30.22
C VAL E 325 -13.17 2.71 -30.43
N LYS E 326 -13.07 2.24 -31.66
CA LYS E 326 -13.47 0.89 -32.03
C LYS E 326 -12.25 0.08 -32.41
N PHE E 327 -12.10 -1.09 -31.80
CA PHE E 327 -10.99 -2.00 -32.07
C PHE E 327 -11.48 -3.12 -32.97
N ASN E 328 -10.80 -3.33 -34.09
CA ASN E 328 -11.23 -4.29 -35.10
C ASN E 328 -10.17 -5.38 -35.23
N GLU E 329 -10.27 -6.39 -34.36
CA GLU E 329 -9.42 -7.58 -34.39
C GLU E 329 -7.96 -7.27 -34.68
N ALA E 330 -7.35 -8.05 -35.56
CA ALA E 330 -5.95 -7.85 -35.93
C ALA E 330 -5.73 -8.15 -37.41
N GLU F 27 -12.34 -21.61 34.26
CA GLU F 27 -12.63 -20.34 33.59
C GLU F 27 -11.36 -19.70 33.08
N VAL F 28 -10.31 -19.73 33.92
CA VAL F 28 -9.03 -19.17 33.51
C VAL F 28 -8.46 -19.91 32.31
N TYR F 29 -8.57 -21.24 32.31
CA TYR F 29 -8.12 -22.01 31.16
C TYR F 29 -8.96 -21.69 29.93
N GLN F 30 -10.27 -21.52 30.11
CA GLN F 30 -11.14 -21.21 28.99
C GLN F 30 -10.80 -19.85 28.38
N ASN F 31 -10.49 -18.87 29.22
CA ASN F 31 -10.11 -17.56 28.71
C ASN F 31 -8.81 -17.63 27.91
N GLU F 32 -7.83 -18.39 28.40
CA GLU F 32 -6.53 -18.45 27.73
C GLU F 32 -6.65 -19.06 26.34
N VAL F 33 -7.42 -20.15 26.20
CA VAL F 33 -7.56 -20.78 24.90
C VAL F 33 -8.39 -19.90 23.96
N ASP F 34 -9.37 -19.19 24.50
CA ASP F 34 -10.22 -18.35 23.66
C ASP F 34 -9.45 -17.16 23.09
N THR F 35 -8.71 -16.45 23.95
CA THR F 35 -8.01 -15.24 23.50
C THR F 35 -6.91 -15.53 22.50
N ARG F 36 -6.38 -16.76 22.48
CA ARG F 36 -5.36 -17.10 21.50
C ARG F 36 -5.91 -17.04 20.07
N PHE F 37 -7.21 -17.27 19.90
CA PHE F 37 -7.81 -17.15 18.57
C PHE F 37 -7.69 -15.73 18.04
N GLN F 38 -7.95 -14.73 18.88
CA GLN F 38 -7.88 -13.34 18.45
C GLN F 38 -6.47 -12.91 18.08
N TYR F 39 -5.46 -13.69 18.42
CA TYR F 39 -4.08 -13.31 18.14
C TYR F 39 -3.42 -14.14 17.04
N GLN F 40 -3.98 -15.30 16.68
CA GLN F 40 -3.29 -16.12 15.69
C GLN F 40 -4.25 -16.58 14.59
N ALA F 41 -5.53 -16.73 14.92
CA ALA F 41 -6.51 -17.19 13.93
C ALA F 41 -6.77 -16.08 12.92
N MET F 42 -6.33 -16.29 11.68
CA MET F 42 -6.46 -15.27 10.65
C MET F 42 -7.88 -15.20 10.11
N PHE F 43 -8.53 -16.35 9.96
CA PHE F 43 -9.80 -16.44 9.23
C PHE F 43 -11.00 -16.06 10.08
N LEU F 44 -10.79 -15.64 11.33
CA LEU F 44 -11.90 -15.15 12.13
C LEU F 44 -12.52 -13.90 11.53
N GLY F 45 -11.77 -13.15 10.73
CA GLY F 45 -12.28 -11.96 10.09
C GLY F 45 -12.28 -12.04 8.58
N LEU F 46 -11.89 -13.19 8.04
CA LEU F 46 -11.86 -13.41 6.59
C LEU F 46 -13.01 -14.28 6.11
N SER F 47 -14.06 -14.44 6.91
CA SER F 47 -15.18 -15.29 6.56
C SER F 47 -16.43 -14.79 7.28
N SER F 48 -17.58 -15.24 6.79
CA SER F 48 -18.86 -14.90 7.41
C SER F 48 -19.08 -15.80 8.62
N GLN F 49 -19.00 -15.23 9.82
CA GLN F 49 -19.08 -15.99 11.06
C GLN F 49 -20.57 -16.19 11.40
N ARG F 50 -21.18 -17.14 10.70
CA ARG F 50 -22.57 -17.50 10.95
C ARG F 50 -22.64 -18.55 12.06
N SER F 51 -23.86 -18.75 12.59
CA SER F 51 -24.09 -19.73 13.63
C SER F 51 -25.35 -20.51 13.31
N VAL F 52 -25.37 -21.78 13.71
CA VAL F 52 -26.51 -22.65 13.50
C VAL F 52 -27.47 -22.43 14.67
N ALA F 53 -28.56 -21.71 14.41
CA ALA F 53 -29.53 -21.43 15.47
C ALA F 53 -30.37 -22.66 15.78
N ASP F 54 -30.71 -23.45 14.77
CA ASP F 54 -31.52 -24.64 14.98
C ASP F 54 -30.70 -25.73 15.67
N ARG F 55 -31.42 -26.64 16.32
CA ARG F 55 -30.79 -27.76 17.02
C ARG F 55 -30.47 -28.92 16.08
N SER F 56 -30.81 -28.80 14.79
CA SER F 56 -30.51 -29.86 13.84
C SER F 56 -29.05 -29.90 13.44
N ASN F 57 -28.24 -28.93 13.86
CA ASN F 57 -26.83 -28.86 13.51
C ASN F 57 -26.61 -28.88 12.01
N THR F 58 -27.43 -28.12 11.29
CA THR F 58 -27.31 -27.99 9.84
C THR F 58 -27.64 -26.56 9.46
N TYR F 59 -26.92 -26.03 8.47
CA TYR F 59 -27.12 -24.67 8.00
C TYR F 59 -27.35 -24.67 6.50
N ARG F 60 -28.18 -23.73 6.05
CA ARG F 60 -28.58 -23.63 4.65
C ARG F 60 -27.95 -22.36 4.07
N ILE F 61 -27.12 -22.53 3.05
CA ILE F 61 -26.50 -21.41 2.33
C ILE F 61 -27.34 -21.12 1.10
N ASP F 62 -27.84 -19.90 1.00
CA ASP F 62 -28.68 -19.48 -0.12
C ASP F 62 -27.77 -19.00 -1.25
N ARG F 63 -27.66 -19.80 -2.30
CA ARG F 63 -26.88 -19.42 -3.49
C ARG F 63 -27.80 -18.67 -4.43
N LEU F 64 -27.77 -17.34 -4.34
CA LEU F 64 -28.62 -16.50 -5.18
C LEU F 64 -28.13 -16.56 -6.62
N ASN F 65 -29.01 -16.96 -7.53
CA ASN F 65 -28.66 -17.05 -8.94
C ASN F 65 -29.74 -16.52 -9.87
N THR F 66 -30.85 -15.98 -9.34
CA THR F 66 -31.92 -15.40 -10.16
C THR F 66 -32.20 -14.01 -9.61
N SER F 67 -31.43 -13.04 -10.09
CA SER F 67 -31.59 -11.64 -9.70
C SER F 67 -31.44 -10.74 -10.90
N SER F 68 -31.92 -11.18 -12.06
CA SER F 68 -31.83 -10.39 -13.26
C SER F 68 -32.77 -9.19 -13.19
N VAL F 69 -32.50 -8.19 -14.02
CA VAL F 69 -33.29 -6.98 -14.11
C VAL F 69 -34.00 -6.97 -15.46
N LYS F 70 -35.31 -6.78 -15.44
CA LYS F 70 -36.12 -6.76 -16.64
C LYS F 70 -36.92 -5.46 -16.69
N GLY F 71 -37.65 -5.27 -17.80
CA GLY F 71 -38.40 -4.05 -17.98
C GLY F 71 -39.82 -4.25 -18.47
N ARG F 72 -40.79 -3.75 -17.71
CA ARG F 72 -42.20 -3.81 -18.09
C ARG F 72 -42.49 -2.58 -18.95
N THR F 73 -42.38 -2.75 -20.27
CA THR F 73 -42.62 -1.66 -21.22
C THR F 73 -44.13 -1.49 -21.49
N SER F 74 -44.85 -1.20 -20.40
CA SER F 74 -46.28 -0.91 -20.43
C SER F 74 -47.09 -2.06 -20.99
N GLY F 75 -47.40 -2.02 -22.29
CA GLY F 75 -48.32 -2.96 -22.90
C GLY F 75 -47.84 -4.40 -22.92
N VAL F 76 -46.56 -4.65 -22.63
CA VAL F 76 -46.04 -6.02 -22.65
C VAL F 76 -46.67 -6.82 -21.52
N ALA F 77 -46.75 -8.14 -21.72
CA ALA F 77 -47.22 -9.06 -20.70
C ALA F 77 -46.04 -9.84 -20.15
N LEU F 78 -45.93 -9.90 -18.83
CA LEU F 78 -44.82 -10.55 -18.17
C LEU F 78 -45.12 -12.02 -17.91
N GLU F 79 -44.05 -12.81 -17.79
CA GLU F 79 -44.14 -14.22 -17.47
C GLU F 79 -43.68 -14.47 -16.04
N PRO F 80 -44.22 -15.48 -15.37
CA PRO F 80 -43.80 -15.77 -13.99
C PRO F 80 -42.32 -16.15 -13.92
N THR F 81 -41.69 -15.80 -12.80
CA THR F 81 -40.27 -16.05 -12.61
C THR F 81 -40.08 -17.33 -11.82
N PRO F 82 -39.54 -18.39 -12.40
CA PRO F 82 -39.34 -19.63 -11.66
C PRO F 82 -38.22 -19.49 -10.63
N VAL F 83 -38.29 -20.34 -9.61
CA VAL F 83 -37.24 -20.39 -8.60
C VAL F 83 -36.08 -21.22 -9.12
N ARG F 84 -34.89 -20.64 -9.11
CA ARG F 84 -33.70 -21.30 -9.65
C ARG F 84 -32.51 -21.10 -8.71
N ASN F 85 -32.73 -21.25 -7.41
CA ASN F 85 -31.69 -21.11 -6.41
C ASN F 85 -31.35 -22.48 -5.85
N ASP F 86 -30.19 -23.01 -6.24
CA ASP F 86 -29.74 -24.32 -5.77
C ASP F 86 -28.97 -24.15 -4.45
N LYS F 87 -29.72 -23.84 -3.41
CA LYS F 87 -29.13 -23.66 -2.08
C LYS F 87 -28.54 -24.97 -1.58
N MET F 88 -27.42 -24.88 -0.88
CA MET F 88 -26.68 -26.04 -0.41
C MET F 88 -26.79 -26.20 1.09
N LEU F 89 -26.45 -27.40 1.56
CA LEU F 89 -26.52 -27.74 2.97
C LEU F 89 -25.13 -28.02 3.50
N ILE F 90 -24.82 -27.46 4.67
CA ILE F 90 -23.60 -27.76 5.41
C ILE F 90 -24.01 -28.26 6.79
N VAL F 91 -23.44 -29.39 7.20
CA VAL F 91 -23.81 -30.04 8.45
C VAL F 91 -22.57 -30.13 9.33
N VAL F 92 -22.73 -29.82 10.61
CA VAL F 92 -21.64 -29.89 11.58
C VAL F 92 -21.69 -31.31 12.16
N ASP F 93 -21.05 -32.24 11.45
CA ASP F 93 -21.06 -33.65 11.83
C ASP F 93 -19.81 -34.08 12.59
N THR F 94 -18.92 -33.15 12.91
CA THR F 94 -17.66 -33.47 13.57
C THR F 94 -17.42 -32.50 14.71
N VAL F 95 -17.02 -33.03 15.87
CA VAL F 95 -16.63 -32.22 17.02
C VAL F 95 -15.13 -32.35 17.21
N LEU F 96 -14.46 -31.22 17.39
CA LEU F 96 -13.01 -31.18 17.59
C LEU F 96 -12.71 -31.05 19.08
N TYR F 97 -11.81 -31.88 19.58
CA TYR F 97 -11.52 -31.94 21.00
C TYR F 97 -10.04 -32.13 21.23
N ILE F 98 -9.60 -31.78 22.43
CA ILE F 98 -8.22 -31.99 22.87
C ILE F 98 -8.27 -32.70 24.22
N ARG F 99 -7.47 -33.76 24.36
CA ARG F 99 -7.50 -34.61 25.55
C ARG F 99 -6.21 -34.40 26.33
N ASN F 100 -6.35 -34.04 27.61
CA ASN F 100 -5.22 -33.80 28.50
C ASN F 100 -5.45 -34.53 29.81
N PRO F 101 -5.09 -35.81 29.89
CA PRO F 101 -5.24 -36.55 31.16
C PRO F 101 -4.29 -36.01 32.22
N ILE F 102 -4.83 -35.72 33.39
CA ILE F 102 -4.08 -35.17 34.50
C ILE F 102 -4.31 -36.05 35.73
N ASP F 103 -3.21 -36.45 36.38
CA ASP F 103 -3.30 -37.31 37.54
C ASP F 103 -3.64 -36.49 38.79
N TYR F 104 -4.03 -37.20 39.86
CA TYR F 104 -4.40 -36.53 41.10
C TYR F 104 -3.22 -35.81 41.74
N GLN F 105 -2.03 -36.43 41.70
CA GLN F 105 -0.86 -35.80 42.32
C GLN F 105 -0.53 -34.48 41.63
N ASP F 106 -0.62 -34.44 40.31
CA ASP F 106 -0.45 -33.18 39.59
C ASP F 106 -1.62 -32.25 39.89
N ASP F 107 -1.32 -30.98 40.05
CA ASP F 107 -2.33 -29.97 40.38
C ASP F 107 -2.70 -29.22 39.11
N TRP F 108 -3.84 -29.60 38.50
CA TRP F 108 -4.28 -28.94 37.28
C TRP F 108 -4.62 -27.48 37.53
N THR F 109 -5.28 -27.18 38.64
CA THR F 109 -5.71 -25.82 38.93
C THR F 109 -4.55 -24.89 39.28
N ALA F 110 -3.35 -25.43 39.48
CA ALA F 110 -2.21 -24.59 39.82
C ALA F 110 -1.89 -23.63 38.68
N PRO F 111 -1.64 -22.36 38.97
CA PRO F 111 -1.28 -21.41 37.91
C PRO F 111 0.05 -21.78 37.27
N ASP F 112 0.37 -21.08 36.18
CA ASP F 112 1.51 -21.32 35.31
C ASP F 112 1.44 -22.65 34.59
N PHE F 113 0.36 -23.42 34.78
CA PHE F 113 0.11 -24.65 34.06
C PHE F 113 -1.13 -24.55 33.17
N LEU F 114 -2.25 -24.08 33.73
CA LEU F 114 -3.43 -23.85 32.92
C LEU F 114 -3.19 -22.77 31.87
N THR F 115 -2.51 -21.69 32.27
CA THR F 115 -2.23 -20.62 31.32
C THR F 115 -1.34 -21.11 30.18
N GLU F 116 -0.32 -21.91 30.50
CA GLU F 116 0.51 -22.50 29.46
C GLU F 116 -0.27 -23.54 28.66
N MET F 117 -1.19 -24.25 29.32
CA MET F 117 -2.08 -25.16 28.60
C MET F 117 -3.01 -24.40 27.67
N GLY F 118 -3.57 -23.28 28.12
CA GLY F 118 -4.52 -22.54 27.31
C GLY F 118 -3.90 -22.02 26.02
N GLN F 119 -2.67 -21.52 26.11
CA GLN F 119 -2.02 -20.93 24.93
C GLN F 119 -1.78 -21.98 23.86
N ASN F 120 -1.24 -23.14 24.25
CA ASN F 120 -0.96 -24.19 23.27
C ASN F 120 -2.24 -24.73 22.65
N ASN F 121 -3.27 -24.95 23.46
CA ASN F 121 -4.54 -25.45 22.95
C ASN F 121 -5.17 -24.45 21.99
N GLY F 122 -5.15 -23.16 22.34
CA GLY F 122 -5.68 -22.15 21.46
C GLY F 122 -4.92 -22.07 20.14
N SER F 123 -3.59 -22.13 20.22
CA SER F 123 -2.79 -22.10 19.00
C SER F 123 -3.11 -23.29 18.10
N GLU F 124 -3.19 -24.48 18.69
CA GLU F 124 -3.50 -25.67 17.88
C GLU F 124 -4.89 -25.58 17.27
N PHE F 125 -5.87 -25.14 18.05
CA PHE F 125 -7.24 -25.05 17.54
C PHE F 125 -7.35 -24.03 16.41
N ALA F 126 -6.73 -22.87 16.58
CA ALA F 126 -6.78 -21.86 15.53
C ALA F 126 -6.01 -22.30 14.29
N GLU F 127 -4.89 -23.01 14.49
CA GLU F 127 -4.15 -23.54 13.36
C GLU F 127 -4.99 -24.54 12.58
N VAL F 128 -5.72 -25.40 13.28
CA VAL F 128 -6.60 -26.35 12.61
C VAL F 128 -7.74 -25.64 11.91
N PHE F 129 -8.25 -24.57 12.52
CA PHE F 129 -9.28 -23.75 11.88
C PHE F 129 -8.80 -23.20 10.54
N ASP F 130 -7.64 -22.55 10.55
CA ASP F 130 -7.08 -22.00 9.31
C ASP F 130 -6.76 -23.11 8.32
N GLN F 131 -6.26 -24.24 8.81
CA GLN F 131 -5.93 -25.35 7.94
C GLN F 131 -7.18 -25.87 7.23
N ALA F 132 -8.28 -26.00 7.97
CA ALA F 132 -9.53 -26.45 7.37
C ALA F 132 -10.02 -25.45 6.31
N HIS F 133 -9.91 -24.16 6.61
CA HIS F 133 -10.34 -23.17 5.61
C HIS F 133 -9.50 -23.25 4.34
N LEU F 134 -8.17 -23.35 4.48
CA LEU F 134 -7.34 -23.47 3.30
C LEU F 134 -7.63 -24.74 2.53
N ILE F 135 -7.89 -25.85 3.23
CA ILE F 135 -8.23 -27.08 2.54
C ILE F 135 -9.54 -26.91 1.78
N GLN F 136 -10.50 -26.18 2.36
CA GLN F 136 -11.76 -25.94 1.68
C GLN F 136 -11.54 -25.17 0.37
N LEU F 137 -10.75 -24.08 0.43
CA LEU F 137 -10.48 -23.33 -0.79
C LEU F 137 -9.70 -24.15 -1.80
N ILE F 138 -8.73 -24.94 -1.35
CA ILE F 138 -7.95 -25.76 -2.28
C ILE F 138 -8.84 -26.79 -2.97
N LYS F 139 -9.71 -27.46 -2.22
CA LYS F 139 -10.61 -28.43 -2.82
C LYS F 139 -11.63 -27.76 -3.73
N GLY F 140 -11.98 -26.51 -3.43
CA GLY F 140 -12.90 -25.78 -4.29
C GLY F 140 -12.22 -25.13 -5.49
N ARG F 141 -11.32 -25.88 -6.14
CA ARG F 141 -10.61 -25.38 -7.31
C ARG F 141 -11.15 -25.94 -8.62
N SER F 142 -11.83 -27.08 -8.58
CA SER F 142 -12.38 -27.72 -9.76
C SER F 142 -13.89 -27.82 -9.69
N TRP F 143 -14.52 -26.76 -9.16
CA TRP F 143 -15.97 -26.73 -9.08
C TRP F 143 -16.58 -26.74 -10.48
N VAL F 144 -17.72 -27.41 -10.61
CA VAL F 144 -18.30 -27.66 -11.93
C VAL F 144 -19.35 -26.62 -12.27
N ALA F 145 -19.95 -26.02 -11.23
CA ALA F 145 -21.00 -25.02 -11.40
C ALA F 145 -22.11 -25.55 -12.31
N PRO F 146 -22.96 -26.45 -11.81
CA PRO F 146 -23.94 -27.10 -12.68
C PRO F 146 -25.04 -26.16 -13.17
N ALA F 147 -26.00 -26.71 -13.90
CA ALA F 147 -27.10 -25.91 -14.44
C ALA F 147 -27.91 -25.28 -13.30
N HIS F 148 -28.80 -24.36 -13.68
CA HIS F 148 -29.58 -23.50 -12.79
C HIS F 148 -28.70 -22.46 -12.11
N LEU F 149 -27.39 -22.46 -12.35
CA LEU F 149 -26.48 -21.49 -11.78
C LEU F 149 -25.51 -20.90 -12.80
N LYS F 150 -25.46 -21.44 -14.01
CA LYS F 150 -24.47 -21.01 -14.99
C LYS F 150 -24.49 -19.51 -15.28
N PRO F 151 -25.64 -18.84 -15.46
CA PRO F 151 -25.58 -17.39 -15.72
C PRO F 151 -24.89 -16.59 -14.63
N ALA F 152 -25.01 -16.99 -13.37
CA ALA F 152 -24.45 -16.23 -12.26
C ALA F 152 -23.35 -16.97 -11.52
N PHE F 153 -22.93 -18.15 -11.98
CA PHE F 153 -21.88 -18.92 -11.33
C PHE F 153 -20.95 -19.50 -12.38
N SER F 154 -19.66 -19.52 -12.06
CA SER F 154 -18.62 -20.03 -12.94
C SER F 154 -17.87 -21.16 -12.25
N ASP F 155 -16.93 -21.75 -12.98
CA ASP F 155 -16.15 -22.88 -12.47
C ASP F 155 -15.02 -22.36 -11.58
N GLY F 156 -14.09 -23.25 -11.23
CA GLY F 156 -12.93 -22.89 -10.46
C GLY F 156 -11.83 -22.31 -11.33
N ILE F 157 -10.71 -21.99 -10.67
CA ILE F 157 -9.56 -21.37 -11.32
C ILE F 157 -8.40 -22.35 -11.27
N GLU F 158 -7.81 -22.62 -12.44
CA GLU F 158 -6.73 -23.59 -12.58
C GLU F 158 -5.53 -22.96 -13.30
N ILE F 159 -5.15 -21.76 -12.87
CA ILE F 159 -3.96 -21.13 -13.42
C ILE F 159 -2.73 -21.90 -12.96
N GLU F 160 -1.84 -22.20 -13.90
CA GLU F 160 -0.66 -23.00 -13.65
C GLU F 160 0.59 -22.12 -13.59
N ALA F 161 1.61 -22.63 -12.90
CA ALA F 161 2.88 -21.93 -12.78
C ALA F 161 4.00 -22.96 -12.72
N THR F 162 5.19 -22.50 -13.09
CA THR F 162 6.39 -23.34 -13.09
C THR F 162 7.52 -22.55 -12.41
N ILE F 163 7.62 -22.68 -11.09
CA ILE F 163 8.62 -22.00 -10.30
C ILE F 163 9.65 -23.00 -9.81
N ASP F 164 10.91 -22.78 -10.15
CA ASP F 164 12.02 -23.65 -9.73
C ASP F 164 12.60 -23.08 -8.45
N SER F 165 12.20 -23.64 -7.31
CA SER F 165 12.70 -23.17 -6.03
C SER F 165 14.20 -23.41 -5.89
N ASP F 166 14.68 -24.56 -6.36
CA ASP F 166 16.10 -24.91 -6.27
C ASP F 166 16.85 -24.18 -7.38
N VAL F 167 17.11 -22.90 -7.13
CA VAL F 167 17.83 -22.06 -8.08
C VAL F 167 18.50 -20.94 -7.31
N THR F 168 19.83 -20.84 -7.42
CA THR F 168 20.59 -19.83 -6.72
C THR F 168 21.07 -18.70 -7.62
N THR F 169 21.08 -18.90 -8.92
CA THR F 169 21.52 -17.86 -9.84
C THR F 169 20.56 -16.67 -9.81
N GLN F 170 21.10 -15.46 -9.94
CA GLN F 170 20.27 -14.27 -9.95
C GLN F 170 19.32 -14.25 -11.13
N ALA F 171 19.74 -14.78 -12.28
CA ALA F 171 18.86 -14.87 -13.43
C ALA F 171 17.66 -15.77 -13.15
N GLY F 172 17.90 -16.91 -12.50
CA GLY F 172 16.81 -17.80 -12.16
C GLY F 172 15.95 -17.29 -11.03
N MET F 173 16.53 -16.50 -10.12
CA MET F 173 15.76 -15.95 -9.01
C MET F 173 14.69 -14.98 -9.51
N GLU F 174 15.04 -14.13 -10.47
CA GLU F 174 14.04 -13.21 -11.04
C GLU F 174 13.08 -13.94 -11.97
N ALA F 175 13.51 -15.05 -12.56
CA ALA F 175 12.63 -15.83 -13.43
C ALA F 175 11.46 -16.43 -12.66
N ASN F 176 11.67 -16.78 -11.39
CA ASN F 176 10.58 -17.28 -10.57
C ASN F 176 9.64 -16.15 -10.16
N ALA F 177 10.19 -15.00 -9.80
CA ALA F 177 9.38 -13.88 -9.36
C ALA F 177 8.45 -13.39 -10.46
N ILE F 178 8.95 -13.32 -11.69
CA ILE F 178 8.10 -12.85 -12.79
C ILE F 178 7.01 -13.87 -13.07
N ALA F 179 7.30 -15.16 -12.96
CA ALA F 179 6.28 -16.17 -13.15
C ALA F 179 5.19 -16.09 -12.08
N ILE F 180 5.58 -15.90 -10.82
CA ILE F 180 4.61 -15.75 -9.75
C ILE F 180 3.76 -14.51 -9.97
N ASN F 181 4.39 -13.40 -10.36
CA ASN F 181 3.65 -12.17 -10.61
C ASN F 181 2.69 -12.34 -11.78
N GLN F 182 3.12 -13.07 -12.83
CA GLN F 182 2.24 -13.31 -13.97
C GLN F 182 1.03 -14.15 -13.56
N ALA F 183 1.25 -15.18 -12.75
CA ALA F 183 0.13 -15.98 -12.27
C ALA F 183 -0.82 -15.15 -11.43
N HIS F 184 -0.27 -14.30 -10.55
CA HIS F 184 -1.12 -13.44 -9.73
C HIS F 184 -1.91 -12.46 -10.60
N LYS F 185 -1.27 -11.90 -11.62
CA LYS F 185 -1.97 -11.00 -12.53
C LYS F 185 -3.10 -11.71 -13.27
N ALA F 186 -2.84 -12.92 -13.75
CA ALA F 186 -3.89 -13.67 -14.44
C ALA F 186 -5.06 -13.96 -13.51
N GLY F 187 -4.76 -14.38 -12.28
CA GLY F 187 -5.83 -14.64 -11.33
C GLY F 187 -6.63 -13.40 -11.01
N ILE F 188 -5.95 -12.27 -10.80
CA ILE F 188 -6.64 -11.02 -10.48
C ILE F 188 -7.49 -10.57 -11.65
N ASP F 189 -6.97 -10.66 -12.87
CA ASP F 189 -7.75 -10.26 -14.03
C ASP F 189 -8.99 -11.12 -14.19
N GLU F 190 -8.84 -12.44 -14.05
CA GLU F 190 -9.99 -13.33 -14.18
C GLU F 190 -11.03 -13.05 -13.10
N LEU F 191 -10.57 -12.82 -11.87
CA LEU F 191 -11.50 -12.61 -10.77
C LEU F 191 -12.19 -11.25 -10.85
N ILE F 192 -11.50 -10.23 -11.38
CA ILE F 192 -12.13 -8.94 -11.61
C ILE F 192 -13.15 -9.03 -12.73
N LYS F 193 -12.84 -9.82 -13.76
CA LYS F 193 -13.78 -9.99 -14.88
C LYS F 193 -15.12 -10.54 -14.40
N ARG F 194 -15.14 -11.27 -13.29
CA ARG F 194 -16.36 -11.80 -12.73
C ARG F 194 -17.04 -10.83 -11.76
N LYS F 195 -16.74 -9.55 -11.87
CA LYS F 195 -17.43 -8.49 -11.12
C LYS F 195 -17.30 -8.70 -9.61
N VAL F 196 -16.06 -8.65 -9.14
CA VAL F 196 -15.73 -8.70 -7.72
C VAL F 196 -14.94 -7.45 -7.38
N PRO F 197 -15.36 -6.63 -6.42
CA PRO F 197 -14.63 -5.40 -6.12
C PRO F 197 -13.21 -5.68 -5.65
N LEU F 198 -12.29 -4.81 -6.06
CA LEU F 198 -10.90 -4.94 -5.63
C LEU F 198 -10.70 -4.51 -4.19
N ASN F 199 -11.59 -3.69 -3.64
CA ASN F 199 -11.45 -3.24 -2.26
C ASN F 199 -11.49 -4.43 -1.30
N ASP F 200 -12.17 -5.51 -1.68
CA ASP F 200 -12.26 -6.72 -0.86
C ASP F 200 -11.57 -7.86 -1.60
N MET F 201 -10.25 -7.94 -1.41
CA MET F 201 -9.45 -9.06 -1.93
C MET F 201 -8.25 -9.25 -1.03
N ILE F 202 -7.95 -10.51 -0.71
CA ILE F 202 -6.74 -10.89 0.00
C ILE F 202 -6.14 -12.10 -0.69
N THR F 203 -4.83 -12.08 -0.91
CA THR F 203 -4.10 -13.20 -1.47
C THR F 203 -3.23 -13.82 -0.37
N LEU F 204 -3.33 -15.14 -0.23
CA LEU F 204 -2.57 -15.87 0.79
C LEU F 204 -1.49 -16.69 0.11
N VAL F 205 -0.26 -16.59 0.63
CA VAL F 205 0.90 -17.24 0.04
C VAL F 205 1.59 -18.09 1.09
N SER F 206 2.25 -19.14 0.63
CA SER F 206 3.06 -19.97 1.51
C SER F 206 4.35 -19.23 1.87
N THR F 207 5.05 -19.76 2.87
CA THR F 207 6.29 -19.12 3.31
C THR F 207 7.33 -19.12 2.20
N GLU F 208 7.50 -20.24 1.50
CA GLU F 208 8.49 -20.29 0.43
C GLU F 208 8.11 -19.38 -0.73
N ILE F 209 6.82 -19.34 -1.08
CA ILE F 209 6.38 -18.44 -2.15
C ILE F 209 6.56 -16.99 -1.73
N TYR F 210 6.21 -16.67 -0.49
CA TYR F 210 6.36 -15.31 0.00
C TYR F 210 7.83 -14.89 -0.02
N SER F 211 8.73 -15.80 0.35
CA SER F 211 10.16 -15.50 0.25
C SER F 211 10.59 -15.31 -1.20
N LEU F 212 10.07 -16.15 -2.10
CA LEU F 212 10.38 -16.04 -3.52
C LEU F 212 9.80 -14.80 -4.16
N LEU F 213 8.87 -14.11 -3.49
CA LEU F 213 8.31 -12.88 -4.02
C LEU F 213 9.39 -11.81 -4.19
N LEU F 214 9.10 -10.82 -5.03
CA LEU F 214 10.02 -9.73 -5.29
C LEU F 214 9.97 -8.73 -4.15
N GLU F 215 10.58 -7.56 -4.33
CA GLU F 215 10.69 -6.58 -3.25
C GLU F 215 9.32 -6.10 -2.79
N HIS F 216 8.61 -5.37 -3.65
CA HIS F 216 7.28 -4.79 -3.38
C HIS F 216 7.14 -4.37 -1.93
N PRO F 217 7.93 -3.41 -1.47
CA PRO F 217 8.07 -3.19 -0.02
C PRO F 217 6.88 -2.48 0.62
N LYS F 218 5.78 -2.35 -0.10
CA LYS F 218 4.58 -1.73 0.47
C LYS F 218 4.05 -2.61 1.59
N LEU F 219 4.23 -2.17 2.83
CA LEU F 219 3.90 -2.98 4.00
C LEU F 219 2.58 -2.54 4.58
N PHE F 220 1.65 -3.48 4.74
CA PHE F 220 0.36 -3.25 5.39
C PHE F 220 0.50 -3.69 6.84
N ASN F 221 0.92 -2.75 7.69
CA ASN F 221 1.20 -3.09 9.09
C ASN F 221 -0.07 -3.45 9.84
N LYS F 222 -1.16 -2.71 9.62
CA LYS F 222 -2.37 -2.93 10.41
C LYS F 222 -3.65 -2.90 9.56
N ASP F 223 -3.54 -3.02 8.24
CA ASP F 223 -4.70 -2.92 7.38
C ASP F 223 -4.65 -3.95 6.25
N TRP F 224 -4.28 -5.19 6.56
CA TRP F 224 -4.26 -6.21 5.50
C TRP F 224 -5.63 -6.85 5.33
N GLY F 225 -6.65 -6.01 5.16
CA GLY F 225 -8.01 -6.49 5.04
C GLY F 225 -8.69 -6.78 6.35
N ASP F 226 -8.07 -6.45 7.48
CA ASP F 226 -8.64 -6.68 8.79
C ASP F 226 -9.05 -5.34 9.42
N ALA F 227 -10.28 -5.28 9.90
CA ALA F 227 -10.83 -4.06 10.50
C ALA F 227 -10.88 -4.22 12.01
N ASN F 228 -10.34 -3.24 12.73
CA ASN F 228 -10.33 -3.23 14.20
C ASN F 228 -9.68 -4.49 14.75
N ALA F 229 -8.58 -4.92 14.13
CA ALA F 229 -7.84 -6.10 14.55
C ALA F 229 -6.52 -5.67 15.15
N ASN F 230 -6.23 -6.18 16.35
CA ASN F 230 -4.99 -5.84 17.05
C ASN F 230 -4.23 -7.09 17.44
N GLY F 231 -4.95 -8.17 17.76
CA GLY F 231 -4.30 -9.38 18.20
C GLY F 231 -3.46 -10.04 17.12
N TYR F 232 -3.96 -10.06 15.89
CA TYR F 232 -3.26 -10.72 14.81
C TYR F 232 -1.93 -10.03 14.51
N LYS F 233 -0.90 -10.83 14.25
CA LYS F 233 0.43 -10.33 13.93
C LYS F 233 0.97 -11.19 12.78
N GLU F 234 0.86 -10.68 11.56
CA GLU F 234 1.26 -11.42 10.38
C GLU F 234 2.31 -10.63 9.60
N ARG F 235 2.84 -11.27 8.56
CA ARG F 235 3.92 -10.71 7.75
C ARG F 235 3.40 -10.17 6.42
N ARG F 236 2.22 -9.56 6.44
CA ARG F 236 1.63 -8.96 5.24
C ARG F 236 2.31 -7.63 4.95
N ALA F 237 3.59 -7.72 4.58
CA ALA F 237 4.40 -6.55 4.27
C ALA F 237 4.52 -6.29 2.77
N VAL F 238 3.66 -6.92 1.98
CA VAL F 238 3.70 -6.81 0.52
C VAL F 238 2.30 -6.50 0.01
N LEU F 239 2.22 -5.62 -0.98
CA LEU F 239 0.98 -5.24 -1.64
C LEU F 239 1.15 -5.48 -3.13
N MET F 240 0.87 -6.70 -3.57
CA MET F 240 1.00 -7.05 -4.98
C MET F 240 -0.25 -6.66 -5.76
N ASN F 241 -0.04 -5.93 -6.85
CA ASN F 241 -1.11 -5.62 -7.80
C ASN F 241 -2.28 -4.91 -7.13
N GLY F 242 -1.99 -4.05 -6.16
CA GLY F 242 -3.00 -3.24 -5.53
C GLY F 242 -3.81 -3.92 -4.45
N ILE F 243 -3.50 -5.17 -4.10
CA ILE F 243 -4.22 -5.87 -3.04
C ILE F 243 -3.21 -6.36 -2.01
N PRO F 244 -3.59 -6.48 -0.74
CA PRO F 244 -2.67 -7.06 0.24
C PRO F 244 -2.41 -8.53 -0.05
N VAL F 245 -1.19 -8.95 0.25
CA VAL F 245 -0.78 -10.34 0.16
C VAL F 245 -0.21 -10.74 1.51
N VAL F 246 -0.79 -11.76 2.13
CA VAL F 246 -0.45 -12.16 3.49
C VAL F 246 0.21 -13.53 3.44
N GLU F 247 1.27 -13.69 4.22
CA GLU F 247 2.01 -14.95 4.29
C GLU F 247 1.31 -15.87 5.28
N CYS F 248 0.81 -17.01 4.80
CA CYS F 248 0.14 -18.00 5.62
C CYS F 248 1.09 -19.18 5.85
N THR F 249 1.49 -19.37 7.11
CA THR F 249 2.35 -20.50 7.45
C THR F 249 1.59 -21.82 7.49
N GLU F 250 0.27 -21.77 7.61
CA GLU F 250 -0.55 -22.97 7.77
C GLU F 250 -1.16 -23.35 6.41
N PHE F 251 -0.33 -23.93 5.55
CA PHE F 251 -0.83 -24.54 4.33
C PHE F 251 -0.78 -26.06 4.42
N PRO F 252 -1.70 -26.76 3.77
CA PRO F 252 -1.74 -28.22 3.87
C PRO F 252 -0.70 -28.86 2.96
N ASP F 253 0.00 -29.88 3.49
CA ASP F 253 0.90 -30.68 2.69
C ASP F 253 0.80 -32.17 2.99
N ALA F 254 -0.02 -32.57 3.96
CA ALA F 254 -0.15 -33.97 4.33
C ALA F 254 -1.33 -34.59 3.58
N GLY F 255 -1.72 -35.80 3.99
CA GLY F 255 -2.84 -36.51 3.39
C GLY F 255 -4.07 -36.68 4.25
N THR F 256 -4.16 -35.98 5.38
CA THR F 256 -5.31 -36.13 6.27
C THR F 256 -5.50 -34.85 7.07
N HIS F 257 -6.68 -34.72 7.67
CA HIS F 257 -7.03 -33.58 8.48
C HIS F 257 -8.01 -34.06 9.56
N PRO F 258 -7.89 -33.55 10.79
CA PRO F 258 -8.79 -34.03 11.86
C PRO F 258 -10.26 -33.77 11.58
N LEU F 259 -10.62 -32.54 11.26
CA LEU F 259 -12.01 -32.18 11.02
C LEU F 259 -12.50 -32.83 9.73
N GLY F 260 -13.27 -33.90 9.86
CA GLY F 260 -13.87 -34.55 8.70
C GLY F 260 -12.89 -35.45 7.96
N SER F 261 -13.44 -36.17 6.99
CA SER F 261 -12.67 -37.05 6.13
C SER F 261 -12.60 -36.59 4.68
N ALA F 262 -13.39 -35.59 4.31
CA ALA F 262 -13.33 -35.02 2.96
C ALA F 262 -12.23 -33.98 2.81
N TYR F 263 -11.49 -33.69 3.89
CA TYR F 263 -10.41 -32.73 3.87
C TYR F 263 -9.06 -33.37 3.60
N THR F 264 -9.03 -34.65 3.24
CA THR F 264 -7.78 -35.33 2.94
C THR F 264 -7.10 -34.71 1.73
N VAL F 265 -6.00 -34.00 1.96
CA VAL F 265 -5.32 -33.27 0.89
C VAL F 265 -4.52 -34.27 0.05
N THR F 266 -4.74 -34.23 -1.26
CA THR F 266 -4.03 -35.11 -2.17
C THR F 266 -2.68 -34.50 -2.54
N ALA F 267 -1.88 -35.27 -3.29
CA ALA F 267 -0.58 -34.79 -3.73
C ALA F 267 -0.72 -33.59 -4.65
N ASP F 268 -1.67 -33.63 -5.58
CA ASP F 268 -1.91 -32.50 -6.47
C ASP F 268 -2.41 -31.28 -5.68
N ASP F 269 -3.30 -31.51 -4.72
CA ASP F 269 -3.83 -30.41 -3.92
C ASP F 269 -2.78 -29.77 -3.03
N ALA F 270 -1.71 -30.49 -2.71
CA ALA F 270 -0.65 -29.93 -1.87
C ALA F 270 0.23 -28.94 -2.62
N LYS F 271 0.25 -28.98 -3.95
CA LYS F 271 1.11 -28.09 -4.72
C LYS F 271 0.57 -26.68 -4.79
N CYS F 272 -0.72 -26.47 -4.51
CA CYS F 272 -1.30 -25.14 -4.56
C CYS F 272 -0.82 -24.33 -3.37
N ARG F 273 0.02 -23.33 -3.62
CA ARG F 273 0.64 -22.56 -2.57
C ARG F 273 0.28 -21.08 -2.59
N MET F 274 -0.67 -20.66 -3.44
CA MET F 274 -1.15 -19.29 -3.42
C MET F 274 -2.62 -19.28 -3.83
N VAL F 275 -3.44 -18.58 -3.06
CA VAL F 275 -4.88 -18.52 -3.27
C VAL F 275 -5.33 -17.06 -3.22
N THR F 276 -6.20 -16.68 -4.15
CA THR F 276 -6.83 -15.37 -4.17
C THR F 276 -8.34 -15.56 -4.08
N PHE F 277 -8.97 -14.88 -3.12
CA PHE F 277 -10.39 -15.04 -2.87
C PHE F 277 -10.96 -13.73 -2.34
N SER F 278 -12.25 -13.75 -2.01
CA SER F 278 -12.95 -12.59 -1.50
C SER F 278 -13.18 -12.72 -0.01
N LYS F 279 -13.04 -11.61 0.70
CA LYS F 279 -13.19 -11.62 2.16
C LYS F 279 -14.63 -11.53 2.61
N SER F 280 -15.59 -11.40 1.70
CA SER F 280 -16.99 -11.29 2.08
C SER F 280 -17.93 -12.08 1.18
N ARG F 281 -17.42 -12.85 0.22
CA ARG F 281 -18.30 -13.58 -0.69
C ARG F 281 -17.79 -14.99 -1.00
N THR F 282 -16.83 -15.51 -0.25
CA THR F 282 -16.23 -16.80 -0.56
C THR F 282 -16.33 -17.82 0.57
N LEU F 283 -16.26 -17.39 1.82
CA LEU F 283 -16.24 -18.31 2.94
C LEU F 283 -17.35 -17.99 3.94
N VAL F 284 -18.02 -19.02 4.42
CA VAL F 284 -18.99 -18.93 5.50
C VAL F 284 -18.68 -20.02 6.50
N THR F 285 -18.67 -19.68 7.78
CA THR F 285 -18.41 -20.61 8.86
C THR F 285 -19.61 -20.69 9.78
N VAL F 286 -19.90 -21.88 10.27
CA VAL F 286 -21.00 -22.12 11.19
C VAL F 286 -20.44 -22.70 12.48
N GLU F 287 -20.78 -22.09 13.60
CA GLU F 287 -20.32 -22.51 14.92
C GLU F 287 -21.51 -23.18 15.63
N ALA F 288 -21.63 -24.50 15.45
CA ALA F 288 -22.70 -25.23 16.10
C ALA F 288 -22.57 -25.17 17.62
N LYS F 289 -21.34 -25.30 18.12
CA LYS F 289 -21.07 -25.22 19.54
C LYS F 289 -19.81 -24.40 19.75
N PRO F 290 -19.82 -23.43 20.65
CA PRO F 290 -18.60 -22.66 20.93
C PRO F 290 -17.58 -23.49 21.71
N PHE F 291 -16.45 -22.88 22.05
CA PHE F 291 -15.38 -23.62 22.74
C PHE F 291 -15.71 -23.68 24.22
N THR F 292 -16.01 -24.88 24.72
CA THR F 292 -16.35 -25.10 26.11
C THR F 292 -15.35 -26.07 26.72
N SER F 293 -14.87 -25.75 27.92
CA SER F 293 -13.89 -26.57 28.63
C SER F 293 -14.61 -27.43 29.66
N ARG F 294 -14.26 -28.72 29.69
CA ARG F 294 -14.90 -29.68 30.57
C ARG F 294 -13.85 -30.43 31.37
N ILE F 295 -14.11 -30.63 32.65
CA ILE F 295 -13.25 -31.42 33.53
C ILE F 295 -14.09 -32.52 34.16
N TRP F 296 -13.59 -33.75 34.10
CA TRP F 296 -14.33 -34.89 34.61
C TRP F 296 -13.37 -35.91 35.20
N ASP F 297 -13.73 -36.46 36.36
CA ASP F 297 -12.92 -37.48 36.98
C ASP F 297 -13.00 -38.79 36.21
N ASP F 298 -11.91 -39.54 36.23
CA ASP F 298 -11.82 -40.85 35.57
C ASP F 298 -11.21 -41.83 36.56
N GLU F 299 -12.06 -42.47 37.38
CA GLU F 299 -11.57 -43.40 38.38
C GLU F 299 -10.92 -44.64 37.76
N GLN F 300 -11.31 -44.99 36.54
CA GLN F 300 -10.80 -46.21 35.92
C GLN F 300 -9.30 -46.14 35.70
N ASN F 301 -8.80 -45.01 35.22
CA ASN F 301 -7.38 -44.85 34.92
C ASN F 301 -6.66 -43.95 35.91
N PHE F 302 -7.34 -43.55 37.00
CA PHE F 302 -6.75 -42.72 38.05
C PHE F 302 -6.20 -41.41 37.47
N ALA F 303 -7.11 -40.61 36.92
CA ALA F 303 -6.73 -39.34 36.33
C ALA F 303 -7.93 -38.42 36.28
N ASN F 304 -7.66 -37.11 36.32
CA ASN F 304 -8.67 -36.09 36.12
C ASN F 304 -8.49 -35.54 34.72
N VAL F 305 -9.18 -36.14 33.75
CA VAL F 305 -9.01 -35.78 32.36
C VAL F 305 -9.66 -34.44 32.09
N LEU F 306 -8.92 -33.52 31.49
CA LEU F 306 -9.40 -32.20 31.13
C LEU F 306 -9.47 -32.10 29.61
N ASP F 307 -10.63 -31.68 29.10
CA ASP F 307 -10.82 -31.56 27.66
C ASP F 307 -11.70 -30.36 27.35
N CYS F 308 -11.35 -29.65 26.28
CA CYS F 308 -12.18 -28.59 25.73
C CYS F 308 -12.48 -28.91 24.28
N TYR F 309 -13.72 -28.63 23.87
CA TYR F 309 -14.19 -29.06 22.56
C TYR F 309 -15.10 -27.99 21.97
N ALA F 310 -15.22 -28.03 20.65
CA ALA F 310 -16.11 -27.14 19.92
C ALA F 310 -16.44 -27.75 18.57
N MET F 311 -17.64 -27.45 18.08
CA MET F 311 -18.13 -27.97 16.81
C MET F 311 -18.27 -26.82 15.83
N TYR F 312 -17.63 -26.96 14.67
CA TYR F 312 -17.78 -25.96 13.62
C TYR F 312 -17.48 -26.61 12.27
N GLN F 313 -17.92 -25.95 11.21
CA GLN F 313 -17.71 -26.43 9.85
C GLN F 313 -17.60 -25.22 8.93
N VAL F 314 -16.74 -25.33 7.93
CA VAL F 314 -16.50 -24.25 6.98
C VAL F 314 -17.17 -24.59 5.67
N GLY F 315 -17.85 -23.61 5.09
CA GLY F 315 -18.53 -23.77 3.81
C GLY F 315 -18.04 -22.75 2.81
N GLU F 316 -17.81 -23.20 1.58
CA GLU F 316 -17.27 -22.34 0.52
C GLU F 316 -18.41 -21.89 -0.38
N ARG F 317 -19.12 -20.86 0.08
CA ARG F 317 -20.15 -20.24 -0.74
C ARG F 317 -19.52 -19.49 -1.91
N ARG F 318 -20.10 -19.64 -3.10
CA ARG F 318 -19.61 -19.01 -4.32
C ARG F 318 -18.16 -19.41 -4.59
N PRO F 319 -17.91 -20.68 -4.97
CA PRO F 319 -16.53 -21.08 -5.29
C PRO F 319 -15.94 -20.35 -6.48
N ASP F 320 -16.77 -19.73 -7.32
CA ASP F 320 -16.27 -19.04 -8.50
C ASP F 320 -15.48 -17.77 -8.17
N THR F 321 -15.52 -17.31 -6.92
CA THR F 321 -14.83 -16.10 -6.51
C THR F 321 -13.51 -16.39 -5.81
N ALA F 322 -12.96 -17.58 -6.01
CA ALA F 322 -11.68 -17.96 -5.42
C ALA F 322 -10.75 -18.45 -6.52
N ALA F 323 -9.54 -17.88 -6.56
CA ALA F 323 -8.54 -18.23 -7.56
C ALA F 323 -7.34 -18.87 -6.89
N VAL F 324 -6.94 -20.04 -7.37
CA VAL F 324 -5.79 -20.77 -6.83
C VAL F 324 -4.83 -21.05 -7.97
N VAL F 325 -3.56 -21.25 -7.62
CA VAL F 325 -2.51 -21.56 -8.58
C VAL F 325 -1.77 -22.81 -8.10
N LYS F 326 -1.50 -23.71 -9.03
CA LYS F 326 -0.81 -24.97 -8.73
C LYS F 326 0.61 -24.86 -9.30
N PHE F 327 1.59 -24.72 -8.42
CA PHE F 327 2.97 -24.62 -8.84
C PHE F 327 3.52 -26.00 -9.22
N ASN F 328 4.47 -26.00 -10.16
CA ASN F 328 5.13 -27.22 -10.60
C ASN F 328 6.62 -26.94 -10.74
N GLU F 329 7.41 -27.44 -9.78
CA GLU F 329 8.84 -27.26 -9.83
C GLU F 329 9.44 -28.03 -11.01
N ALA F 330 10.34 -27.38 -11.74
CA ALA F 330 10.97 -27.98 -12.90
C ALA F 330 12.03 -29.00 -12.48
N GLU G 27 -62.01 -25.01 7.97
CA GLU G 27 -61.67 -25.98 8.99
C GLU G 27 -62.37 -27.31 8.75
N VAL G 28 -63.67 -27.23 8.43
CA VAL G 28 -64.44 -28.44 8.15
C VAL G 28 -63.89 -29.15 6.91
N TYR G 29 -63.49 -28.39 5.90
CA TYR G 29 -62.85 -28.99 4.73
C TYR G 29 -61.54 -29.66 5.10
N GLN G 30 -60.75 -29.02 5.96
CA GLN G 30 -59.48 -29.58 6.37
C GLN G 30 -59.66 -30.91 7.10
N ASN G 31 -60.64 -30.97 8.02
CA ASN G 31 -60.89 -32.20 8.76
C ASN G 31 -61.38 -33.30 7.83
N GLU G 32 -62.19 -32.95 6.83
CA GLU G 32 -62.70 -33.96 5.90
C GLU G 32 -61.57 -34.61 5.11
N VAL G 33 -60.58 -33.83 4.69
CA VAL G 33 -59.45 -34.39 3.97
C VAL G 33 -58.57 -35.22 4.90
N ASP G 34 -58.34 -34.72 6.11
CA ASP G 34 -57.47 -35.43 7.06
C ASP G 34 -58.06 -36.77 7.44
N THR G 35 -59.34 -36.79 7.80
CA THR G 35 -59.98 -38.05 8.20
C THR G 35 -60.01 -39.05 7.04
N ARG G 36 -60.30 -38.56 5.83
CA ARG G 36 -60.26 -39.44 4.66
C ARG G 36 -58.84 -39.90 4.35
N PHE G 37 -57.85 -39.06 4.64
CA PHE G 37 -56.47 -39.42 4.35
C PHE G 37 -56.01 -40.59 5.21
N GLN G 38 -56.43 -40.63 6.48
CA GLN G 38 -56.08 -41.75 7.34
C GLN G 38 -56.57 -43.06 6.76
N TYR G 39 -57.81 -43.08 6.27
CA TYR G 39 -58.32 -44.21 5.52
C TYR G 39 -57.60 -44.33 4.18
N GLN G 40 -57.49 -45.57 3.70
CA GLN G 40 -57.02 -45.87 2.35
C GLN G 40 -55.52 -45.63 2.18
N ALA G 41 -54.86 -45.08 3.21
CA ALA G 41 -53.42 -44.84 3.16
C ALA G 41 -52.72 -46.07 3.73
N MET G 42 -52.33 -46.97 2.83
CA MET G 42 -51.66 -48.20 3.25
C MET G 42 -50.31 -47.90 3.90
N PHE G 43 -49.55 -46.97 3.34
CA PHE G 43 -48.21 -46.69 3.82
C PHE G 43 -48.19 -45.74 5.02
N LEU G 44 -49.35 -45.32 5.51
CA LEU G 44 -49.38 -44.49 6.71
C LEU G 44 -48.97 -45.27 7.95
N GLY G 45 -49.06 -46.59 7.93
CA GLY G 45 -48.67 -47.40 9.06
C GLY G 45 -47.48 -48.30 8.78
N LEU G 46 -46.91 -48.18 7.58
CA LEU G 46 -45.75 -48.98 7.18
C LEU G 46 -44.48 -48.16 7.14
N SER G 47 -44.42 -47.06 7.91
CA SER G 47 -43.25 -46.20 7.93
C SER G 47 -43.25 -45.41 9.23
N SER G 48 -42.09 -44.85 9.55
CA SER G 48 -41.95 -44.03 10.76
C SER G 48 -42.46 -42.62 10.47
N GLN G 49 -43.52 -42.23 11.16
CA GLN G 49 -44.15 -40.92 10.97
C GLN G 49 -43.41 -39.90 11.83
N ARG G 50 -42.37 -39.29 11.25
CA ARG G 50 -41.60 -38.25 11.92
C ARG G 50 -42.03 -36.88 11.42
N SER G 51 -41.53 -35.85 12.11
CA SER G 51 -41.88 -34.48 11.76
C SER G 51 -40.69 -33.57 12.07
N VAL G 52 -40.39 -32.66 11.14
CA VAL G 52 -39.31 -31.70 11.34
C VAL G 52 -39.77 -30.66 12.35
N ALA G 53 -39.35 -30.82 13.61
CA ALA G 53 -39.78 -29.91 14.66
C ALA G 53 -39.21 -28.51 14.47
N ASP G 54 -37.94 -28.42 14.08
CA ASP G 54 -37.30 -27.13 13.93
C ASP G 54 -37.84 -26.39 12.70
N ARG G 55 -37.60 -25.07 12.69
CA ARG G 55 -38.01 -24.27 11.54
C ARG G 55 -37.29 -24.72 10.28
N SER G 56 -36.02 -25.09 10.39
CA SER G 56 -35.31 -25.67 9.25
C SER G 56 -35.98 -26.97 8.84
N ASN G 57 -36.18 -27.13 7.54
CA ASN G 57 -36.97 -28.25 7.01
C ASN G 57 -36.06 -29.41 6.63
N THR G 58 -35.29 -29.88 7.62
CA THR G 58 -34.39 -31.01 7.45
C THR G 58 -34.50 -31.93 8.65
N TYR G 59 -34.35 -33.23 8.39
CA TYR G 59 -34.42 -34.25 9.44
C TYR G 59 -33.24 -35.20 9.31
N ARG G 60 -32.64 -35.54 10.45
CA ARG G 60 -31.53 -36.49 10.51
C ARG G 60 -31.97 -37.69 11.33
N ILE G 61 -31.87 -38.88 10.75
CA ILE G 61 -32.31 -40.11 11.40
C ILE G 61 -31.27 -41.20 11.17
N ASP G 62 -31.06 -42.04 12.17
CA ASP G 62 -30.08 -43.11 12.08
C ASP G 62 -30.56 -44.20 11.12
N ARG G 63 -29.62 -44.72 10.32
CA ARG G 63 -29.97 -45.79 9.39
C ARG G 63 -30.41 -47.05 10.12
N LEU G 64 -29.70 -47.41 11.19
CA LEU G 64 -29.95 -48.66 11.91
C LEU G 64 -30.31 -48.33 13.35
N ASN G 65 -31.57 -48.53 13.71
CA ASN G 65 -32.02 -48.36 15.09
C ASN G 65 -31.97 -49.65 15.89
N THR G 66 -31.59 -50.77 15.27
CA THR G 66 -31.51 -52.04 15.98
C THR G 66 -30.29 -52.04 16.89
N SER G 67 -30.51 -52.41 18.15
CA SER G 67 -29.44 -52.49 19.15
C SER G 67 -29.73 -53.65 20.08
N SER G 68 -28.79 -54.60 20.15
CA SER G 68 -28.96 -55.78 21.01
C SER G 68 -28.57 -55.40 22.43
N VAL G 69 -29.52 -54.79 23.14
CA VAL G 69 -29.30 -54.41 24.53
C VAL G 69 -29.18 -55.62 25.46
N LYS G 70 -29.52 -56.82 24.98
CA LYS G 70 -29.39 -58.03 25.77
C LYS G 70 -27.93 -58.43 25.83
N GLY G 71 -27.23 -57.90 26.83
CA GLY G 71 -25.83 -58.22 27.03
C GLY G 71 -25.58 -58.86 28.38
N ARG G 72 -24.99 -60.05 28.38
CA ARG G 72 -24.76 -60.78 29.62
C ARG G 72 -23.66 -60.11 30.43
N THR G 73 -23.98 -59.73 31.66
CA THR G 73 -23.04 -59.10 32.57
C THR G 73 -22.48 -60.07 33.60
N SER G 74 -22.69 -61.38 33.42
CA SER G 74 -22.16 -62.36 34.36
C SER G 74 -20.63 -62.33 34.38
N GLY G 75 -20.01 -62.24 33.20
CA GLY G 75 -18.57 -62.11 33.15
C GLY G 75 -18.12 -60.79 33.75
N VAL G 76 -17.00 -60.83 34.47
CA VAL G 76 -16.48 -59.63 35.11
C VAL G 76 -16.10 -58.58 34.07
N ALA G 77 -15.41 -59.00 33.02
CA ALA G 77 -14.93 -58.09 31.99
C ALA G 77 -15.89 -58.12 30.79
N LEU G 78 -16.50 -56.98 30.49
CA LEU G 78 -17.38 -56.87 29.34
C LEU G 78 -16.57 -56.76 28.05
N GLU G 79 -17.23 -57.07 26.94
CA GLU G 79 -16.62 -57.05 25.61
C GLU G 79 -17.48 -56.20 24.69
N PRO G 80 -17.37 -54.87 24.78
CA PRO G 80 -18.17 -54.01 23.88
C PRO G 80 -17.78 -54.22 22.43
N THR G 81 -18.79 -54.12 21.56
CA THR G 81 -18.60 -54.31 20.13
C THR G 81 -18.72 -52.96 19.41
N PRO G 82 -17.67 -52.49 18.74
CA PRO G 82 -17.78 -51.21 18.03
C PRO G 82 -18.68 -51.28 16.82
N VAL G 83 -19.83 -50.62 16.88
CA VAL G 83 -20.81 -50.61 15.79
C VAL G 83 -21.15 -49.17 15.47
N ARG G 84 -21.25 -48.86 14.17
CA ARG G 84 -21.56 -47.52 13.70
C ARG G 84 -22.75 -47.58 12.75
N ASN G 85 -23.51 -46.49 12.72
CA ASN G 85 -24.67 -46.37 11.85
C ASN G 85 -24.61 -45.07 11.08
N ASP G 86 -24.91 -45.13 9.79
CA ASP G 86 -24.94 -43.93 8.97
C ASP G 86 -26.11 -43.04 9.37
N LYS G 87 -25.85 -41.73 9.41
CA LYS G 87 -26.87 -40.75 9.77
C LYS G 87 -27.52 -40.22 8.49
N MET G 88 -28.75 -40.68 8.23
CA MET G 88 -29.47 -40.22 7.04
C MET G 88 -29.82 -38.74 7.15
N LEU G 89 -29.88 -38.09 6.00
CA LEU G 89 -30.33 -36.71 5.91
C LEU G 89 -31.47 -36.62 4.90
N ILE G 90 -32.65 -36.26 5.36
CA ILE G 90 -33.83 -36.12 4.52
C ILE G 90 -34.33 -34.69 4.62
N VAL G 91 -34.55 -34.06 3.47
CA VAL G 91 -34.98 -32.68 3.39
C VAL G 91 -36.24 -32.59 2.53
N VAL G 92 -37.20 -31.80 2.98
CA VAL G 92 -38.43 -31.59 2.23
C VAL G 92 -38.26 -30.37 1.34
N ASP G 93 -38.62 -30.50 0.08
CA ASP G 93 -38.49 -29.39 -0.86
C ASP G 93 -39.78 -29.10 -1.61
N THR G 94 -40.54 -30.12 -1.97
CA THR G 94 -41.74 -29.94 -2.78
C THR G 94 -42.92 -29.57 -1.90
N VAL G 95 -43.78 -28.69 -2.43
CA VAL G 95 -45.04 -28.36 -1.78
C VAL G 95 -46.17 -29.05 -2.53
N LEU G 96 -46.53 -30.26 -2.11
CA LEU G 96 -47.60 -30.99 -2.77
C LEU G 96 -48.93 -30.30 -2.50
N TYR G 97 -49.73 -30.13 -3.54
CA TYR G 97 -50.97 -29.37 -3.43
C TYR G 97 -51.99 -29.89 -4.43
N ILE G 98 -53.25 -29.60 -4.14
CA ILE G 98 -54.36 -29.80 -5.07
C ILE G 98 -55.19 -28.53 -5.07
N ARG G 99 -55.64 -28.13 -6.25
CA ARG G 99 -56.30 -26.84 -6.44
C ARG G 99 -57.70 -27.03 -7.00
N ASN G 100 -58.65 -26.30 -6.44
CA ASN G 100 -60.05 -26.37 -6.86
C ASN G 100 -60.59 -24.96 -7.05
N PRO G 101 -60.83 -24.53 -8.30
CA PRO G 101 -61.38 -23.19 -8.52
C PRO G 101 -62.91 -23.21 -8.36
N ILE G 102 -63.42 -22.27 -7.58
CA ILE G 102 -64.85 -22.15 -7.31
C ILE G 102 -65.32 -20.78 -7.81
N ASP G 103 -66.33 -20.79 -8.67
CA ASP G 103 -66.81 -19.55 -9.27
C ASP G 103 -67.49 -18.67 -8.23
N TYR G 104 -67.64 -17.38 -8.58
CA TYR G 104 -68.23 -16.42 -7.65
C TYR G 104 -69.67 -16.76 -7.35
N GLN G 105 -70.45 -17.11 -8.37
CA GLN G 105 -71.87 -17.39 -8.15
C GLN G 105 -72.07 -18.70 -7.38
N ASP G 106 -71.22 -19.69 -7.60
CA ASP G 106 -71.33 -20.93 -6.86
C ASP G 106 -70.93 -20.73 -5.41
N ASP G 107 -71.50 -21.56 -4.54
CA ASP G 107 -71.23 -21.50 -3.11
C ASP G 107 -70.33 -22.66 -2.72
N TRP G 108 -69.22 -22.35 -2.06
CA TRP G 108 -68.27 -23.36 -1.61
C TRP G 108 -68.45 -23.74 -0.15
N THR G 109 -68.82 -22.78 0.70
CA THR G 109 -68.96 -23.06 2.13
C THR G 109 -70.19 -23.91 2.45
N ALA G 110 -71.06 -24.15 1.48
CA ALA G 110 -72.25 -24.96 1.74
C ALA G 110 -71.86 -26.40 1.99
N PRO G 111 -72.37 -27.04 3.04
CA PRO G 111 -72.08 -28.45 3.28
C PRO G 111 -72.62 -29.32 2.15
N ASP G 112 -72.25 -30.60 2.20
CA ASP G 112 -72.52 -31.62 1.18
C ASP G 112 -71.75 -31.36 -0.11
N PHE G 113 -71.01 -30.25 -0.19
CA PHE G 113 -70.09 -29.98 -1.28
C PHE G 113 -68.65 -29.92 -0.81
N LEU G 114 -68.40 -29.32 0.35
CA LEU G 114 -67.07 -29.40 0.96
C LEU G 114 -66.70 -30.84 1.26
N THR G 115 -67.63 -31.60 1.85
CA THR G 115 -67.35 -32.98 2.20
C THR G 115 -67.11 -33.82 0.95
N GLU G 116 -67.92 -33.63 -0.10
CA GLU G 116 -67.72 -34.38 -1.33
C GLU G 116 -66.38 -34.03 -1.96
N MET G 117 -66.01 -32.76 -1.94
CA MET G 117 -64.69 -32.36 -2.44
C MET G 117 -63.59 -32.86 -1.52
N GLY G 118 -63.85 -32.91 -0.22
CA GLY G 118 -62.83 -33.33 0.73
C GLY G 118 -62.43 -34.78 0.56
N GLN G 119 -63.41 -35.66 0.34
CA GLN G 119 -63.10 -37.09 0.21
C GLN G 119 -62.24 -37.35 -1.01
N ASN G 120 -62.55 -36.71 -2.14
CA ASN G 120 -61.75 -36.92 -3.35
C ASN G 120 -60.33 -36.41 -3.16
N ASN G 121 -60.17 -35.25 -2.53
CA ASN G 121 -58.84 -34.71 -2.27
C ASN G 121 -58.05 -35.63 -1.35
N GLY G 122 -58.69 -36.14 -0.30
CA GLY G 122 -58.01 -37.06 0.59
C GLY G 122 -57.61 -38.35 -0.12
N SER G 123 -58.48 -38.87 -0.97
CA SER G 123 -58.15 -40.06 -1.72
C SER G 123 -56.97 -39.83 -2.65
N GLU G 124 -56.94 -38.67 -3.31
CA GLU G 124 -55.82 -38.35 -4.18
C GLU G 124 -54.52 -38.22 -3.40
N PHE G 125 -54.57 -37.57 -2.23
CA PHE G 125 -53.38 -37.44 -1.40
C PHE G 125 -52.88 -38.81 -0.93
N ALA G 126 -53.80 -39.69 -0.52
CA ALA G 126 -53.38 -41.03 -0.12
C ALA G 126 -52.78 -41.79 -1.30
N GLU G 127 -53.37 -41.64 -2.48
CA GLU G 127 -52.86 -42.33 -3.67
C GLU G 127 -51.44 -41.86 -3.99
N VAL G 128 -51.21 -40.55 -3.95
CA VAL G 128 -49.86 -40.07 -4.26
C VAL G 128 -48.88 -40.42 -3.15
N PHE G 129 -49.35 -40.51 -1.90
CA PHE G 129 -48.50 -40.96 -0.81
C PHE G 129 -47.99 -42.38 -1.06
N ASP G 130 -48.92 -43.31 -1.35
CA ASP G 130 -48.52 -44.69 -1.62
C ASP G 130 -47.67 -44.77 -2.88
N GLN G 131 -48.02 -43.98 -3.89
CA GLN G 131 -47.23 -43.96 -5.13
C GLN G 131 -45.81 -43.53 -4.87
N ALA G 132 -45.61 -42.48 -4.07
CA ALA G 132 -44.26 -42.00 -3.76
C ALA G 132 -43.48 -43.06 -2.99
N HIS G 133 -44.12 -43.72 -2.03
CA HIS G 133 -43.41 -44.75 -1.28
C HIS G 133 -42.97 -45.89 -2.19
N LEU G 134 -43.86 -46.36 -3.06
CA LEU G 134 -43.47 -47.42 -3.99
C LEU G 134 -42.38 -46.96 -4.94
N ILE G 135 -42.46 -45.70 -5.39
CA ILE G 135 -41.44 -45.18 -6.30
C ILE G 135 -40.08 -45.18 -5.63
N GLN G 136 -40.02 -44.74 -4.37
CA GLN G 136 -38.72 -44.68 -3.70
C GLN G 136 -38.20 -46.10 -3.43
N LEU G 137 -39.11 -47.04 -3.15
CA LEU G 137 -38.68 -48.43 -3.02
C LEU G 137 -38.07 -48.95 -4.31
N ILE G 138 -38.73 -48.69 -5.45
CA ILE G 138 -38.20 -49.14 -6.74
C ILE G 138 -36.87 -48.45 -7.04
N LYS G 139 -36.73 -47.19 -6.62
CA LYS G 139 -35.44 -46.52 -6.77
C LYS G 139 -34.37 -47.18 -5.91
N GLY G 140 -34.73 -47.60 -4.71
CA GLY G 140 -33.81 -48.28 -3.82
C GLY G 140 -33.53 -49.72 -4.21
N ARG G 141 -34.26 -50.24 -5.21
CA ARG G 141 -33.93 -51.54 -5.78
C ARG G 141 -32.44 -51.67 -6.06
N SER G 142 -31.91 -50.83 -6.95
CA SER G 142 -30.51 -50.89 -7.35
C SER G 142 -29.70 -49.88 -6.55
N TRP G 143 -29.50 -50.21 -5.27
CA TRP G 143 -28.74 -49.38 -4.35
C TRP G 143 -27.47 -50.12 -3.98
N VAL G 144 -26.33 -49.55 -4.35
CA VAL G 144 -25.03 -50.13 -3.99
C VAL G 144 -24.70 -49.77 -2.55
N ALA G 145 -24.28 -50.77 -1.78
CA ALA G 145 -23.99 -50.56 -0.37
C ALA G 145 -22.57 -50.03 -0.19
N PRO G 146 -22.38 -48.91 0.51
CA PRO G 146 -21.02 -48.49 0.86
C PRO G 146 -20.43 -49.39 1.92
N ALA G 147 -20.10 -50.63 1.54
CA ALA G 147 -19.61 -51.60 2.52
C ALA G 147 -18.33 -51.14 3.18
N HIS G 148 -17.54 -50.30 2.50
CA HIS G 148 -16.34 -49.75 3.12
C HIS G 148 -16.68 -48.88 4.33
N LEU G 149 -17.81 -48.18 4.29
CA LEU G 149 -18.33 -47.60 5.53
C LEU G 149 -18.77 -48.68 6.50
N LYS G 150 -19.58 -49.64 6.02
CA LYS G 150 -20.16 -50.66 6.89
C LYS G 150 -20.49 -51.92 6.11
N PRO G 151 -19.89 -53.07 6.46
CA PRO G 151 -20.23 -54.31 5.75
C PRO G 151 -21.54 -54.93 6.19
N ALA G 152 -22.08 -54.55 7.34
CA ALA G 152 -23.37 -55.09 7.77
C ALA G 152 -24.49 -54.68 6.83
N PHE G 153 -24.50 -53.42 6.38
CA PHE G 153 -25.50 -52.95 5.44
C PHE G 153 -25.23 -53.54 4.07
N SER G 154 -26.03 -54.53 3.68
CA SER G 154 -25.89 -55.12 2.36
C SER G 154 -26.55 -54.23 1.30
N ASP G 155 -26.28 -54.56 0.04
CA ASP G 155 -26.80 -53.77 -1.07
C ASP G 155 -28.21 -54.22 -1.44
N GLY G 156 -28.80 -53.51 -2.39
CA GLY G 156 -30.13 -53.87 -2.86
C GLY G 156 -30.12 -55.20 -3.60
N ILE G 157 -31.28 -55.85 -3.61
CA ILE G 157 -31.43 -57.17 -4.18
C ILE G 157 -32.27 -57.09 -5.45
N GLU G 158 -31.99 -57.97 -6.38
CA GLU G 158 -32.43 -57.87 -7.78
C GLU G 158 -33.04 -59.17 -8.26
N ILE G 159 -33.99 -59.72 -7.49
CA ILE G 159 -34.66 -60.94 -7.92
C ILE G 159 -35.34 -60.70 -9.25
N GLU G 160 -35.07 -61.58 -10.22
CA GLU G 160 -35.61 -61.49 -11.57
C GLU G 160 -36.42 -62.74 -11.87
N ALA G 161 -37.52 -62.56 -12.60
CA ALA G 161 -38.37 -63.66 -13.00
C ALA G 161 -39.08 -63.30 -14.29
N THR G 162 -39.54 -64.32 -15.01
CA THR G 162 -40.27 -64.16 -16.25
C THR G 162 -41.72 -64.56 -16.03
N ILE G 163 -42.64 -63.65 -16.34
CA ILE G 163 -44.07 -63.86 -16.14
C ILE G 163 -44.76 -63.87 -17.49
N ASP G 164 -45.59 -64.89 -17.72
CA ASP G 164 -46.33 -64.99 -18.97
C ASP G 164 -47.51 -64.03 -18.95
N SER G 165 -47.52 -63.08 -19.89
CA SER G 165 -48.57 -62.09 -19.94
C SER G 165 -49.84 -62.66 -20.58
N ASP G 166 -49.75 -63.10 -21.83
CA ASP G 166 -50.90 -63.68 -22.51
C ASP G 166 -51.19 -65.09 -22.01
N VAL G 167 -50.22 -66.00 -22.20
CA VAL G 167 -50.33 -67.39 -21.76
C VAL G 167 -51.59 -68.04 -22.31
N THR G 168 -52.22 -68.90 -21.50
CA THR G 168 -53.44 -69.60 -21.90
C THR G 168 -54.24 -69.92 -20.65
N THR G 169 -55.25 -70.78 -20.80
CA THR G 169 -56.11 -71.18 -19.70
C THR G 169 -55.66 -72.55 -19.19
N GLN G 170 -55.37 -72.62 -17.89
CA GLN G 170 -54.99 -73.86 -17.20
C GLN G 170 -53.68 -74.44 -17.75
N ALA G 171 -53.04 -73.73 -18.67
CA ALA G 171 -51.75 -74.17 -19.21
C ALA G 171 -50.64 -73.19 -18.85
N GLY G 172 -50.80 -71.90 -19.19
CA GLY G 172 -49.84 -70.89 -18.79
C GLY G 172 -50.14 -70.19 -17.49
N MET G 173 -51.34 -70.41 -16.93
CA MET G 173 -51.69 -69.79 -15.66
C MET G 173 -50.79 -70.29 -14.54
N GLU G 174 -50.50 -71.58 -14.52
CA GLU G 174 -49.58 -72.13 -13.53
C GLU G 174 -48.12 -71.99 -13.95
N ALA G 175 -47.86 -71.75 -15.24
CA ALA G 175 -46.48 -71.58 -15.69
C ALA G 175 -45.85 -70.33 -15.11
N ASN G 176 -46.56 -69.21 -15.17
CA ASN G 176 -46.07 -67.98 -14.56
C ASN G 176 -46.24 -67.98 -13.06
N ALA G 177 -47.27 -68.67 -12.55
CA ALA G 177 -47.53 -68.68 -11.12
C ALA G 177 -46.37 -69.30 -10.34
N ILE G 178 -45.83 -70.41 -10.84
CA ILE G 178 -44.72 -71.05 -10.14
C ILE G 178 -43.48 -70.16 -10.18
N ALA G 179 -43.26 -69.44 -11.29
CA ALA G 179 -42.13 -68.52 -11.37
C ALA G 179 -42.27 -67.39 -10.35
N ILE G 180 -43.48 -66.81 -10.26
CA ILE G 180 -43.70 -65.74 -9.28
C ILE G 180 -43.50 -66.28 -7.87
N ASN G 181 -44.01 -67.47 -7.60
CA ASN G 181 -43.91 -68.04 -6.26
C ASN G 181 -42.46 -68.36 -5.89
N GLN G 182 -41.68 -68.90 -6.81
CA GLN G 182 -40.27 -69.18 -6.50
C GLN G 182 -39.47 -67.89 -6.35
N ALA G 183 -39.82 -66.85 -7.10
CA ALA G 183 -39.22 -65.54 -6.84
C ALA G 183 -39.59 -65.06 -5.44
N HIS G 184 -40.81 -65.33 -5.01
CA HIS G 184 -41.22 -64.95 -3.66
C HIS G 184 -40.40 -65.69 -2.60
N LYS G 185 -40.18 -67.00 -2.78
CA LYS G 185 -39.30 -67.71 -1.85
C LYS G 185 -37.89 -67.12 -1.88
N ALA G 186 -37.38 -66.80 -3.07
CA ALA G 186 -36.04 -66.23 -3.15
C ALA G 186 -35.95 -64.94 -2.34
N GLY G 187 -36.95 -64.06 -2.51
CA GLY G 187 -36.94 -62.81 -1.76
C GLY G 187 -37.04 -63.01 -0.26
N ILE G 188 -37.97 -63.88 0.18
CA ILE G 188 -38.15 -64.05 1.61
C ILE G 188 -36.93 -64.72 2.23
N ASP G 189 -36.31 -65.66 1.51
CA ASP G 189 -35.09 -66.28 2.00
C ASP G 189 -33.97 -65.26 2.12
N GLU G 190 -33.85 -64.37 1.13
CA GLU G 190 -32.81 -63.34 1.19
C GLU G 190 -33.03 -62.45 2.41
N LEU G 191 -34.27 -62.02 2.65
CA LEU G 191 -34.55 -61.20 3.84
C LEU G 191 -34.29 -61.95 5.13
N ILE G 192 -34.68 -63.22 5.22
CA ILE G 192 -34.43 -64.00 6.42
C ILE G 192 -32.93 -64.12 6.67
N LYS G 193 -32.15 -64.25 5.59
CA LYS G 193 -30.70 -64.30 5.73
C LYS G 193 -30.16 -63.04 6.39
N ARG G 194 -30.82 -61.90 6.19
CA ARG G 194 -30.39 -60.63 6.76
C ARG G 194 -31.00 -60.37 8.14
N LYS G 195 -31.38 -61.42 8.86
CA LYS G 195 -31.89 -61.31 10.23
C LYS G 195 -33.11 -60.39 10.30
N VAL G 196 -34.01 -60.53 9.33
CA VAL G 196 -35.27 -59.79 9.32
C VAL G 196 -36.37 -60.73 9.82
N PRO G 197 -37.08 -60.38 10.89
CA PRO G 197 -38.11 -61.28 11.41
C PRO G 197 -39.21 -61.53 10.38
N LEU G 198 -39.73 -62.76 10.39
CA LEU G 198 -40.73 -63.14 9.40
C LEU G 198 -42.04 -62.40 9.62
N ASN G 199 -42.40 -62.11 10.86
CA ASN G 199 -43.66 -61.42 11.12
C ASN G 199 -43.67 -60.03 10.51
N ASP G 200 -42.57 -59.30 10.62
CA ASP G 200 -42.46 -57.95 10.05
C ASP G 200 -42.03 -58.09 8.59
N MET G 201 -43.00 -58.44 7.75
CA MET G 201 -42.75 -58.62 6.32
C MET G 201 -44.07 -58.52 5.59
N ILE G 202 -44.14 -57.61 4.62
CA ILE G 202 -45.35 -57.37 3.84
C ILE G 202 -44.98 -57.42 2.37
N THR G 203 -45.82 -58.06 1.57
CA THR G 203 -45.61 -58.16 0.13
C THR G 203 -46.70 -57.38 -0.59
N LEU G 204 -46.27 -56.47 -1.48
CA LEU G 204 -47.18 -55.68 -2.29
C LEU G 204 -46.97 -56.02 -3.76
N VAL G 205 -48.06 -56.24 -4.48
CA VAL G 205 -48.00 -56.65 -5.87
C VAL G 205 -48.88 -55.71 -6.70
N SER G 206 -48.61 -55.70 -7.99
CA SER G 206 -49.44 -54.94 -8.92
C SER G 206 -50.80 -55.63 -9.10
N THR G 207 -51.75 -54.89 -9.66
CA THR G 207 -53.10 -55.42 -9.83
C THR G 207 -53.10 -56.63 -10.75
N GLU G 208 -52.39 -56.55 -11.87
CA GLU G 208 -52.33 -57.69 -12.78
C GLU G 208 -51.54 -58.85 -12.17
N ILE G 209 -50.51 -58.56 -11.38
CA ILE G 209 -49.78 -59.63 -10.70
C ILE G 209 -50.70 -60.36 -9.72
N TYR G 210 -51.50 -59.60 -8.97
CA TYR G 210 -52.47 -60.21 -8.08
C TYR G 210 -53.50 -61.03 -8.85
N SER G 211 -53.95 -60.52 -9.99
CA SER G 211 -54.92 -61.26 -10.80
C SER G 211 -54.33 -62.58 -11.29
N LEU G 212 -53.08 -62.55 -11.77
CA LEU G 212 -52.43 -63.78 -12.21
C LEU G 212 -52.18 -64.73 -11.04
N LEU G 213 -51.92 -64.21 -9.84
CA LEU G 213 -51.70 -65.07 -8.69
C LEU G 213 -52.96 -65.88 -8.37
N LEU G 214 -54.13 -65.25 -8.46
CA LEU G 214 -55.38 -65.97 -8.26
C LEU G 214 -55.65 -66.91 -9.44
N GLU G 215 -56.58 -67.84 -9.23
CA GLU G 215 -56.92 -68.87 -10.21
C GLU G 215 -55.68 -69.66 -10.64
N HIS G 216 -54.81 -69.92 -9.68
CA HIS G 216 -53.56 -70.63 -9.90
C HIS G 216 -53.34 -71.62 -8.78
N PRO G 217 -52.53 -72.66 -9.01
CA PRO G 217 -52.23 -73.59 -7.91
C PRO G 217 -51.58 -72.93 -6.71
N LYS G 218 -50.79 -71.88 -6.93
CA LYS G 218 -50.19 -71.16 -5.81
C LYS G 218 -51.26 -70.54 -4.91
N LEU G 219 -52.29 -69.94 -5.52
CA LEU G 219 -53.40 -69.44 -4.72
C LEU G 219 -54.30 -70.57 -4.25
N PHE G 220 -54.42 -71.65 -5.04
CA PHE G 220 -55.22 -72.79 -4.62
C PHE G 220 -54.61 -73.47 -3.41
N ASN G 221 -53.29 -73.43 -3.27
CA ASN G 221 -52.61 -74.01 -2.12
C ASN G 221 -52.49 -73.03 -0.96
N LYS G 222 -52.17 -71.77 -1.24
CA LYS G 222 -52.02 -70.73 -0.23
C LYS G 222 -53.11 -69.69 -0.44
N ASP G 223 -54.18 -69.80 0.34
CA ASP G 223 -55.31 -68.88 0.24
C ASP G 223 -55.82 -68.46 1.61
N TRP G 224 -54.94 -68.40 2.61
CA TRP G 224 -55.33 -68.00 3.96
C TRP G 224 -55.62 -66.51 3.96
N GLY G 225 -56.92 -66.17 3.98
CA GLY G 225 -57.36 -64.77 3.95
C GLY G 225 -57.49 -64.29 5.39
N ASP G 226 -56.48 -63.56 5.87
CA ASP G 226 -56.54 -63.01 7.22
C ASP G 226 -57.39 -61.75 7.26
N ALA G 227 -56.95 -60.71 6.54
CA ALA G 227 -57.69 -59.44 6.44
C ALA G 227 -58.05 -58.88 7.81
N ASN G 228 -57.08 -58.92 8.73
CA ASN G 228 -57.32 -58.47 10.09
C ASN G 228 -57.39 -56.95 10.16
N ALA G 229 -56.28 -56.28 9.82
CA ALA G 229 -56.24 -54.82 9.83
C ALA G 229 -55.97 -54.24 8.45
N ASN G 230 -54.85 -54.62 7.81
CA ASN G 230 -54.51 -54.05 6.51
C ASN G 230 -55.37 -54.67 5.40
N GLY G 231 -55.58 -55.98 5.43
CA GLY G 231 -56.34 -56.65 4.39
C GLY G 231 -57.83 -56.45 4.44
N TYR G 232 -58.36 -55.88 5.52
CA TYR G 232 -59.80 -55.65 5.62
C TYR G 232 -60.22 -54.44 4.80
N LYS G 233 -59.65 -53.27 5.11
CA LYS G 233 -59.98 -52.06 4.38
C LYS G 233 -59.55 -52.17 2.93
N GLU G 234 -58.35 -52.67 2.68
CA GLU G 234 -57.83 -52.83 1.34
C GLU G 234 -58.14 -54.24 0.83
N ARG G 235 -57.46 -54.65 -0.24
CA ARG G 235 -57.61 -55.99 -0.77
C ARG G 235 -57.24 -57.02 0.29
N ARG G 236 -57.96 -58.14 0.32
CA ARG G 236 -57.72 -59.17 1.31
C ARG G 236 -56.29 -59.68 1.23
N ALA G 237 -55.69 -59.86 2.40
CA ALA G 237 -54.28 -60.29 2.49
C ALA G 237 -54.22 -61.80 2.34
N VAL G 238 -53.92 -62.25 1.13
CA VAL G 238 -53.78 -63.68 0.86
C VAL G 238 -52.37 -64.12 1.27
N LEU G 239 -52.29 -64.96 2.28
CA LEU G 239 -50.99 -65.44 2.76
C LEU G 239 -50.40 -66.44 1.77
N MET G 240 -49.10 -66.29 1.52
CA MET G 240 -48.38 -67.19 0.63
C MET G 240 -47.29 -67.98 1.35
N ASN G 241 -46.43 -67.31 2.09
CA ASN G 241 -45.34 -67.96 2.82
C ASN G 241 -45.28 -67.42 4.25
N GLY G 242 -46.43 -67.35 4.90
CA GLY G 242 -46.51 -66.84 6.24
C GLY G 242 -46.55 -65.33 6.36
N ILE G 243 -46.58 -64.61 5.25
CA ILE G 243 -46.62 -63.15 5.27
C ILE G 243 -47.79 -62.68 4.40
N PRO G 244 -48.44 -61.57 4.74
CA PRO G 244 -49.54 -61.08 3.91
C PRO G 244 -49.06 -60.62 2.55
N VAL G 245 -49.92 -60.82 1.55
CA VAL G 245 -49.70 -60.31 0.20
C VAL G 245 -50.90 -59.44 -0.15
N VAL G 246 -50.64 -58.17 -0.44
CA VAL G 246 -51.69 -57.18 -0.67
C VAL G 246 -51.47 -56.53 -2.03
N GLU G 247 -52.52 -56.45 -2.82
CA GLU G 247 -52.46 -55.75 -4.10
C GLU G 247 -52.64 -54.25 -3.86
N CYS G 248 -51.68 -53.47 -4.36
CA CYS G 248 -51.73 -52.01 -4.23
C CYS G 248 -52.31 -51.43 -5.51
N THR G 249 -53.47 -50.79 -5.41
CA THR G 249 -54.06 -50.14 -6.58
C THR G 249 -53.19 -49.00 -7.08
N GLU G 250 -52.64 -48.21 -6.16
CA GLU G 250 -51.80 -47.06 -6.52
C GLU G 250 -50.39 -47.56 -6.87
N PHE G 251 -50.31 -48.27 -7.99
CA PHE G 251 -49.01 -48.82 -8.34
C PHE G 251 -48.36 -48.00 -9.45
N PRO G 252 -47.03 -47.91 -9.43
CA PRO G 252 -46.35 -47.08 -10.44
C PRO G 252 -46.56 -47.56 -11.87
N ASP G 253 -46.57 -46.61 -12.79
CA ASP G 253 -46.56 -46.83 -14.22
C ASP G 253 -45.40 -46.04 -14.83
N ALA G 254 -45.22 -46.19 -16.14
CA ALA G 254 -44.13 -45.50 -16.84
C ALA G 254 -44.49 -44.03 -16.98
N GLY G 255 -43.99 -43.21 -16.07
CA GLY G 255 -44.26 -41.78 -16.10
C GLY G 255 -43.43 -40.99 -15.12
N THR G 256 -44.02 -39.96 -14.52
CA THR G 256 -43.37 -39.10 -13.53
C THR G 256 -44.19 -39.11 -12.23
N HIS G 257 -43.74 -38.30 -11.28
CA HIS G 257 -44.41 -38.17 -9.99
C HIS G 257 -44.41 -36.69 -9.59
N PRO G 258 -45.47 -36.22 -8.94
CA PRO G 258 -45.54 -34.80 -8.58
C PRO G 258 -44.46 -34.36 -7.60
N LEU G 259 -43.84 -35.29 -6.86
CA LEU G 259 -42.88 -34.89 -5.83
C LEU G 259 -41.67 -34.20 -6.42
N GLY G 260 -41.16 -34.71 -7.54
CA GLY G 260 -40.03 -34.07 -8.19
C GLY G 260 -39.32 -35.02 -9.13
N SER G 261 -38.19 -34.55 -9.65
CA SER G 261 -37.39 -35.33 -10.59
C SER G 261 -36.76 -36.55 -9.93
N ALA G 262 -36.60 -36.55 -8.60
CA ALA G 262 -36.04 -37.69 -7.91
C ALA G 262 -36.94 -38.90 -7.95
N TYR G 263 -38.21 -38.75 -8.35
CA TYR G 263 -39.16 -39.84 -8.42
C TYR G 263 -39.56 -40.17 -9.86
N THR G 264 -38.83 -39.67 -10.85
CA THR G 264 -39.13 -39.99 -12.23
C THR G 264 -38.97 -41.48 -12.49
N VAL G 265 -39.92 -42.05 -13.22
CA VAL G 265 -40.00 -43.49 -13.42
C VAL G 265 -39.41 -43.84 -14.78
N THR G 266 -38.52 -44.82 -14.80
CA THR G 266 -37.95 -45.34 -16.04
C THR G 266 -38.73 -46.59 -16.47
N ALA G 267 -38.45 -47.03 -17.70
CA ALA G 267 -39.09 -48.24 -18.20
C ALA G 267 -38.70 -49.45 -17.38
N ASP G 268 -37.41 -49.56 -17.03
CA ASP G 268 -36.96 -50.67 -16.19
C ASP G 268 -37.57 -50.58 -14.79
N ASP G 269 -37.65 -49.37 -14.23
CA ASP G 269 -38.25 -49.21 -12.91
C ASP G 269 -39.72 -49.58 -12.92
N ALA G 270 -40.45 -49.20 -13.97
CA ALA G 270 -41.86 -49.55 -14.07
C ALA G 270 -42.07 -51.05 -14.22
N LYS G 271 -41.07 -51.77 -14.73
CA LYS G 271 -41.21 -53.21 -14.89
C LYS G 271 -41.21 -53.96 -13.57
N CYS G 272 -40.78 -53.31 -12.48
CA CYS G 272 -40.84 -53.91 -11.16
C CYS G 272 -42.27 -53.91 -10.67
N ARG G 273 -42.82 -55.09 -10.40
CA ARG G 273 -44.23 -55.22 -10.05
C ARG G 273 -44.49 -55.83 -8.68
N MET G 274 -43.45 -56.20 -7.93
CA MET G 274 -43.64 -56.79 -6.61
C MET G 274 -42.46 -56.44 -5.72
N VAL G 275 -42.76 -56.07 -4.48
CA VAL G 275 -41.74 -55.67 -3.52
C VAL G 275 -42.19 -56.08 -2.12
N THR G 276 -41.24 -56.51 -1.30
CA THR G 276 -41.49 -56.86 0.09
C THR G 276 -40.50 -56.15 0.98
N PHE G 277 -40.94 -55.72 2.15
CA PHE G 277 -40.13 -54.89 3.04
C PHE G 277 -40.58 -55.11 4.48
N SER G 278 -40.12 -54.25 5.38
CA SER G 278 -40.30 -54.41 6.81
C SER G 278 -41.31 -53.40 7.35
N LYS G 279 -41.78 -53.67 8.58
CA LYS G 279 -42.76 -52.80 9.21
C LYS G 279 -42.20 -51.40 9.45
N SER G 280 -41.03 -51.32 10.11
CA SER G 280 -40.54 -50.02 10.55
C SER G 280 -39.04 -49.84 10.34
N ARG G 281 -38.40 -50.65 9.50
CA ARG G 281 -36.98 -50.50 9.23
C ARG G 281 -36.66 -50.19 7.78
N THR G 282 -37.67 -49.96 6.94
CA THR G 282 -37.45 -49.73 5.53
C THR G 282 -37.85 -48.33 5.06
N LEU G 283 -38.95 -47.79 5.55
CA LEU G 283 -39.44 -46.49 5.12
C LEU G 283 -39.55 -45.54 6.31
N VAL G 284 -39.26 -44.27 6.05
CA VAL G 284 -39.41 -43.20 7.04
C VAL G 284 -39.98 -41.98 6.34
N THR G 285 -40.91 -41.30 7.01
CA THR G 285 -41.55 -40.11 6.46
C THR G 285 -41.43 -38.95 7.42
N VAL G 286 -41.15 -37.77 6.89
CA VAL G 286 -41.12 -36.53 7.65
C VAL G 286 -42.13 -35.58 7.03
N GLU G 287 -42.94 -34.95 7.88
CA GLU G 287 -44.00 -34.04 7.44
C GLU G 287 -43.73 -32.67 8.06
N ALA G 288 -43.02 -31.82 7.33
CA ALA G 288 -42.77 -30.47 7.81
C ALA G 288 -44.06 -29.66 7.87
N LYS G 289 -44.91 -29.80 6.86
CA LYS G 289 -46.18 -29.07 6.79
C LYS G 289 -47.33 -30.05 6.76
N PRO G 290 -48.21 -30.05 7.76
CA PRO G 290 -49.38 -30.94 7.71
C PRO G 290 -50.41 -30.45 6.71
N PHE G 291 -51.54 -31.15 6.60
CA PHE G 291 -52.60 -30.74 5.70
C PHE G 291 -53.18 -29.40 6.11
N THR G 292 -52.92 -28.36 5.32
CA THR G 292 -53.46 -27.03 5.57
C THR G 292 -54.08 -26.50 4.28
N SER G 293 -55.11 -25.67 4.45
CA SER G 293 -55.86 -25.15 3.32
C SER G 293 -56.14 -23.67 3.53
N ARG G 294 -56.32 -22.97 2.41
CA ARG G 294 -56.62 -21.55 2.44
C ARG G 294 -57.48 -21.22 1.24
N ILE G 295 -58.17 -20.08 1.32
CA ILE G 295 -59.05 -19.61 0.26
C ILE G 295 -58.58 -18.24 -0.18
N TRP G 296 -58.43 -18.07 -1.49
CA TRP G 296 -58.08 -16.78 -2.07
C TRP G 296 -58.88 -16.57 -3.34
N ASP G 297 -59.11 -15.30 -3.67
CA ASP G 297 -59.93 -14.93 -4.81
C ASP G 297 -59.07 -14.66 -6.03
N ASP G 298 -59.15 -15.55 -7.02
CA ASP G 298 -58.46 -15.37 -8.29
C ASP G 298 -59.29 -14.42 -9.15
N GLU G 299 -59.15 -13.13 -8.85
CA GLU G 299 -59.97 -12.11 -9.48
C GLU G 299 -59.76 -12.06 -11.00
N GLN G 300 -58.62 -12.54 -11.49
CA GLN G 300 -58.39 -12.54 -12.93
C GLN G 300 -59.36 -13.46 -13.65
N ASN G 301 -59.67 -14.63 -13.07
CA ASN G 301 -60.52 -15.61 -13.70
C ASN G 301 -61.94 -15.62 -13.12
N PHE G 302 -62.26 -14.66 -12.25
CA PHE G 302 -63.59 -14.55 -11.64
C PHE G 302 -63.99 -15.85 -10.95
N ALA G 303 -63.14 -16.28 -10.01
CA ALA G 303 -63.39 -17.53 -9.31
C ALA G 303 -62.55 -17.57 -8.04
N ASN G 304 -63.19 -17.80 -6.91
CA ASN G 304 -62.47 -18.05 -5.67
C ASN G 304 -61.77 -19.41 -5.76
N VAL G 305 -60.49 -19.44 -5.42
CA VAL G 305 -59.69 -20.65 -5.54
C VAL G 305 -59.42 -21.18 -4.13
N LEU G 306 -59.85 -22.41 -3.87
CA LEU G 306 -59.62 -23.09 -2.60
C LEU G 306 -58.69 -24.26 -2.85
N ASP G 307 -57.57 -24.30 -2.13
CA ASP G 307 -56.55 -25.31 -2.34
C ASP G 307 -56.08 -25.86 -1.01
N CYS G 308 -55.59 -27.10 -1.05
CA CYS G 308 -55.00 -27.76 0.10
C CYS G 308 -53.58 -28.19 -0.25
N TYR G 309 -52.63 -27.82 0.60
CA TYR G 309 -51.23 -28.12 0.34
C TYR G 309 -50.56 -28.63 1.61
N ALA G 310 -49.52 -29.44 1.43
CA ALA G 310 -48.76 -29.99 2.54
C ALA G 310 -47.39 -30.42 2.04
N MET G 311 -46.37 -30.19 2.86
CA MET G 311 -44.99 -30.51 2.50
C MET G 311 -44.55 -31.75 3.28
N TYR G 312 -44.12 -32.78 2.54
CA TYR G 312 -43.54 -33.96 3.16
C TYR G 312 -42.59 -34.61 2.16
N GLN G 313 -41.56 -35.27 2.69
CA GLN G 313 -40.63 -36.03 1.89
C GLN G 313 -40.40 -37.38 2.56
N VAL G 314 -40.54 -38.44 1.80
CA VAL G 314 -40.39 -39.79 2.31
C VAL G 314 -38.95 -40.24 2.13
N GLY G 315 -38.40 -40.86 3.18
CA GLY G 315 -37.06 -41.41 3.12
C GLY G 315 -37.10 -42.93 3.21
N GLU G 316 -36.06 -43.60 2.73
CA GLU G 316 -36.03 -45.06 2.69
C GLU G 316 -34.75 -45.51 3.40
N ARG G 317 -34.87 -45.91 4.65
CA ARG G 317 -33.74 -46.44 5.39
C ARG G 317 -33.58 -47.93 5.10
N ARG G 318 -32.34 -48.41 5.25
CA ARG G 318 -31.99 -49.81 5.02
C ARG G 318 -32.51 -50.30 3.67
N PRO G 319 -31.92 -49.86 2.57
CA PRO G 319 -32.39 -50.33 1.26
C PRO G 319 -32.21 -51.82 1.04
N ASP G 320 -31.39 -52.48 1.85
CA ASP G 320 -31.22 -53.93 1.72
C ASP G 320 -32.52 -54.66 2.00
N THR G 321 -33.33 -54.16 2.93
CA THR G 321 -34.58 -54.82 3.32
C THR G 321 -35.72 -54.43 2.37
N ALA G 322 -35.55 -54.82 1.11
CA ALA G 322 -36.55 -54.53 0.07
C ALA G 322 -36.53 -55.66 -0.95
N ALA G 323 -37.46 -56.61 -0.80
CA ALA G 323 -37.54 -57.76 -1.70
C ALA G 323 -38.31 -57.37 -2.97
N VAL G 324 -37.68 -56.50 -3.75
CA VAL G 324 -38.28 -56.00 -4.99
C VAL G 324 -37.95 -56.95 -6.13
N VAL G 325 -38.95 -57.28 -6.93
CA VAL G 325 -38.82 -58.24 -8.02
C VAL G 325 -39.33 -57.60 -9.30
N LYS G 326 -38.61 -57.82 -10.39
CA LYS G 326 -38.95 -57.28 -11.70
C LYS G 326 -39.29 -58.40 -12.67
N PHE G 327 -40.37 -58.22 -13.42
CA PHE G 327 -40.83 -59.19 -14.40
C PHE G 327 -40.69 -58.63 -15.80
N ASN G 328 -40.59 -59.54 -16.77
CA ASN G 328 -40.40 -59.13 -18.16
C ASN G 328 -40.89 -60.25 -19.08
N GLU G 329 -41.07 -59.89 -20.34
CA GLU G 329 -41.45 -60.82 -21.40
C GLU G 329 -42.75 -61.56 -21.08
N ALA G 330 -42.96 -62.70 -21.74
CA ALA G 330 -44.18 -63.48 -21.53
C ALA G 330 -43.84 -64.97 -21.49
#